data_3FZ3
#
_entry.id   3FZ3
#
_cell.length_a   151.021
_cell.length_b   151.021
_cell.length_c   165.367
_cell.angle_alpha   90.00
_cell.angle_beta   90.00
_cell.angle_gamma   90.00
#
_symmetry.space_group_name_H-M   'P 41'
#
loop_
_entity.id
_entity.type
_entity.pdbx_description
1 polymer Prunin
2 non-polymer 'CALCIUM ION'
3 non-polymer 'SODIUM ION'
4 water water
#
_entity_poly.entity_id   1
_entity_poly.type   'polypeptide(L)'
_entity_poly.pdbx_seq_one_letter_code
;ARQSQLSPQNQCQLNQLQAREPDNRIQAEAGQIETWNFNQGDFQCAGVAASRITIQRNGLHLPSYSNAPQLIYIVQGRGV
LGAVFSGCPETFEESQQSSQQGRQQEQEQERQQQQQGEQGRQQGQQEQQQERQGRQQGRQQQEEGRQQEQQQGQQGRPQQ
QQQFRQLDRHQKTRRIREGDVVAIPAGVAYWSYNDGDQELVAVNLFHVSSDHNQLDQNPRKFYLAGNPENEFNQQGQSQP
RQQGEQGRPGQHQQPFGRPRQQEQQGNGNNVFSGFNTQLLAQALNVNEETARNLQGQNDNRNQIIQVRGNLDFVQPPRGR
QEREHEERQQEQLQQERQQQGEQLMANGLEETFCSLRLKENIGNPERADIFSPRAGRISTLNSHNLPILRFLRLSAERGF
FYRNGIYSPHWNVNAHSVVYVIRGNARVQVVNENGDAILDQEVQQGQLFIVPQNHGVIQQAGNQGFEYFAFKTEENAFIN
TLAGRTSFLRALPDEVLANAYQISREQARQLKYNRQETIALSSSQQRRAVV
;
_entity_poly.pdbx_strand_id   A,B,C,D,E,F
#
# COMPACT_ATOMS: atom_id res chain seq x y z
N SER A 7 -23.82 -6.57 27.49
CA SER A 7 -22.55 -5.79 27.71
C SER A 7 -21.59 -5.94 26.52
N PRO A 8 -20.89 -4.85 26.15
CA PRO A 8 -19.98 -4.80 25.00
C PRO A 8 -19.17 -6.08 24.81
N GLN A 9 -18.89 -6.74 25.93
CA GLN A 9 -17.93 -7.83 25.94
C GLN A 9 -18.63 -9.19 25.69
N ASN A 10 -19.95 -9.22 25.90
CA ASN A 10 -20.74 -10.38 25.44
C ASN A 10 -21.88 -10.08 24.43
N GLN A 11 -21.73 -8.99 23.65
CA GLN A 11 -22.84 -8.43 22.90
C GLN A 11 -23.33 -9.31 21.75
N CYS A 12 -22.52 -10.26 21.33
CA CYS A 12 -22.96 -11.14 20.24
C CYS A 12 -23.41 -12.53 20.66
N GLN A 13 -23.63 -12.73 21.95
CA GLN A 13 -24.17 -14.01 22.44
C GLN A 13 -25.67 -13.96 22.40
N LEU A 14 -26.23 -13.85 21.20
CA LEU A 14 -27.64 -13.56 21.05
C LEU A 14 -28.37 -14.88 21.23
N ASN A 15 -29.51 -14.82 21.89
CA ASN A 15 -30.25 -16.06 22.11
C ASN A 15 -31.32 -16.30 21.02
N GLN A 16 -31.98 -15.23 20.59
CA GLN A 16 -33.06 -15.30 19.63
C GLN A 16 -32.98 -14.13 18.69
N LEU A 17 -33.50 -14.31 17.47
CA LEU A 17 -33.47 -13.32 16.39
C LEU A 17 -34.80 -13.21 15.64
N GLN A 18 -35.15 -12.01 15.20
CA GLN A 18 -36.38 -11.81 14.43
C GLN A 18 -36.11 -10.94 13.20
N ALA A 19 -36.84 -11.17 12.12
CA ALA A 19 -36.83 -10.18 11.03
C ALA A 19 -38.11 -9.44 11.24
N ARG A 20 -38.08 -8.13 11.02
CA ARG A 20 -39.25 -7.31 11.23
C ARG A 20 -39.12 -6.05 10.43
N GLU A 21 -40.26 -5.40 10.24
CA GLU A 21 -40.36 -4.15 9.51
C GLU A 21 -39.79 -3.11 10.45
N PRO A 22 -39.69 -1.85 10.02
CA PRO A 22 -39.32 -0.80 10.94
C PRO A 22 -40.21 -0.72 12.20
N ASP A 23 -39.83 0.11 13.17
CA ASP A 23 -40.72 0.30 14.29
C ASP A 23 -40.99 1.72 14.75
N ASN A 24 -40.55 2.71 13.99
CA ASN A 24 -40.83 4.13 14.24
C ASN A 24 -40.95 4.83 12.90
N ARG A 25 -41.73 5.91 12.85
CA ARG A 25 -41.95 6.62 11.61
C ARG A 25 -41.93 8.08 11.94
N ILE A 26 -41.44 8.90 11.03
CA ILE A 26 -41.37 10.32 11.21
C ILE A 26 -41.92 10.92 9.93
N GLN A 27 -43.09 11.55 10.03
CA GLN A 27 -43.74 12.15 8.87
C GLN A 27 -43.14 13.53 8.58
N ALA A 28 -42.82 13.80 7.33
CA ALA A 28 -42.42 15.15 6.94
C ALA A 28 -43.39 15.71 5.92
N GLU A 29 -43.20 16.98 5.57
CA GLU A 29 -43.97 17.63 4.52
C GLU A 29 -44.03 16.75 3.28
N ALA A 30 -42.88 16.45 2.67
CA ALA A 30 -42.84 15.68 1.42
C ALA A 30 -42.32 14.25 1.57
N GLY A 31 -42.49 13.61 2.71
CA GLY A 31 -42.04 12.24 2.78
C GLY A 31 -42.01 11.68 4.18
N GLN A 32 -41.41 10.50 4.35
CA GLN A 32 -41.25 9.93 5.67
C GLN A 32 -39.93 9.14 5.86
N ILE A 33 -39.41 9.10 7.09
CA ILE A 33 -38.24 8.27 7.44
C ILE A 33 -38.65 7.27 8.50
N GLU A 34 -38.51 5.98 8.22
CA GLU A 34 -38.87 4.97 9.22
C GLU A 34 -37.61 4.29 9.73
N THR A 35 -37.61 3.86 10.99
CA THR A 35 -36.38 3.40 11.61
C THR A 35 -36.55 2.04 12.25
N TRP A 36 -35.49 1.23 12.17
CA TRP A 36 -35.40 0.09 13.03
C TRP A 36 -34.64 0.59 14.24
N ASN A 37 -35.13 0.25 15.42
CA ASN A 37 -34.50 0.69 16.65
C ASN A 37 -33.07 0.13 16.74
N PHE A 38 -32.08 1.02 16.62
CA PHE A 38 -30.67 0.61 16.64
C PHE A 38 -30.18 0.03 17.96
N ASN A 39 -31.07 -0.03 18.95
CA ASN A 39 -30.74 -0.47 20.30
C ASN A 39 -31.00 -1.92 20.58
N GLN A 40 -31.40 -2.72 19.59
CA GLN A 40 -31.74 -4.11 19.85
C GLN A 40 -30.49 -4.93 19.89
N GLY A 41 -30.54 -6.11 20.50
CA GLY A 41 -29.37 -6.99 20.66
C GLY A 41 -28.58 -7.16 19.37
N ASP A 42 -29.28 -7.50 18.29
CA ASP A 42 -28.63 -7.89 17.03
C ASP A 42 -28.06 -6.75 16.18
N PHE A 43 -28.68 -5.57 16.23
CA PHE A 43 -28.07 -4.36 15.67
C PHE A 43 -26.78 -3.94 16.38
N GLN A 44 -26.73 -4.08 17.71
CA GLN A 44 -25.55 -3.72 18.48
C GLN A 44 -24.43 -4.69 18.13
N CYS A 45 -24.81 -5.95 17.95
CA CYS A 45 -23.89 -6.98 17.58
C CYS A 45 -23.33 -6.74 16.17
N ALA A 46 -24.16 -6.45 15.16
CA ALA A 46 -23.66 -6.14 13.83
C ALA A 46 -22.91 -4.81 13.77
N GLY A 47 -23.21 -3.92 14.70
CA GLY A 47 -22.62 -2.59 14.66
C GLY A 47 -23.29 -1.73 13.59
N VAL A 48 -24.54 -2.03 13.27
CA VAL A 48 -25.20 -1.22 12.25
C VAL A 48 -26.53 -0.64 12.73
N ALA A 49 -26.94 0.49 12.15
CA ALA A 49 -28.29 1.03 12.35
C ALA A 49 -29.04 1.15 11.00
N ALA A 50 -30.32 0.81 10.95
CA ALA A 50 -31.05 0.83 9.68
C ALA A 50 -32.24 1.80 9.65
N SER A 51 -32.34 2.54 8.56
CA SER A 51 -33.56 3.32 8.36
C SER A 51 -34.07 3.18 6.91
N ARG A 52 -35.34 3.51 6.68
CA ARG A 52 -35.94 3.52 5.34
C ARG A 52 -36.55 4.88 4.99
N ILE A 53 -36.01 5.58 4.01
CA ILE A 53 -36.59 6.86 3.69
C ILE A 53 -37.47 6.77 2.44
N THR A 54 -38.63 7.41 2.51
CA THR A 54 -39.48 7.56 1.33
C THR A 54 -39.77 9.03 0.97
N ILE A 55 -39.28 9.48 -0.19
CA ILE A 55 -39.50 10.82 -0.70
C ILE A 55 -40.65 10.83 -1.75
N GLN A 56 -41.69 11.63 -1.51
CA GLN A 56 -42.77 11.81 -2.49
C GLN A 56 -42.27 12.67 -3.64
N ARG A 57 -43.10 12.81 -4.67
CA ARG A 57 -42.72 13.49 -5.90
C ARG A 57 -42.35 14.93 -5.58
N ASN A 58 -41.29 15.43 -6.19
CA ASN A 58 -40.74 16.75 -5.87
C ASN A 58 -40.36 16.97 -4.38
N GLY A 59 -40.34 15.90 -3.58
CA GLY A 59 -39.72 15.91 -2.26
C GLY A 59 -38.21 16.12 -2.31
N LEU A 60 -37.70 16.89 -1.35
CA LEU A 60 -36.26 17.13 -1.22
C LEU A 60 -35.85 16.72 0.19
N HIS A 61 -34.90 15.79 0.27
CA HIS A 61 -34.33 15.35 1.55
C HIS A 61 -33.20 16.30 1.86
N LEU A 62 -33.35 16.98 2.99
CA LEU A 62 -32.51 18.14 3.29
C LEU A 62 -31.07 17.71 3.60
N PRO A 63 -30.05 18.51 3.27
CA PRO A 63 -28.65 18.06 3.45
C PRO A 63 -28.24 17.71 4.88
N SER A 64 -27.80 16.47 5.08
CA SER A 64 -27.26 16.01 6.35
C SER A 64 -25.91 15.31 6.16
N TYR A 65 -25.26 15.00 7.29
CA TYR A 65 -24.13 14.10 7.33
C TYR A 65 -24.20 13.28 8.61
N SER A 66 -23.68 12.06 8.57
CA SER A 66 -23.66 11.13 9.72
C SER A 66 -22.22 10.90 10.21
N ASN A 67 -22.09 10.37 11.43
CA ASN A 67 -20.76 10.02 11.96
C ASN A 67 -20.38 8.64 11.47
N ALA A 68 -21.34 7.94 10.87
CA ALA A 68 -21.16 6.56 10.42
C ALA A 68 -21.21 6.53 8.90
N PRO A 69 -20.35 5.71 8.24
CA PRO A 69 -20.44 5.57 6.79
C PRO A 69 -21.71 4.82 6.47
N GLN A 70 -22.26 5.10 5.30
CA GLN A 70 -23.44 4.35 4.87
C GLN A 70 -23.43 3.88 3.43
N LEU A 71 -24.15 2.77 3.25
CA LEU A 71 -24.61 2.31 1.94
C LEU A 71 -26.12 2.56 1.89
N ILE A 72 -26.53 3.25 0.83
CA ILE A 72 -27.95 3.42 0.52
C ILE A 72 -28.36 2.56 -0.69
N TYR A 73 -29.38 1.72 -0.53
CA TYR A 73 -29.95 0.96 -1.62
C TYR A 73 -31.28 1.57 -2.12
N ILE A 74 -31.32 2.06 -3.35
CA ILE A 74 -32.55 2.60 -3.90
C ILE A 74 -33.50 1.47 -4.26
N VAL A 75 -34.52 1.24 -3.44
CA VAL A 75 -35.43 0.12 -3.68
C VAL A 75 -36.39 0.43 -4.81
N GLN A 76 -36.76 1.71 -4.96
CA GLN A 76 -37.72 2.11 -5.98
C GLN A 76 -37.63 3.56 -6.35
N GLY A 77 -37.89 3.89 -7.61
CA GLY A 77 -38.05 5.27 -8.01
C GLY A 77 -36.79 5.85 -8.61
N ARG A 78 -36.79 7.16 -8.83
CA ARG A 78 -35.64 7.83 -9.43
C ARG A 78 -35.42 9.28 -8.93
N GLY A 79 -34.18 9.72 -8.97
CA GLY A 79 -33.85 10.95 -8.30
C GLY A 79 -32.48 11.43 -8.63
N VAL A 80 -32.05 12.41 -7.86
CA VAL A 80 -30.76 13.04 -8.07
C VAL A 80 -30.17 13.08 -6.66
N LEU A 81 -28.85 12.98 -6.55
CA LEU A 81 -28.19 13.04 -5.25
C LEU A 81 -27.02 13.99 -5.36
N GLY A 82 -26.94 14.95 -4.43
CA GLY A 82 -25.82 15.88 -4.44
C GLY A 82 -25.03 15.59 -3.16
N ALA A 83 -23.85 14.99 -3.31
CA ALA A 83 -22.92 14.73 -2.19
C ALA A 83 -21.90 15.84 -2.26
N VAL A 84 -21.47 16.39 -1.11
CA VAL A 84 -20.47 17.45 -1.18
C VAL A 84 -19.04 17.10 -0.72
N PHE A 85 -18.08 17.46 -1.54
CA PHE A 85 -16.68 17.21 -1.22
C PHE A 85 -15.98 18.50 -0.94
N SER A 86 -15.57 18.68 0.33
CA SER A 86 -14.99 19.96 0.78
C SER A 86 -13.71 20.28 0.06
N GLY A 87 -13.63 21.52 -0.39
CA GLY A 87 -12.47 21.97 -1.14
C GLY A 87 -12.54 21.61 -2.61
N CYS A 88 -13.48 20.76 -3.04
CA CYS A 88 -13.60 20.52 -4.50
C CYS A 88 -14.30 21.65 -5.25
N PRO A 89 -13.75 22.08 -6.38
CA PRO A 89 -14.35 23.08 -7.24
C PRO A 89 -15.78 22.70 -7.67
N GLU A 90 -16.61 23.73 -7.91
CA GLU A 90 -17.91 23.60 -8.59
C GLU A 90 -17.72 23.42 -10.09
N THR A 91 -18.16 22.29 -10.60
CA THR A 91 -17.80 21.96 -11.98
C THR A 91 -19.01 21.87 -12.89
N PHE A 92 -20.20 21.75 -12.30
CA PHE A 92 -21.46 21.96 -12.99
C PHE A 92 -21.88 23.44 -12.94
N GLU A 93 -21.51 24.21 -13.97
CA GLU A 93 -21.82 25.62 -14.03
C GLU A 93 -22.54 26.11 -15.32
N GLU A 94 -23.66 26.82 -15.16
CA GLU A 94 -24.22 27.70 -16.24
C GLU A 94 -23.11 28.41 -17.02
N SER A 95 -23.24 28.57 -18.33
CA SER A 95 -22.14 29.16 -19.11
C SER A 95 -22.25 30.67 -19.07
N GLN A 96 -21.16 31.39 -19.35
CA GLN A 96 -21.28 32.85 -19.39
C GLN A 96 -21.52 33.46 -20.79
N GLN A 97 -21.74 34.78 -20.79
CA GLN A 97 -22.11 35.62 -21.96
C GLN A 97 -23.59 36.01 -21.96
N ARG A 165 -21.48 34.40 -11.08
CA ARG A 165 -22.50 35.38 -10.74
C ARG A 165 -22.95 36.09 -12.01
N GLN A 166 -24.27 36.32 -12.13
CA GLN A 166 -25.27 35.80 -11.18
C GLN A 166 -25.85 34.43 -11.63
N LEU A 167 -24.94 33.52 -11.99
CA LEU A 167 -25.24 32.20 -12.58
C LEU A 167 -25.13 31.07 -11.56
N ASP A 168 -25.86 29.99 -11.79
CA ASP A 168 -25.78 28.78 -10.98
C ASP A 168 -24.45 28.05 -11.21
N ARG A 169 -23.99 27.38 -10.14
CA ARG A 169 -22.70 26.74 -10.04
C ARG A 169 -22.92 25.80 -8.89
N HIS A 170 -22.37 24.59 -8.98
CA HIS A 170 -22.43 23.67 -7.88
C HIS A 170 -21.54 22.44 -8.17
N GLN A 171 -21.67 21.39 -7.39
CA GLN A 171 -20.77 20.24 -7.51
C GLN A 171 -21.56 19.22 -8.23
N LYS A 172 -20.91 18.41 -9.07
CA LYS A 172 -21.52 17.21 -9.67
C LYS A 172 -22.72 16.63 -8.92
N THR A 173 -23.83 16.53 -9.63
CA THR A 173 -25.08 15.99 -9.12
C THR A 173 -25.16 14.55 -9.68
N ARG A 174 -25.74 13.57 -9.00
CA ARG A 174 -25.67 12.18 -9.52
C ARG A 174 -27.10 11.66 -9.64
N ARG A 175 -27.40 10.96 -10.73
CA ARG A 175 -28.67 10.29 -10.89
C ARG A 175 -28.71 9.02 -10.08
N ILE A 176 -29.82 8.78 -9.41
CA ILE A 176 -29.95 7.53 -8.70
C ILE A 176 -31.23 6.89 -9.20
N ARG A 177 -31.30 5.57 -9.20
CA ARG A 177 -32.50 4.90 -9.69
C ARG A 177 -32.54 3.51 -9.09
N GLU A 178 -33.72 2.90 -9.09
CA GLU A 178 -33.92 1.58 -8.50
C GLU A 178 -32.71 0.67 -8.77
N GLY A 179 -32.30 -0.07 -7.75
CA GLY A 179 -31.11 -0.95 -7.82
C GLY A 179 -29.72 -0.30 -7.67
N ASP A 180 -29.63 1.04 -7.61
CA ASP A 180 -28.36 1.72 -7.29
C ASP A 180 -27.98 1.53 -5.81
N VAL A 181 -26.68 1.40 -5.55
CA VAL A 181 -26.15 1.39 -4.19
C VAL A 181 -25.28 2.62 -4.12
N VAL A 182 -25.56 3.51 -3.16
CA VAL A 182 -24.68 4.69 -3.03
C VAL A 182 -23.91 4.62 -1.72
N ALA A 183 -22.61 4.90 -1.82
CA ALA A 183 -21.72 4.93 -0.68
C ALA A 183 -21.55 6.39 -0.24
N ILE A 184 -21.85 6.68 1.02
CA ILE A 184 -21.64 8.01 1.63
C ILE A 184 -20.65 7.93 2.81
N PRO A 185 -19.42 8.43 2.62
CA PRO A 185 -18.48 8.40 3.74
C PRO A 185 -18.98 9.18 4.96
N ALA A 186 -18.66 8.72 6.17
CA ALA A 186 -18.86 9.49 7.41
C ALA A 186 -18.46 10.97 7.28
N GLY A 187 -19.33 11.85 7.80
CA GLY A 187 -19.04 13.29 7.72
C GLY A 187 -19.11 13.97 6.35
N VAL A 188 -19.72 13.29 5.36
CA VAL A 188 -19.92 13.86 4.03
C VAL A 188 -21.38 14.20 3.96
N ALA A 189 -21.64 15.45 3.57
CA ALA A 189 -23.01 15.94 3.50
C ALA A 189 -23.70 15.57 2.19
N TYR A 190 -24.93 15.14 2.26
CA TYR A 190 -25.61 14.93 1.01
C TYR A 190 -27.05 15.36 1.11
N TRP A 191 -27.58 15.80 -0.03
CA TRP A 191 -29.03 15.90 -0.25
C TRP A 191 -29.50 14.97 -1.40
N SER A 192 -30.73 14.51 -1.30
CA SER A 192 -31.39 13.93 -2.47
C SER A 192 -32.71 14.62 -2.85
N TYR A 193 -33.08 14.46 -4.12
CA TYR A 193 -34.32 14.99 -4.67
C TYR A 193 -35.08 13.98 -5.56
N ASN A 194 -36.36 13.76 -5.31
CA ASN A 194 -37.18 12.93 -6.18
C ASN A 194 -37.81 13.70 -7.31
N ASP A 195 -37.26 13.60 -8.50
CA ASP A 195 -37.86 14.29 -9.62
C ASP A 195 -38.58 13.32 -10.58
N GLY A 196 -39.19 12.29 -10.02
CA GLY A 196 -39.84 11.27 -10.82
C GLY A 196 -41.31 11.13 -10.49
N ASP A 197 -41.88 10.04 -11.01
CA ASP A 197 -43.29 9.72 -10.92
C ASP A 197 -43.59 9.24 -9.51
N GLN A 198 -43.05 8.07 -9.19
CA GLN A 198 -43.40 7.39 -7.97
C GLN A 198 -42.54 7.90 -6.81
N GLU A 199 -42.93 7.50 -5.60
CA GLU A 199 -42.11 7.69 -4.40
C GLU A 199 -40.72 7.09 -4.63
N LEU A 200 -39.70 7.87 -4.30
CA LEU A 200 -38.34 7.36 -4.26
C LEU A 200 -38.19 6.66 -2.91
N VAL A 201 -37.73 5.41 -2.91
CA VAL A 201 -37.59 4.64 -1.66
C VAL A 201 -36.21 4.04 -1.53
N ALA A 202 -35.54 4.38 -0.43
CA ALA A 202 -34.17 3.93 -0.20
C ALA A 202 -34.09 3.32 1.17
N VAL A 203 -33.29 2.26 1.33
CA VAL A 203 -32.85 1.86 2.66
C VAL A 203 -31.45 2.39 2.94
N ASN A 204 -31.25 2.92 4.16
CA ASN A 204 -29.95 3.44 4.56
C ASN A 204 -29.33 2.55 5.62
N LEU A 205 -28.14 2.01 5.38
CA LEU A 205 -27.50 1.24 6.46
C LEU A 205 -26.30 2.03 6.94
N PHE A 206 -26.19 2.25 8.24
CA PHE A 206 -25.01 3.00 8.77
C PHE A 206 -24.17 1.99 9.48
N HIS A 207 -22.87 2.03 9.20
CA HIS A 207 -21.95 1.21 9.95
C HIS A 207 -21.49 1.98 11.21
N VAL A 208 -22.19 1.81 12.31
CA VAL A 208 -21.84 2.51 13.55
C VAL A 208 -20.47 2.04 14.12
N SER A 209 -20.15 0.76 14.03
CA SER A 209 -18.83 0.28 14.43
C SER A 209 -17.69 0.63 13.48
N SER A 210 -17.91 1.44 12.45
CA SER A 210 -16.79 1.80 11.59
C SER A 210 -15.70 2.51 12.39
N ASP A 211 -14.44 2.32 12.02
CA ASP A 211 -13.35 3.14 12.55
C ASP A 211 -13.43 4.58 12.10
N HIS A 212 -14.30 4.82 11.15
CA HIS A 212 -14.48 6.15 10.69
C HIS A 212 -15.32 6.92 11.66
N ASN A 213 -16.02 6.20 12.55
CA ASN A 213 -16.85 6.75 13.61
C ASN A 213 -16.10 6.88 14.94
N GLN A 214 -15.61 8.07 15.28
CA GLN A 214 -14.90 8.22 16.57
C GLN A 214 -15.71 8.70 17.81
N LEU A 215 -17.04 8.75 17.67
CA LEU A 215 -17.96 9.20 18.71
C LEU A 215 -18.39 7.94 19.44
N ASP A 216 -19.63 7.54 19.44
CA ASP A 216 -19.86 6.31 20.16
C ASP A 216 -20.80 5.45 19.34
N GLN A 217 -21.24 4.34 19.89
CA GLN A 217 -22.20 3.49 19.19
C GLN A 217 -23.61 4.07 18.93
N ASN A 218 -23.75 5.36 18.70
CA ASN A 218 -25.06 5.92 18.41
C ASN A 218 -24.93 6.52 17.04
N PRO A 219 -25.85 6.14 16.14
CA PRO A 219 -25.92 6.81 14.85
C PRO A 219 -26.39 8.24 15.06
N ARG A 220 -25.65 9.21 14.56
CA ARG A 220 -26.13 10.57 14.64
C ARG A 220 -26.41 11.14 13.25
N LYS A 221 -27.41 12.01 13.13
CA LYS A 221 -27.64 12.70 11.87
C LYS A 221 -27.47 14.19 12.16
N PHE A 222 -26.60 14.86 11.42
CA PHE A 222 -26.31 16.29 11.58
C PHE A 222 -26.90 17.03 10.39
N TYR A 223 -28.09 17.62 10.57
CA TYR A 223 -28.74 18.42 9.51
C TYR A 223 -28.16 19.79 9.24
N LEU A 224 -27.84 20.09 7.99
CA LEU A 224 -27.42 21.44 7.69
C LEU A 224 -28.56 22.40 7.35
N ALA A 225 -29.80 21.92 7.47
CA ALA A 225 -30.99 22.75 7.14
C ALA A 225 -32.30 22.25 7.70
N GLY A 226 -33.21 23.20 7.88
CA GLY A 226 -34.53 22.91 8.41
C GLY A 226 -34.60 22.68 9.89
N ASN A 227 -35.71 22.10 10.33
CA ASN A 227 -35.85 21.75 11.71
C ASN A 227 -36.22 20.28 11.79
N PRO A 228 -35.26 19.41 11.48
CA PRO A 228 -35.50 17.98 11.49
C PRO A 228 -36.03 17.53 12.81
N GLU A 229 -36.89 16.53 12.80
CA GLU A 229 -37.20 15.82 14.02
C GLU A 229 -36.30 14.58 13.99
N ASN A 230 -35.15 14.65 14.66
CA ASN A 230 -34.05 13.66 14.49
C ASN A 230 -34.42 12.18 14.64
N GLU A 231 -34.13 11.43 13.59
CA GLU A 231 -34.66 10.09 13.43
C GLU A 231 -34.03 9.10 14.41
N PHE A 232 -32.93 9.50 15.04
CA PHE A 232 -32.14 8.58 15.84
C PHE A 232 -32.19 8.73 17.36
N ASN A 233 -33.22 9.41 17.89
CA ASN A 233 -33.34 9.42 19.35
C ASN A 233 -34.34 8.45 20.00
N GLN A 234 -34.12 7.15 19.76
CA GLN A 234 -34.87 6.05 20.41
C GLN A 234 -33.99 5.35 21.47
N ASN A 267 -32.48 28.95 17.16
CA ASN A 267 -32.98 28.06 18.25
C ASN A 267 -33.89 26.89 17.79
N GLY A 268 -33.66 26.42 16.57
CA GLY A 268 -34.23 25.15 16.10
C GLY A 268 -33.22 24.03 16.30
N ASN A 269 -33.23 22.98 15.48
CA ASN A 269 -32.18 21.96 15.65
C ASN A 269 -31.37 21.45 14.46
N ASN A 270 -30.66 22.37 13.86
CA ASN A 270 -29.70 22.04 12.85
C ASN A 270 -28.33 22.60 13.23
N VAL A 271 -27.26 22.16 12.59
CA VAL A 271 -25.99 22.63 13.11
C VAL A 271 -25.88 24.16 13.18
N PHE A 272 -26.48 24.85 12.22
CA PHE A 272 -26.40 26.30 12.19
C PHE A 272 -27.19 26.89 13.36
N SER A 273 -28.18 26.18 13.86
CA SER A 273 -29.04 26.71 14.89
C SER A 273 -28.39 26.74 16.27
N GLY A 274 -27.14 26.32 16.37
CA GLY A 274 -26.40 26.35 17.64
C GLY A 274 -25.44 27.51 17.69
N PHE A 275 -25.08 28.04 16.53
CA PHE A 275 -24.20 29.15 16.50
C PHE A 275 -24.91 30.43 16.92
N ASN A 276 -24.09 31.45 17.22
CA ASN A 276 -24.61 32.77 17.55
C ASN A 276 -25.00 33.45 16.25
N THR A 277 -26.29 33.76 16.12
CA THR A 277 -26.82 34.45 14.96
C THR A 277 -26.01 35.62 14.42
N GLN A 278 -25.48 36.48 15.27
CA GLN A 278 -24.73 37.61 14.75
C GLN A 278 -23.30 37.19 14.38
N LEU A 279 -22.71 36.24 15.12
CA LEU A 279 -21.43 35.65 14.65
C LEU A 279 -21.64 34.92 13.32
N LEU A 280 -22.64 34.05 13.30
CA LEU A 280 -23.02 33.38 12.07
C LEU A 280 -23.15 34.39 10.94
N ALA A 281 -23.91 35.46 11.17
CA ALA A 281 -24.26 36.42 10.13
C ALA A 281 -23.03 37.11 9.69
N GLN A 282 -22.14 37.37 10.63
CA GLN A 282 -20.92 38.05 10.26
C GLN A 282 -19.93 37.15 9.50
N ALA A 283 -19.89 35.86 9.84
CA ALA A 283 -18.98 34.95 9.11
C ALA A 283 -19.38 34.88 7.62
N LEU A 284 -20.69 34.69 7.43
CA LEU A 284 -21.34 34.67 6.15
C LEU A 284 -21.26 35.97 5.39
N ASN A 285 -21.19 37.08 6.15
CA ASN A 285 -21.04 38.40 5.57
C ASN A 285 -22.38 38.75 4.91
N VAL A 286 -23.44 38.34 5.60
CA VAL A 286 -24.79 38.38 5.12
C VAL A 286 -25.59 39.10 6.25
N ASN A 287 -26.81 39.59 5.99
CA ASN A 287 -27.55 40.19 7.10
C ASN A 287 -28.05 39.13 8.08
N GLU A 288 -28.52 39.60 9.23
CA GLU A 288 -28.91 38.72 10.31
C GLU A 288 -30.19 37.94 10.01
N GLU A 289 -31.01 38.46 9.11
CA GLU A 289 -32.27 37.77 8.89
C GLU A 289 -32.11 36.58 7.97
N THR A 290 -31.24 36.74 6.96
CA THR A 290 -30.79 35.59 6.19
C THR A 290 -30.31 34.46 7.15
N ALA A 291 -29.42 34.82 8.09
CA ALA A 291 -28.88 33.88 9.08
C ALA A 291 -29.92 33.15 9.92
N ARG A 292 -30.91 33.88 10.40
CA ARG A 292 -31.93 33.21 11.18
C ARG A 292 -32.65 32.17 10.33
N ASN A 293 -32.60 32.37 9.01
CA ASN A 293 -33.20 31.41 8.06
C ASN A 293 -32.47 30.07 8.05
N LEU A 294 -31.12 30.12 8.03
CA LEU A 294 -30.28 28.94 8.21
C LEU A 294 -30.70 28.10 9.42
N GLN A 295 -31.03 28.76 10.52
CA GLN A 295 -31.21 28.11 11.81
C GLN A 295 -32.55 27.40 11.87
N GLY A 296 -33.44 27.78 10.95
CA GLY A 296 -34.66 27.03 10.72
C GLY A 296 -35.56 26.88 11.93
N GLN A 297 -35.89 28.02 12.54
CA GLN A 297 -36.68 28.07 13.77
C GLN A 297 -38.18 28.06 13.41
N ASN A 298 -38.55 28.83 12.39
CA ASN A 298 -39.91 28.74 11.81
C ASN A 298 -40.16 27.39 11.16
N ASP A 299 -39.16 26.92 10.41
CA ASP A 299 -39.27 25.74 9.54
C ASP A 299 -39.99 24.55 10.21
N ASN A 300 -41.18 24.24 9.69
CA ASN A 300 -42.01 23.18 10.26
C ASN A 300 -42.26 22.06 9.28
N ARG A 301 -41.39 21.96 8.29
CA ARG A 301 -41.51 20.96 7.23
C ARG A 301 -40.90 19.58 7.55
N ASN A 302 -40.08 19.54 8.61
CA ASN A 302 -39.19 18.40 8.90
C ASN A 302 -38.12 18.22 7.81
N GLN A 303 -37.65 17.00 7.62
CA GLN A 303 -36.39 16.84 6.88
C GLN A 303 -36.52 16.67 5.38
N ILE A 304 -37.63 16.09 4.96
CA ILE A 304 -38.00 15.99 3.54
C ILE A 304 -39.07 17.03 3.23
N ILE A 305 -38.70 18.04 2.47
CA ILE A 305 -39.55 19.20 2.13
C ILE A 305 -40.09 19.22 0.68
N GLN A 306 -41.26 19.83 0.48
CA GLN A 306 -41.92 19.97 -0.83
C GLN A 306 -41.35 21.10 -1.70
N VAL A 307 -40.85 20.77 -2.89
CA VAL A 307 -40.24 21.79 -3.73
C VAL A 307 -41.23 22.76 -4.39
N ARG A 308 -40.94 24.04 -4.16
CA ARG A 308 -41.53 25.18 -4.85
CA ARG A 308 -41.57 25.16 -4.85
C ARG A 308 -41.60 24.88 -6.35
N GLY A 309 -42.62 24.15 -6.78
CA GLY A 309 -42.82 23.89 -8.20
C GLY A 309 -41.97 22.85 -8.92
N ASN A 310 -40.72 23.17 -9.22
CA ASN A 310 -39.99 22.52 -10.31
C ASN A 310 -38.44 22.66 -10.29
N LEU A 311 -37.79 22.05 -9.30
CA LEU A 311 -36.36 22.30 -8.98
C LEU A 311 -35.34 22.32 -10.13
N ASP A 312 -34.71 23.47 -10.34
CA ASP A 312 -33.74 23.68 -11.44
C ASP A 312 -32.28 23.72 -10.97
N PHE A 313 -31.40 23.10 -11.76
CA PHE A 313 -29.97 23.09 -11.48
C PHE A 313 -29.17 22.71 -12.71
N VAL A 314 -27.91 23.13 -12.81
CA VAL A 314 -27.07 22.86 -13.98
C VAL A 314 -26.89 21.34 -14.09
N GLN A 315 -27.61 20.73 -15.03
CA GLN A 315 -27.67 19.26 -15.05
C GLN A 315 -27.78 18.69 -16.45
N PRO A 316 -26.86 17.79 -16.84
CA PRO A 316 -26.94 17.29 -18.21
C PRO A 316 -28.26 16.57 -18.46
N PRO A 317 -29.02 17.00 -19.49
CA PRO A 317 -30.21 16.21 -19.78
C PRO A 317 -29.88 15.26 -20.95
N GLY A 348 -6.98 18.88 -13.18
CA GLY A 348 -6.26 18.44 -11.98
C GLY A 348 -7.11 17.63 -11.01
N LEU A 349 -7.39 18.22 -9.86
CA LEU A 349 -8.11 17.56 -8.78
C LEU A 349 -9.58 17.29 -9.06
N GLU A 350 -10.18 18.10 -9.92
CA GLU A 350 -11.57 17.90 -10.32
C GLU A 350 -11.77 16.59 -11.07
N GLU A 351 -10.74 16.18 -11.82
CA GLU A 351 -10.81 14.94 -12.57
C GLU A 351 -10.26 13.71 -11.85
N THR A 352 -9.73 13.87 -10.64
CA THR A 352 -9.30 12.73 -9.83
C THR A 352 -10.13 12.53 -8.54
N PHE A 353 -9.66 13.00 -7.39
CA PHE A 353 -10.38 12.86 -6.11
C PHE A 353 -11.80 13.37 -6.18
N CYS A 354 -11.98 14.48 -6.89
CA CYS A 354 -13.24 15.17 -6.80
C CYS A 354 -14.36 14.51 -7.58
N SER A 355 -14.02 13.67 -8.54
CA SER A 355 -15.07 13.01 -9.29
C SER A 355 -15.02 11.49 -9.07
N LEU A 356 -14.89 11.08 -7.82
CA LEU A 356 -14.81 9.67 -7.53
C LEU A 356 -16.18 9.04 -7.71
N ARG A 357 -16.22 7.72 -7.90
CA ARG A 357 -17.49 7.07 -7.99
C ARG A 357 -18.07 6.71 -6.63
N LEU A 358 -19.36 6.99 -6.51
CA LEU A 358 -20.11 6.75 -5.29
C LEU A 358 -21.14 5.67 -5.45
N LYS A 359 -21.58 5.40 -6.67
CA LYS A 359 -22.62 4.37 -6.80
C LYS A 359 -22.35 3.30 -7.86
N GLU A 360 -23.00 2.16 -7.71
CA GLU A 360 -23.05 1.16 -8.77
C GLU A 360 -24.47 0.64 -8.75
N ASN A 361 -24.98 0.23 -9.91
CA ASN A 361 -26.26 -0.47 -9.97
C ASN A 361 -26.10 -1.97 -9.80
N ILE A 362 -26.49 -2.46 -8.64
CA ILE A 362 -26.19 -3.80 -8.23
C ILE A 362 -27.43 -4.69 -8.48
N GLY A 363 -28.55 -4.05 -8.84
CA GLY A 363 -29.85 -4.71 -8.95
C GLY A 363 -30.30 -5.07 -10.36
N ASN A 364 -29.73 -4.40 -11.35
CA ASN A 364 -29.66 -4.83 -12.76
C ASN A 364 -29.40 -6.34 -12.97
N PRO A 365 -30.33 -7.06 -13.63
CA PRO A 365 -30.19 -8.52 -13.92
C PRO A 365 -28.92 -8.96 -14.69
N GLU A 366 -28.50 -8.17 -15.66
CA GLU A 366 -27.32 -8.41 -16.47
C GLU A 366 -26.02 -8.20 -15.71
N ARG A 367 -26.12 -7.84 -14.43
CA ARG A 367 -24.97 -7.50 -13.58
C ARG A 367 -24.55 -8.68 -12.67
N ALA A 368 -25.34 -9.73 -12.70
CA ALA A 368 -25.13 -10.94 -11.92
C ALA A 368 -23.70 -11.45 -11.95
N ASP A 369 -23.23 -11.93 -10.80
CA ASP A 369 -21.91 -12.54 -10.70
C ASP A 369 -22.05 -14.05 -10.65
N ILE A 370 -23.15 -14.49 -10.04
CA ILE A 370 -23.57 -15.88 -10.02
C ILE A 370 -24.95 -15.93 -10.70
N PHE A 371 -25.18 -16.89 -11.59
CA PHE A 371 -26.49 -17.02 -12.24
C PHE A 371 -26.80 -18.44 -12.64
N SER A 372 -27.91 -18.97 -12.12
CA SER A 372 -28.42 -20.23 -12.62
C SER A 372 -29.91 -20.04 -12.88
N PRO A 373 -30.36 -20.26 -14.14
CA PRO A 373 -31.71 -19.84 -14.61
C PRO A 373 -32.92 -20.30 -13.80
N ARG A 374 -32.87 -21.46 -13.16
CA ARG A 374 -34.03 -21.91 -12.37
C ARG A 374 -33.81 -21.74 -10.89
N ALA A 375 -32.67 -21.17 -10.51
CA ALA A 375 -32.34 -20.93 -9.09
C ALA A 375 -32.33 -19.45 -8.69
N GLY A 376 -31.52 -18.65 -9.35
CA GLY A 376 -31.54 -17.22 -9.12
C GLY A 376 -30.20 -16.59 -9.44
N ARG A 377 -30.10 -15.31 -9.13
CA ARG A 377 -28.90 -14.55 -9.41
C ARG A 377 -28.45 -13.78 -8.15
N ILE A 378 -27.13 -13.65 -8.01
CA ILE A 378 -26.53 -12.85 -6.97
C ILE A 378 -25.53 -11.88 -7.60
N SER A 379 -25.61 -10.62 -7.18
CA SER A 379 -24.54 -9.66 -7.43
C SER A 379 -23.91 -9.20 -6.11
N THR A 380 -22.60 -9.10 -6.19
CA THR A 380 -21.74 -8.83 -5.08
C THR A 380 -21.12 -7.47 -5.35
N LEU A 381 -21.00 -6.61 -4.35
CA LEU A 381 -20.34 -5.30 -4.52
C LEU A 381 -19.22 -5.14 -3.48
N ASN A 382 -17.99 -4.88 -3.92
CA ASN A 382 -16.86 -4.67 -3.00
C ASN A 382 -15.80 -3.85 -3.69
N SER A 383 -14.54 -3.88 -3.19
CA SER A 383 -13.49 -3.02 -3.74
C SER A 383 -13.00 -3.37 -5.10
N HIS A 384 -13.19 -4.58 -5.54
CA HIS A 384 -12.89 -4.91 -6.95
C HIS A 384 -13.92 -4.34 -7.94
N ASN A 385 -14.98 -3.72 -7.42
CA ASN A 385 -16.00 -3.08 -8.25
C ASN A 385 -16.12 -1.57 -8.01
N LEU A 386 -16.26 -1.14 -6.74
CA LEU A 386 -16.36 0.27 -6.38
C LEU A 386 -15.16 0.72 -5.53
N PRO A 387 -14.29 1.57 -6.09
CA PRO A 387 -13.04 1.82 -5.38
C PRO A 387 -13.20 2.34 -3.94
N ILE A 388 -14.24 3.18 -3.71
CA ILE A 388 -14.46 3.83 -2.42
C ILE A 388 -14.71 2.84 -1.29
N LEU A 389 -15.15 1.63 -1.60
CA LEU A 389 -15.23 0.59 -0.59
C LEU A 389 -13.90 0.07 0.02
N ARG A 390 -12.73 0.42 -0.50
CA ARG A 390 -11.50 0.06 0.17
C ARG A 390 -11.35 0.99 1.38
N PHE A 391 -11.63 2.26 1.18
CA PHE A 391 -11.52 3.21 2.25
C PHE A 391 -12.69 2.97 3.21
N LEU A 392 -13.90 2.70 2.71
CA LEU A 392 -15.01 2.51 3.65
C LEU A 392 -15.00 1.17 4.36
N ARG A 393 -14.32 0.16 3.81
CA ARG A 393 -14.38 -1.24 4.32
C ARG A 393 -15.77 -1.80 4.49
N LEU A 394 -16.59 -1.69 3.45
CA LEU A 394 -17.93 -2.29 3.41
C LEU A 394 -18.12 -3.06 2.13
N SER A 395 -19.09 -3.98 2.10
CA SER A 395 -19.51 -4.64 0.86
C SER A 395 -21.03 -4.77 0.87
N ALA A 396 -21.60 -5.17 -0.25
CA ALA A 396 -23.05 -5.40 -0.38
C ALA A 396 -23.34 -6.58 -1.32
N GLU A 397 -24.60 -6.95 -1.33
CA GLU A 397 -25.07 -8.01 -2.20
C GLU A 397 -26.51 -7.75 -2.55
N ARG A 398 -26.87 -8.06 -3.79
CA ARG A 398 -28.25 -8.01 -4.26
C ARG A 398 -28.59 -9.36 -4.90
N GLY A 399 -29.55 -10.07 -4.36
CA GLY A 399 -29.93 -11.34 -4.94
C GLY A 399 -31.39 -11.32 -5.30
N PHE A 400 -31.71 -12.05 -6.36
CA PHE A 400 -33.08 -12.39 -6.76
C PHE A 400 -33.06 -13.90 -6.92
N PHE A 401 -33.64 -14.58 -5.94
CA PHE A 401 -33.88 -16.01 -6.01
C PHE A 401 -35.25 -16.28 -6.59
N TYR A 402 -35.30 -17.25 -7.51
CA TYR A 402 -36.54 -17.62 -8.18
C TYR A 402 -37.24 -18.60 -7.26
N ARG A 403 -38.47 -18.97 -7.59
CA ARG A 403 -39.30 -19.81 -6.72
C ARG A 403 -38.63 -21.12 -6.34
N ASN A 404 -38.65 -21.38 -5.03
CA ASN A 404 -38.03 -22.54 -4.38
C ASN A 404 -36.52 -22.59 -4.44
N GLY A 405 -35.88 -21.56 -4.99
CA GLY A 405 -34.42 -21.46 -5.00
C GLY A 405 -33.82 -21.50 -3.60
N ILE A 406 -32.72 -22.22 -3.47
CA ILE A 406 -31.96 -22.31 -2.22
C ILE A 406 -30.67 -21.53 -2.32
N TYR A 407 -30.45 -20.58 -1.41
CA TYR A 407 -29.15 -19.92 -1.26
C TYR A 407 -28.34 -20.91 -0.45
N SER A 408 -27.23 -21.38 -1.00
CA SER A 408 -26.55 -22.52 -0.42
C SER A 408 -26.24 -22.25 1.03
N PRO A 409 -26.40 -23.26 1.92
CA PRO A 409 -25.90 -23.15 3.30
C PRO A 409 -24.45 -22.70 3.32
N HIS A 410 -24.17 -21.62 4.04
CA HIS A 410 -22.83 -21.07 4.13
C HIS A 410 -22.62 -20.32 5.45
N TRP A 411 -21.40 -19.82 5.63
CA TRP A 411 -21.15 -18.86 6.70
C TRP A 411 -20.41 -17.67 6.13
N ASN A 412 -20.70 -16.46 6.62
CA ASN A 412 -19.88 -15.29 6.29
C ASN A 412 -18.52 -15.40 6.98
N VAL A 413 -17.44 -15.41 6.23
CA VAL A 413 -16.10 -15.57 6.81
C VAL A 413 -15.66 -14.31 7.58
N ASN A 414 -15.91 -13.13 7.02
CA ASN A 414 -15.31 -11.94 7.56
C ASN A 414 -16.27 -10.77 7.84
N ALA A 415 -17.57 -11.01 7.88
CA ALA A 415 -18.45 -9.90 8.03
C ALA A 415 -19.76 -10.35 8.60
N HIS A 416 -20.51 -9.41 9.15
CA HIS A 416 -21.93 -9.62 9.43
C HIS A 416 -22.66 -9.29 8.13
N SER A 417 -23.83 -9.89 7.93
CA SER A 417 -24.66 -9.54 6.81
C SER A 417 -25.98 -8.99 7.34
N VAL A 418 -26.33 -7.76 6.97
CA VAL A 418 -27.65 -7.23 7.33
C VAL A 418 -28.55 -7.25 6.10
N VAL A 419 -29.55 -8.13 6.13
CA VAL A 419 -30.41 -8.38 4.98
C VAL A 419 -31.78 -7.68 5.06
N TYR A 420 -32.08 -6.95 3.99
CA TYR A 420 -33.35 -6.30 3.80
C TYR A 420 -34.13 -7.02 2.71
N VAL A 421 -35.33 -7.49 3.06
CA VAL A 421 -36.16 -8.20 2.11
C VAL A 421 -36.89 -7.21 1.17
N ILE A 422 -36.42 -7.13 -0.07
CA ILE A 422 -37.03 -6.32 -1.12
C ILE A 422 -38.41 -6.80 -1.63
N ARG A 423 -38.61 -8.10 -1.79
CA ARG A 423 -39.87 -8.63 -2.35
CA ARG A 423 -39.87 -8.63 -2.32
C ARG A 423 -39.88 -10.11 -2.03
N GLY A 424 -41.06 -10.70 -1.93
CA GLY A 424 -41.16 -12.16 -1.75
C GLY A 424 -40.89 -12.64 -0.34
N ASN A 425 -40.44 -13.90 -0.23
CA ASN A 425 -40.34 -14.55 1.05
C ASN A 425 -39.37 -15.71 0.98
N ALA A 426 -39.04 -16.30 2.13
CA ALA A 426 -37.98 -17.30 2.23
C ALA A 426 -37.94 -17.89 3.63
N ARG A 427 -37.62 -19.17 3.72
CA ARG A 427 -37.40 -19.74 5.02
C ARG A 427 -35.91 -19.59 5.29
N VAL A 428 -35.60 -18.92 6.38
CA VAL A 428 -34.24 -18.58 6.76
C VAL A 428 -33.99 -19.24 8.11
N GLN A 429 -32.82 -19.83 8.29
CA GLN A 429 -32.38 -20.27 9.60
C GLN A 429 -30.92 -19.89 9.76
N VAL A 430 -30.61 -19.23 10.87
CA VAL A 430 -29.24 -18.81 11.22
C VAL A 430 -28.79 -19.62 12.44
N VAL A 431 -27.59 -20.19 12.37
CA VAL A 431 -27.13 -21.12 13.37
C VAL A 431 -25.82 -20.67 14.05
N ASN A 432 -25.80 -20.53 15.37
CA ASN A 432 -24.57 -20.21 16.10
C ASN A 432 -23.63 -21.39 16.34
N GLU A 433 -22.66 -21.20 17.22
CA GLU A 433 -21.58 -22.18 17.34
C GLU A 433 -21.97 -23.36 18.20
N ASN A 434 -23.14 -23.29 18.82
CA ASN A 434 -23.62 -24.39 19.64
C ASN A 434 -24.46 -25.36 18.86
N GLY A 435 -24.91 -24.90 17.68
CA GLY A 435 -25.69 -25.69 16.77
C GLY A 435 -27.11 -25.21 16.80
N ASP A 436 -27.38 -24.07 17.41
CA ASP A 436 -28.76 -23.70 17.70
C ASP A 436 -29.22 -22.64 16.73
N ALA A 437 -30.37 -22.87 16.12
CA ALA A 437 -30.89 -21.97 15.10
C ALA A 437 -31.50 -20.76 15.80
N ILE A 438 -30.75 -19.65 15.86
CA ILE A 438 -31.22 -18.46 16.55
C ILE A 438 -32.18 -17.60 15.72
N LEU A 439 -32.15 -17.76 14.40
CA LEU A 439 -33.26 -17.26 13.62
C LEU A 439 -33.80 -18.49 12.96
N ASP A 440 -35.12 -18.54 12.87
CA ASP A 440 -35.85 -19.60 12.17
C ASP A 440 -37.19 -18.96 11.86
N GLN A 441 -37.32 -18.42 10.67
CA GLN A 441 -38.49 -17.61 10.39
C GLN A 441 -38.71 -17.64 8.91
N GLU A 442 -39.81 -17.04 8.50
CA GLU A 442 -40.21 -17.03 7.14
C GLU A 442 -40.37 -15.55 6.84
N VAL A 443 -39.29 -15.00 6.31
CA VAL A 443 -39.13 -13.57 6.22
C VAL A 443 -39.93 -13.00 5.06
N GLN A 444 -40.20 -11.71 5.15
CA GLN A 444 -41.30 -11.13 4.40
C GLN A 444 -40.86 -9.83 3.77
N GLN A 445 -41.49 -9.46 2.68
CA GLN A 445 -41.22 -8.16 2.13
C GLN A 445 -41.12 -7.09 3.22
N GLY A 446 -40.08 -6.27 3.16
CA GLY A 446 -39.95 -5.06 3.97
C GLY A 446 -39.33 -5.31 5.33
N GLN A 447 -39.13 -6.59 5.66
CA GLN A 447 -38.50 -7.00 6.89
C GLN A 447 -36.99 -6.87 6.78
N LEU A 448 -36.32 -6.84 7.93
CA LEU A 448 -34.87 -6.78 7.97
C LEU A 448 -34.33 -7.81 8.95
N PHE A 449 -33.29 -8.55 8.56
CA PHE A 449 -32.63 -9.42 9.54
C PHE A 449 -31.11 -9.37 9.48
N ILE A 450 -30.47 -9.93 10.50
CA ILE A 450 -29.01 -9.92 10.63
C ILE A 450 -28.48 -11.35 10.72
N VAL A 451 -27.48 -11.67 9.92
CA VAL A 451 -26.78 -12.96 9.98
C VAL A 451 -25.38 -12.59 10.53
N PRO A 452 -25.07 -12.95 11.79
CA PRO A 452 -23.78 -12.50 12.33
C PRO A 452 -22.57 -13.22 11.72
N GLN A 453 -21.41 -12.55 11.72
CA GLN A 453 -20.18 -13.15 11.29
C GLN A 453 -20.06 -14.62 11.73
N ASN A 454 -19.64 -15.49 10.80
CA ASN A 454 -19.30 -16.86 11.14
C ASN A 454 -20.47 -17.80 11.44
N HIS A 455 -21.67 -17.27 11.56
CA HIS A 455 -22.85 -18.08 11.73
C HIS A 455 -23.30 -18.74 10.42
N GLY A 456 -23.75 -19.99 10.50
CA GLY A 456 -24.29 -20.71 9.36
C GLY A 456 -25.67 -20.19 9.00
N VAL A 457 -25.92 -20.03 7.70
CA VAL A 457 -27.21 -19.60 7.19
C VAL A 457 -27.64 -20.47 5.99
N ILE A 458 -28.94 -20.74 5.93
CA ILE A 458 -29.57 -21.43 4.82
C ILE A 458 -30.86 -20.67 4.53
N GLN A 459 -31.15 -20.47 3.26
CA GLN A 459 -32.32 -19.68 2.88
C GLN A 459 -33.01 -20.37 1.73
N GLN A 460 -34.32 -20.58 1.81
CA GLN A 460 -35.03 -21.07 0.64
C GLN A 460 -36.15 -20.13 0.24
N ALA A 461 -36.18 -19.73 -1.02
CA ALA A 461 -37.18 -18.78 -1.50
C ALA A 461 -38.57 -19.40 -1.54
N GLY A 462 -39.59 -18.60 -1.29
CA GLY A 462 -40.98 -19.07 -1.35
C GLY A 462 -41.47 -19.42 -2.74
N ASN A 463 -42.79 -19.34 -2.96
CA ASN A 463 -43.35 -19.72 -4.26
C ASN A 463 -43.34 -18.57 -5.26
N GLN A 464 -43.30 -17.34 -4.76
CA GLN A 464 -43.14 -16.12 -5.57
C GLN A 464 -41.67 -15.66 -5.63
N GLY A 465 -40.77 -16.47 -5.06
CA GLY A 465 -39.35 -16.13 -5.04
C GLY A 465 -38.99 -15.14 -3.94
N PHE A 466 -37.85 -14.47 -4.11
CA PHE A 466 -37.17 -13.80 -2.99
C PHE A 466 -36.04 -12.88 -3.48
N GLU A 467 -36.22 -11.58 -3.28
CA GLU A 467 -35.23 -10.58 -3.60
C GLU A 467 -34.79 -9.83 -2.34
N TYR A 468 -33.48 -9.69 -2.14
CA TYR A 468 -32.94 -8.99 -0.94
C TYR A 468 -31.78 -8.08 -1.29
N PHE A 469 -31.46 -7.17 -0.39
CA PHE A 469 -30.20 -6.42 -0.42
C PHE A 469 -29.47 -6.73 0.90
N ALA A 470 -28.20 -7.13 0.87
CA ALA A 470 -27.44 -7.42 2.07
C ALA A 470 -26.29 -6.44 2.17
N PHE A 471 -26.06 -5.95 3.37
CA PHE A 471 -25.03 -4.97 3.66
C PHE A 471 -24.01 -5.71 4.50
N LYS A 472 -22.78 -5.77 4.02
CA LYS A 472 -21.75 -6.52 4.71
C LYS A 472 -20.71 -5.59 5.35
N THR A 473 -20.33 -5.91 6.59
CA THR A 473 -19.62 -4.99 7.46
C THR A 473 -18.10 -5.21 7.40
N GLU A 474 -17.59 -5.60 6.23
CA GLU A 474 -16.16 -5.65 6.04
C GLU A 474 -15.84 -5.44 4.59
N GLU A 475 -14.62 -5.02 4.29
CA GLU A 475 -14.13 -4.91 2.92
C GLU A 475 -14.07 -6.30 2.29
N ASN A 476 -14.43 -6.41 1.00
CA ASN A 476 -14.39 -7.67 0.27
C ASN A 476 -14.91 -8.86 1.06
N ALA A 477 -16.15 -8.76 1.51
CA ALA A 477 -16.75 -9.78 2.31
C ALA A 477 -16.96 -11.05 1.48
N PHE A 478 -16.81 -12.22 2.10
CA PHE A 478 -17.02 -13.46 1.39
C PHE A 478 -17.59 -14.58 2.26
N ILE A 479 -18.09 -15.62 1.63
CA ILE A 479 -18.73 -16.69 2.33
C ILE A 479 -18.00 -17.98 2.02
N ASN A 480 -18.21 -18.99 2.89
CA ASN A 480 -17.83 -20.36 2.59
C ASN A 480 -19.12 -21.18 2.56
N THR A 481 -19.34 -21.94 1.51
CA THR A 481 -20.61 -22.66 1.32
C THR A 481 -20.42 -24.05 1.85
N LEU A 482 -21.53 -24.63 2.26
CA LEU A 482 -21.58 -25.99 2.75
C LEU A 482 -22.09 -26.94 1.66
N ALA A 483 -22.82 -26.42 0.67
CA ALA A 483 -23.25 -27.20 -0.51
C ALA A 483 -22.86 -26.65 -1.87
N GLY A 484 -22.43 -27.54 -2.76
CA GLY A 484 -22.38 -27.18 -4.16
C GLY A 484 -20.97 -27.22 -4.64
N ARG A 485 -20.72 -26.67 -5.82
CA ARG A 485 -19.49 -26.96 -6.53
C ARG A 485 -18.33 -26.32 -5.85
N THR A 486 -18.67 -25.41 -4.95
CA THR A 486 -17.67 -24.61 -4.30
C THR A 486 -17.57 -24.85 -2.79
N SER A 487 -18.31 -25.83 -2.29
CA SER A 487 -18.38 -26.10 -0.86
C SER A 487 -17.11 -26.62 -0.19
N PHE A 488 -17.07 -26.38 1.11
CA PHE A 488 -16.09 -26.92 2.02
C PHE A 488 -15.94 -28.44 1.95
N LEU A 489 -17.06 -29.17 1.81
CA LEU A 489 -17.07 -30.63 1.66
C LEU A 489 -16.27 -31.12 0.47
N ARG A 490 -16.36 -30.45 -0.67
CA ARG A 490 -15.50 -30.81 -1.79
C ARG A 490 -14.02 -30.61 -1.48
N ALA A 491 -13.69 -29.74 -0.53
CA ALA A 491 -12.29 -29.48 -0.18
C ALA A 491 -11.61 -30.60 0.63
N LEU A 492 -12.41 -31.48 1.25
CA LEU A 492 -11.82 -32.50 2.14
C LEU A 492 -11.65 -33.84 1.48
N PRO A 493 -10.58 -34.57 1.85
CA PRO A 493 -10.42 -35.92 1.28
C PRO A 493 -11.69 -36.74 1.46
N ASP A 494 -11.96 -37.68 0.57
CA ASP A 494 -13.17 -38.52 0.70
C ASP A 494 -13.25 -39.23 2.06
N GLU A 495 -12.09 -39.74 2.47
CA GLU A 495 -11.97 -40.40 3.75
C GLU A 495 -12.08 -39.51 4.99
N VAL A 496 -11.69 -38.22 4.93
CA VAL A 496 -12.01 -37.42 6.13
C VAL A 496 -13.50 -37.18 6.27
N LEU A 497 -14.22 -37.05 5.16
CA LEU A 497 -15.67 -36.97 5.21
C LEU A 497 -16.32 -38.25 5.77
N ALA A 498 -15.76 -39.41 5.40
CA ALA A 498 -16.33 -40.71 5.72
C ALA A 498 -16.17 -40.90 7.20
N ASN A 499 -14.97 -40.67 7.70
CA ASN A 499 -14.68 -40.71 9.12
C ASN A 499 -15.41 -39.63 9.89
N ALA A 500 -15.53 -38.43 9.35
CA ALA A 500 -16.04 -37.34 10.17
C ALA A 500 -17.49 -37.61 10.50
N TYR A 501 -18.14 -38.19 9.49
CA TYR A 501 -19.60 -38.24 9.44
C TYR A 501 -20.10 -39.66 9.60
N GLN A 502 -19.17 -40.62 9.66
CA GLN A 502 -19.48 -42.05 9.75
C GLN A 502 -20.50 -42.39 8.66
N ILE A 503 -20.01 -42.45 7.42
CA ILE A 503 -20.82 -42.79 6.27
C ILE A 503 -19.79 -43.50 5.42
N SER A 504 -20.24 -44.14 4.33
CA SER A 504 -19.35 -44.84 3.39
C SER A 504 -18.59 -43.88 2.47
N ARG A 505 -17.45 -44.32 1.92
CA ARG A 505 -16.77 -43.55 0.87
C ARG A 505 -17.79 -43.08 -0.17
N GLU A 506 -18.74 -43.92 -0.55
CA GLU A 506 -19.68 -43.50 -1.60
C GLU A 506 -20.71 -42.42 -1.18
N GLN A 507 -21.27 -42.53 0.01
CA GLN A 507 -22.14 -41.48 0.53
C GLN A 507 -21.36 -40.18 0.62
N ALA A 508 -20.05 -40.28 0.82
CA ALA A 508 -19.19 -39.13 0.96
C ALA A 508 -19.08 -38.38 -0.38
N ARG A 509 -18.90 -39.17 -1.43
CA ARG A 509 -18.94 -38.68 -2.79
C ARG A 509 -20.29 -38.09 -3.20
N GLN A 510 -21.40 -38.53 -2.61
CA GLN A 510 -22.68 -37.90 -2.96
C GLN A 510 -22.80 -36.52 -2.36
N LEU A 511 -22.32 -36.39 -1.12
CA LEU A 511 -22.16 -35.11 -0.43
C LEU A 511 -21.29 -34.16 -1.25
N LYS A 512 -20.12 -34.62 -1.68
CA LYS A 512 -19.28 -33.82 -2.58
C LYS A 512 -20.00 -33.37 -3.87
N TYR A 513 -20.47 -34.35 -4.64
CA TYR A 513 -20.84 -34.13 -6.04
C TYR A 513 -22.30 -34.19 -6.41
N ASN A 514 -23.20 -34.62 -5.53
CA ASN A 514 -24.59 -34.59 -5.94
C ASN A 514 -25.15 -33.23 -6.29
N ARG A 515 -24.59 -32.14 -5.77
CA ARG A 515 -25.08 -30.83 -6.15
C ARG A 515 -24.06 -30.14 -7.06
N GLN A 516 -24.53 -29.81 -8.25
CA GLN A 516 -23.65 -29.35 -9.31
C GLN A 516 -23.88 -27.87 -9.64
N GLU A 517 -24.19 -27.07 -8.64
CA GLU A 517 -24.33 -25.63 -8.81
C GLU A 517 -23.42 -25.03 -7.76
N THR A 518 -23.20 -23.72 -7.78
CA THR A 518 -22.23 -23.11 -6.86
C THR A 518 -22.91 -22.51 -5.63
N ILE A 519 -23.75 -21.50 -5.84
CA ILE A 519 -24.29 -20.76 -4.72
C ILE A 519 -25.81 -20.68 -4.79
N ALA A 520 -26.37 -20.35 -5.95
CA ALA A 520 -27.81 -20.41 -6.16
C ALA A 520 -28.14 -21.82 -6.66
N LEU A 521 -28.92 -22.52 -5.84
CA LEU A 521 -29.18 -23.93 -5.99
C LEU A 521 -30.65 -24.11 -6.37
N SER A 522 -30.92 -24.89 -7.39
CA SER A 522 -32.29 -25.04 -7.90
C SER A 522 -32.98 -26.15 -7.11
N SER A 523 -34.27 -25.94 -6.87
CA SER A 523 -35.16 -26.94 -6.31
C SER A 523 -36.44 -26.96 -7.11
N SER B 7 -21.03 6.02 30.39
CA SER B 7 -21.08 4.68 29.69
C SER B 7 -20.13 4.71 28.50
N PRO B 8 -19.12 3.79 28.46
CA PRO B 8 -18.16 3.78 27.34
C PRO B 8 -18.89 3.64 25.99
N GLN B 9 -20.14 3.17 26.07
CA GLN B 9 -20.97 2.88 24.91
C GLN B 9 -21.57 4.16 24.36
N ASN B 10 -21.86 5.11 25.26
CA ASN B 10 -22.43 6.41 24.95
C ASN B 10 -21.48 7.52 25.36
N GLN B 11 -20.19 7.25 25.31
CA GLN B 11 -19.21 8.11 25.94
C GLN B 11 -19.06 9.48 25.30
N CYS B 12 -19.77 9.72 24.20
CA CYS B 12 -19.64 11.02 23.54
C CYS B 12 -20.94 11.83 23.55
N GLN B 13 -21.92 11.32 24.26
CA GLN B 13 -23.15 12.07 24.48
C GLN B 13 -22.92 13.05 25.63
N LEU B 14 -22.37 14.21 25.29
CA LEU B 14 -21.83 15.15 26.24
C LEU B 14 -22.81 16.28 26.50
N ASN B 15 -23.10 16.51 27.77
CA ASN B 15 -24.00 17.59 28.18
C ASN B 15 -23.42 18.98 27.99
N GLN B 16 -22.37 19.28 28.75
CA GLN B 16 -21.60 20.50 28.56
C GLN B 16 -20.12 20.18 28.29
N LEU B 17 -19.39 21.20 27.86
CA LEU B 17 -17.98 21.10 27.67
C LEU B 17 -17.40 22.38 28.26
N GLN B 18 -16.27 22.27 28.94
CA GLN B 18 -15.60 23.46 29.40
C GLN B 18 -14.19 23.41 28.86
N ALA B 19 -13.63 24.57 28.54
CA ALA B 19 -12.20 24.76 28.43
C ALA B 19 -11.58 24.71 29.86
N ARG B 20 -10.51 23.94 30.08
CA ARG B 20 -9.94 23.74 31.42
CA ARG B 20 -9.95 23.86 31.42
C ARG B 20 -8.43 23.87 31.47
N GLU B 21 -7.94 24.42 32.58
CA GLU B 21 -6.55 24.61 32.92
C GLU B 21 -6.11 23.27 33.50
N PRO B 22 -4.79 23.00 33.56
CA PRO B 22 -4.33 21.77 34.23
C PRO B 22 -4.85 21.70 35.67
N ASP B 23 -5.10 20.50 36.19
CA ASP B 23 -5.62 20.43 37.56
C ASP B 23 -4.75 19.65 38.57
N ASN B 24 -3.47 19.50 38.28
CA ASN B 24 -2.52 18.99 39.25
C ASN B 24 -1.15 19.36 38.75
N ARG B 25 -0.21 19.63 39.66
CA ARG B 25 1.18 19.95 39.31
C ARG B 25 2.13 18.97 40.05
N ILE B 26 3.29 18.68 39.50
CA ILE B 26 4.25 17.88 40.20
C ILE B 26 5.48 18.71 40.12
N GLN B 27 6.17 18.91 41.24
CA GLN B 27 7.42 19.69 41.25
C GLN B 27 8.57 18.71 41.20
N ALA B 28 9.63 19.10 40.50
CA ALA B 28 10.85 18.34 40.39
C ALA B 28 12.07 19.25 40.61
N GLU B 29 13.22 18.65 40.87
CA GLU B 29 14.40 19.48 41.10
C GLU B 29 14.45 20.57 40.08
N ALA B 30 14.24 20.28 38.79
CA ALA B 30 14.43 21.35 37.76
C ALA B 30 13.24 21.66 36.81
N GLY B 31 12.03 21.34 37.21
CA GLY B 31 10.89 21.86 36.55
C GLY B 31 9.65 21.24 37.12
N GLN B 32 8.60 21.22 36.32
CA GLN B 32 7.29 20.91 36.83
C GLN B 32 6.53 20.18 35.72
N ILE B 33 5.53 19.41 36.09
CA ILE B 33 4.62 18.82 35.16
C ILE B 33 3.22 19.07 35.63
N GLU B 34 2.40 19.66 34.76
CA GLU B 34 1.00 19.88 35.07
C GLU B 34 0.21 18.95 34.16
N THR B 35 -0.90 18.43 34.65
CA THR B 35 -1.63 17.47 33.86
C THR B 35 -3.07 17.86 33.98
N TRP B 36 -3.84 17.58 32.93
CA TRP B 36 -5.28 17.81 32.91
C TRP B 36 -5.80 16.43 33.16
N ASN B 37 -6.82 16.30 33.98
CA ASN B 37 -7.32 14.99 34.31
C ASN B 37 -7.98 14.27 33.13
N PHE B 38 -7.52 13.06 32.82
CA PHE B 38 -8.02 12.34 31.63
C PHE B 38 -9.34 11.63 31.90
N ASN B 39 -9.75 11.57 33.14
CA ASN B 39 -10.99 10.88 33.50
C ASN B 39 -12.26 11.65 33.22
N GLN B 40 -12.10 12.90 32.81
CA GLN B 40 -13.23 13.74 32.46
C GLN B 40 -13.87 13.25 31.17
N GLY B 41 -15.21 13.22 31.15
CA GLY B 41 -16.09 12.88 30.02
C GLY B 41 -15.62 13.29 28.61
N ASP B 42 -15.15 14.51 28.45
CA ASP B 42 -14.74 14.97 27.14
C ASP B 42 -13.37 14.45 26.67
N PHE B 43 -12.41 14.36 27.59
CA PHE B 43 -11.13 13.69 27.31
C PHE B 43 -11.30 12.22 26.90
N GLN B 44 -12.20 11.51 27.58
CA GLN B 44 -12.51 10.15 27.21
C GLN B 44 -13.21 9.99 25.84
N CYS B 45 -14.12 10.90 25.48
CA CYS B 45 -14.69 10.96 24.15
C CYS B 45 -13.59 11.09 23.07
N ALA B 46 -12.72 12.07 23.27
CA ALA B 46 -11.64 12.29 22.34
C ALA B 46 -10.54 11.20 22.34
N GLY B 47 -10.45 10.40 23.41
CA GLY B 47 -9.41 9.37 23.66
C GLY B 47 -8.02 10.01 23.78
N VAL B 48 -7.96 11.13 24.51
CA VAL B 48 -6.75 11.91 24.67
C VAL B 48 -6.47 12.20 26.17
N ALA B 49 -5.18 12.31 26.52
CA ALA B 49 -4.71 12.76 27.82
C ALA B 49 -3.72 13.84 27.53
N ALA B 50 -3.52 14.76 28.47
CA ALA B 50 -2.64 15.89 28.20
C ALA B 50 -1.84 16.27 29.43
N SER B 51 -0.62 16.71 29.22
CA SER B 51 0.18 17.21 30.30
C SER B 51 0.98 18.38 29.72
N ARG B 52 1.48 19.27 30.58
CA ARG B 52 2.31 20.40 30.17
C ARG B 52 3.51 20.39 31.10
N ILE B 53 4.69 20.49 30.53
CA ILE B 53 5.90 20.33 31.25
C ILE B 53 6.76 21.56 31.06
N THR B 54 7.40 21.96 32.17
CA THR B 54 8.32 23.07 32.14
C THR B 54 9.63 22.56 32.68
N ILE B 55 10.68 22.98 31.99
CA ILE B 55 12.02 22.55 32.20
C ILE B 55 12.89 23.82 32.29
N GLN B 56 13.46 23.98 33.49
CA GLN B 56 14.25 25.13 33.85
C GLN B 56 15.59 24.99 33.15
N ARG B 57 16.31 26.08 33.04
CA ARG B 57 17.62 26.06 32.46
C ARG B 57 18.49 24.95 33.02
N ASN B 58 19.22 24.26 32.13
CA ASN B 58 20.01 23.10 32.49
C ASN B 58 19.21 21.98 33.14
N GLY B 59 17.88 21.97 32.97
CA GLY B 59 17.04 20.82 33.38
C GLY B 59 17.02 19.64 32.40
N LEU B 60 16.96 18.41 32.93
CA LEU B 60 17.03 17.16 32.18
C LEU B 60 15.79 16.33 32.52
N HIS B 61 14.88 16.24 31.54
CA HIS B 61 13.74 15.37 31.66
C HIS B 61 14.19 13.90 31.41
N LEU B 62 14.03 13.06 32.41
CA LEU B 62 14.57 11.70 32.46
C LEU B 62 13.97 10.78 31.38
N PRO B 63 14.71 9.75 30.90
CA PRO B 63 14.13 8.96 29.82
C PRO B 63 12.89 8.25 30.25
N SER B 64 11.86 8.30 29.40
CA SER B 64 10.65 7.51 29.59
C SER B 64 10.01 7.17 28.26
N TYR B 65 9.05 6.26 28.28
CA TYR B 65 8.23 6.00 27.11
C TYR B 65 6.85 5.80 27.64
N SER B 66 5.85 5.85 26.75
CA SER B 66 4.45 5.76 27.13
C SER B 66 3.78 4.75 26.23
N ASN B 67 2.66 4.20 26.68
CA ASN B 67 1.81 3.29 25.91
C ASN B 67 1.03 3.99 24.77
N ALA B 68 0.99 5.32 24.75
CA ALA B 68 0.22 6.10 23.78
C ALA B 68 1.19 6.90 22.91
N PRO B 69 0.94 6.97 21.60
CA PRO B 69 1.70 7.88 20.77
C PRO B 69 1.41 9.31 21.19
N GLN B 70 2.34 10.19 20.89
CA GLN B 70 2.13 11.52 21.32
C GLN B 70 2.69 12.54 20.40
N LEU B 71 2.10 13.74 20.49
CA LEU B 71 2.59 14.87 19.79
C LEU B 71 2.86 15.90 20.86
N ILE B 72 4.07 16.44 20.83
CA ILE B 72 4.50 17.37 21.81
C ILE B 72 4.68 18.69 21.08
N TYR B 73 3.92 19.74 21.45
CA TYR B 73 4.13 21.08 20.90
C TYR B 73 5.05 21.94 21.78
N ILE B 74 6.14 22.47 21.24
CA ILE B 74 7.01 23.27 22.06
C ILE B 74 6.40 24.68 22.10
N VAL B 75 5.78 25.04 23.23
CA VAL B 75 5.18 26.38 23.40
C VAL B 75 6.18 27.49 23.69
N GLN B 76 7.33 27.14 24.23
CA GLN B 76 8.34 28.13 24.52
C GLN B 76 9.71 27.48 24.71
N GLY B 77 10.78 28.15 24.28
CA GLY B 77 12.14 27.73 24.62
C GLY B 77 12.96 27.05 23.57
N ARG B 78 14.09 26.48 23.98
CA ARG B 78 14.98 25.77 23.09
C ARG B 78 15.60 24.63 23.89
N GLY B 79 15.59 23.44 23.30
CA GLY B 79 16.21 22.28 23.87
C GLY B 79 16.82 21.26 22.92
N VAL B 80 16.96 20.05 23.48
CA VAL B 80 17.54 18.93 22.82
C VAL B 80 16.60 17.78 23.16
N LEU B 81 16.39 16.87 22.21
CA LEU B 81 15.65 15.63 22.46
C LEU B 81 16.46 14.58 21.64
N GLY B 82 16.92 13.42 22.09
CA GLY B 82 16.46 12.60 23.16
C GLY B 82 15.86 11.25 22.77
N ALA B 83 15.63 10.95 21.48
CA ALA B 83 14.76 9.79 21.14
C ALA B 83 15.54 8.53 20.76
N VAL B 84 15.08 7.38 21.25
CA VAL B 84 15.83 6.14 21.11
C VAL B 84 15.18 5.13 20.15
N PHE B 85 15.91 4.77 19.09
CA PHE B 85 15.36 3.82 18.13
C PHE B 85 15.96 2.44 18.39
N SER B 86 15.11 1.54 18.87
CA SER B 86 15.56 0.20 19.24
C SER B 86 16.35 -0.50 18.12
N GLY B 87 17.65 -0.74 18.36
CA GLY B 87 18.49 -1.43 17.37
C GLY B 87 19.23 -0.60 16.32
N CYS B 88 19.03 0.71 16.33
CA CYS B 88 19.80 1.58 15.43
C CYS B 88 21.20 1.86 15.94
N PRO B 89 22.20 1.89 15.06
CA PRO B 89 23.52 2.23 15.58
C PRO B 89 23.65 3.65 16.09
N GLU B 90 24.65 3.90 16.94
CA GLU B 90 25.00 5.22 17.46
C GLU B 90 25.82 5.93 16.41
N THR B 91 25.26 6.96 15.81
CA THR B 91 25.95 7.65 14.72
C THR B 91 26.41 9.03 15.10
N PHE B 92 26.19 9.42 16.36
CA PHE B 92 26.79 10.64 16.89
C PHE B 92 27.94 10.18 17.80
N GLU B 93 29.16 10.29 17.28
CA GLU B 93 30.24 9.69 18.03
C GLU B 93 31.51 10.50 18.07
N GLU B 94 32.20 10.55 19.20
CA GLU B 94 33.49 11.26 19.14
C GLU B 94 34.52 10.51 18.30
N SER B 95 35.37 11.30 17.64
CA SER B 95 36.36 10.83 16.69
C SER B 95 37.45 10.11 17.44
N GLN B 96 37.98 9.06 16.85
CA GLN B 96 39.05 8.36 17.53
C GLN B 96 40.35 9.13 17.26
N GLN B 97 40.24 10.15 16.39
CA GLN B 97 41.42 10.84 15.83
C GLN B 97 41.34 12.37 15.96
N ARG B 165 34.98 1.62 26.53
CA ARG B 165 35.56 2.56 25.57
C ARG B 165 35.51 4.03 26.04
N GLN B 166 36.65 4.73 25.91
CA GLN B 166 36.88 6.08 26.43
C GLN B 166 36.06 7.19 25.79
N LEU B 167 35.49 6.92 24.61
CA LEU B 167 34.80 7.95 23.83
C LEU B 167 33.26 7.91 23.96
N ASP B 168 32.68 9.10 23.91
CA ASP B 168 31.24 9.27 23.91
C ASP B 168 30.65 8.88 22.54
N ARG B 169 29.59 8.07 22.57
CA ARG B 169 28.76 7.88 21.41
C ARG B 169 27.32 7.67 21.84
N HIS B 170 26.39 8.06 20.98
CA HIS B 170 25.00 7.93 21.31
C HIS B 170 24.24 8.05 20.00
N GLN B 171 22.93 7.81 20.02
CA GLN B 171 22.14 7.98 18.80
C GLN B 171 21.89 9.47 18.56
N LYS B 172 21.57 9.87 17.33
CA LYS B 172 21.16 11.25 16.95
C LYS B 172 20.33 12.04 17.96
N THR B 173 20.69 13.30 18.05
CA THR B 173 20.13 14.16 19.04
C THR B 173 19.45 15.31 18.24
N ARG B 174 18.26 15.78 18.64
CA ARG B 174 17.50 16.76 17.85
C ARG B 174 17.24 18.09 18.54
N ARG B 175 17.44 19.19 17.83
CA ARG B 175 17.08 20.50 18.32
C ARG B 175 15.60 20.72 18.28
N ILE B 176 15.02 21.00 19.44
CA ILE B 176 13.68 21.53 19.54
C ILE B 176 13.71 23.04 19.85
N ARG B 177 12.67 23.71 19.39
CA ARG B 177 12.50 25.13 19.59
C ARG B 177 11.05 25.48 19.55
N GLU B 178 10.72 26.70 19.92
CA GLU B 178 9.34 27.13 19.94
C GLU B 178 8.68 26.95 18.57
N GLY B 179 7.46 26.47 18.55
CA GLY B 179 6.81 26.18 17.26
C GLY B 179 6.88 24.74 16.74
N ASP B 180 7.90 23.97 17.13
CA ASP B 180 8.01 22.53 16.76
C ASP B 180 6.88 21.65 17.27
N VAL B 181 6.55 20.61 16.50
CA VAL B 181 5.70 19.53 16.97
C VAL B 181 6.65 18.37 16.81
N VAL B 182 6.63 17.46 17.77
CA VAL B 182 7.45 16.28 17.71
C VAL B 182 6.59 15.09 18.00
N ALA B 183 6.69 14.09 17.11
CA ALA B 183 5.93 12.86 17.15
C ALA B 183 6.79 11.88 17.87
N ILE B 184 6.25 11.23 18.90
CA ILE B 184 6.97 10.19 19.61
C ILE B 184 6.05 8.98 19.55
N PRO B 185 6.44 7.94 18.83
CA PRO B 185 5.62 6.70 18.81
C PRO B 185 5.47 6.02 20.17
N ALA B 186 4.36 5.33 20.42
CA ALA B 186 4.16 4.55 21.62
C ALA B 186 5.34 3.59 21.87
N GLY B 187 5.75 3.43 23.13
CA GLY B 187 6.86 2.51 23.47
C GLY B 187 8.24 3.00 23.08
N VAL B 188 8.38 4.24 22.60
CA VAL B 188 9.70 4.78 22.19
C VAL B 188 10.14 5.72 23.30
N ALA B 189 11.36 5.54 23.80
CA ALA B 189 11.84 6.24 24.96
C ALA B 189 12.55 7.47 24.48
N TYR B 190 12.35 8.57 25.21
CA TYR B 190 13.07 9.83 24.93
C TYR B 190 13.43 10.60 26.21
N TRP B 191 14.45 11.44 26.09
CA TRP B 191 14.83 12.36 27.15
C TRP B 191 14.81 13.73 26.53
N SER B 192 14.68 14.76 27.34
CA SER B 192 14.94 16.14 26.90
C SER B 192 15.76 16.96 27.89
N TYR B 193 16.39 17.97 27.34
CA TYR B 193 17.32 18.77 28.04
C TYR B 193 17.06 20.20 27.60
N ASN B 194 16.87 21.12 28.56
CA ASN B 194 16.91 22.57 28.28
C ASN B 194 18.33 23.16 28.26
N ASP B 195 18.87 23.54 27.12
CA ASP B 195 20.20 24.14 27.15
C ASP B 195 20.12 25.64 26.85
N GLY B 196 18.89 26.15 26.82
CA GLY B 196 18.71 27.55 26.49
C GLY B 196 18.62 28.36 27.77
N ASP B 197 18.43 29.68 27.61
CA ASP B 197 18.30 30.59 28.76
C ASP B 197 16.96 30.56 29.47
N GLN B 198 15.88 30.62 28.69
CA GLN B 198 14.53 30.71 29.22
C GLN B 198 13.98 29.33 29.50
N GLU B 199 12.83 29.24 30.16
CA GLU B 199 12.20 27.94 30.37
C GLU B 199 11.76 27.34 29.04
N LEU B 200 11.82 26.01 28.95
CA LEU B 200 11.33 25.23 27.82
C LEU B 200 10.00 24.74 28.30
N VAL B 201 8.92 25.10 27.63
CA VAL B 201 7.59 24.57 27.93
C VAL B 201 7.06 23.79 26.72
N ALA B 202 6.56 22.59 26.99
CA ALA B 202 5.99 21.70 26.01
C ALA B 202 4.60 21.25 26.43
N VAL B 203 3.65 21.18 25.50
CA VAL B 203 2.40 20.44 25.80
C VAL B 203 2.50 19.08 25.15
N ASN B 204 2.02 18.07 25.86
CA ASN B 204 2.18 16.68 25.48
C ASN B 204 0.78 16.14 25.37
N LEU B 205 0.42 15.70 24.17
CA LEU B 205 -0.90 15.17 23.89
C LEU B 205 -0.80 13.64 23.58
N PHE B 206 -1.52 12.82 24.31
CA PHE B 206 -1.35 11.39 24.24
C PHE B 206 -2.59 10.88 23.56
N HIS B 207 -2.45 10.10 22.50
CA HIS B 207 -3.62 9.49 21.89
C HIS B 207 -3.83 8.15 22.57
N VAL B 208 -4.64 8.13 23.61
CA VAL B 208 -4.82 6.94 24.43
C VAL B 208 -5.68 5.90 23.70
N SER B 209 -6.49 6.38 22.77
CA SER B 209 -7.36 5.58 21.94
C SER B 209 -6.66 5.02 20.71
N SER B 210 -5.38 5.28 20.54
CA SER B 210 -4.61 4.74 19.44
C SER B 210 -4.68 3.24 19.38
N ASP B 211 -4.75 2.71 18.18
CA ASP B 211 -4.61 1.27 18.07
C ASP B 211 -3.22 0.84 18.45
N HIS B 212 -2.31 1.80 18.58
CA HIS B 212 -0.96 1.50 19.03
C HIS B 212 -0.89 1.27 20.51
N ASN B 213 -1.97 1.55 21.22
CA ASN B 213 -2.02 1.33 22.64
C ASN B 213 -2.84 0.09 22.87
N GLN B 214 -2.21 -1.02 23.23
CA GLN B 214 -2.95 -2.26 23.46
C GLN B 214 -3.21 -2.53 24.93
N LEU B 215 -2.91 -1.55 25.79
CA LEU B 215 -3.17 -1.70 27.23
C LEU B 215 -4.60 -1.28 27.53
N ASP B 216 -4.83 -0.10 28.10
CA ASP B 216 -6.20 0.31 28.36
C ASP B 216 -6.30 1.82 28.19
N GLN B 217 -7.43 2.39 28.55
CA GLN B 217 -7.57 3.83 28.36
C GLN B 217 -6.79 4.75 29.31
N ASN B 218 -5.87 4.25 30.12
CA ASN B 218 -5.11 5.12 30.97
C ASN B 218 -3.79 5.47 30.32
N PRO B 219 -3.43 6.76 30.27
CA PRO B 219 -2.06 6.99 29.83
C PRO B 219 -1.08 6.43 30.87
N ARG B 220 0.06 5.93 30.43
CA ARG B 220 1.09 5.55 31.37
C ARG B 220 2.39 6.17 30.88
N LYS B 221 3.29 6.42 31.83
CA LYS B 221 4.65 6.77 31.52
C LYS B 221 5.47 5.78 32.28
N PHE B 222 6.39 5.11 31.58
CA PHE B 222 7.34 4.17 32.14
C PHE B 222 8.62 4.91 32.12
N TYR B 223 9.18 5.11 33.31
CA TYR B 223 10.43 5.80 33.46
C TYR B 223 11.56 4.83 33.52
N LEU B 224 12.66 5.19 32.85
CA LEU B 224 13.91 4.40 32.79
C LEU B 224 15.08 4.83 33.76
N ALA B 225 14.84 5.93 34.46
CA ALA B 225 15.80 6.58 35.33
C ALA B 225 15.01 7.31 36.42
N GLY B 226 15.67 7.57 37.55
CA GLY B 226 15.14 8.38 38.61
C GLY B 226 14.05 7.69 39.41
N ASN B 227 13.41 8.51 40.22
CA ASN B 227 12.38 8.03 41.10
C ASN B 227 11.27 9.07 40.94
N PRO B 228 10.46 8.89 39.89
CA PRO B 228 9.50 9.93 39.57
C PRO B 228 8.23 9.80 40.39
N GLU B 229 7.51 10.90 40.49
CA GLU B 229 6.15 10.86 41.04
C GLU B 229 5.32 10.71 39.79
N ASN B 230 4.53 9.65 39.72
CA ASN B 230 3.94 9.43 38.42
C ASN B 230 2.79 10.41 38.11
N GLU B 231 2.87 11.07 36.95
CA GLU B 231 1.93 12.10 36.58
C GLU B 231 0.53 11.64 36.20
N PHE B 232 0.26 10.34 36.15
CA PHE B 232 -1.06 9.85 35.73
C PHE B 232 -1.80 8.97 36.76
N ASN B 233 -1.16 8.68 37.89
CA ASN B 233 -1.75 7.78 38.87
C ASN B 233 -2.48 8.57 39.96
N GLN B 234 -3.77 8.85 39.71
CA GLN B 234 -4.67 9.61 40.63
C GLN B 234 -4.19 9.69 42.09
N ASN B 267 11.74 1.34 47.54
CA ASN B 267 12.63 0.55 46.66
C ASN B 267 12.52 0.86 45.14
N GLY B 268 11.72 1.88 44.78
CA GLY B 268 11.85 2.52 43.47
C GLY B 268 10.65 2.56 42.56
N ASN B 269 10.71 3.47 41.60
CA ASN B 269 9.60 3.82 40.74
C ASN B 269 9.88 3.76 39.25
N ASN B 270 11.02 3.21 38.89
CA ASN B 270 11.35 3.13 37.51
C ASN B 270 11.27 1.66 37.03
N VAL B 271 11.32 1.37 35.75
CA VAL B 271 11.23 -0.06 35.40
C VAL B 271 12.40 -0.96 35.92
N PHE B 272 13.63 -0.44 36.01
CA PHE B 272 14.77 -1.19 36.57
C PHE B 272 14.47 -1.58 38.02
N SER B 273 13.97 -0.63 38.76
CA SER B 273 13.70 -0.80 40.17
C SER B 273 12.82 -2.00 40.47
N GLY B 274 12.11 -2.57 39.51
CA GLY B 274 11.34 -3.80 39.81
C GLY B 274 12.05 -5.13 39.51
N PHE B 275 13.27 -5.07 38.98
CA PHE B 275 14.10 -6.25 38.76
C PHE B 275 14.93 -6.64 39.99
N ASN B 276 15.09 -7.94 40.23
CA ASN B 276 16.10 -8.38 41.17
C ASN B 276 17.42 -7.66 40.86
N THR B 277 18.02 -7.04 41.86
CA THR B 277 19.22 -6.25 41.70
C THR B 277 20.42 -7.07 41.28
N GLN B 278 20.51 -8.28 41.82
CA GLN B 278 21.62 -9.18 41.49
C GLN B 278 21.49 -9.72 40.05
N LEU B 279 20.31 -10.19 39.66
CA LEU B 279 19.99 -10.48 38.25
C LEU B 279 20.29 -9.28 37.33
N LEU B 280 19.74 -8.12 37.68
CA LEU B 280 20.00 -6.90 36.90
C LEU B 280 21.49 -6.61 36.75
N ALA B 281 22.29 -6.65 37.83
CA ALA B 281 23.75 -6.59 37.68
C ALA B 281 24.40 -7.73 36.86
N GLN B 282 23.93 -8.97 37.01
CA GLN B 282 24.38 -10.05 36.12
C GLN B 282 24.15 -9.66 34.65
N ALA B 283 22.91 -9.39 34.27
CA ALA B 283 22.59 -9.02 32.87
C ALA B 283 23.49 -7.89 32.35
N LEU B 284 23.76 -6.87 33.15
CA LEU B 284 24.56 -5.74 32.71
C LEU B 284 26.05 -6.01 32.81
N ASN B 285 26.41 -7.03 33.60
CA ASN B 285 27.81 -7.31 33.91
C ASN B 285 28.48 -6.19 34.69
N VAL B 286 27.78 -5.74 35.72
CA VAL B 286 28.16 -4.51 36.40
C VAL B 286 28.14 -4.85 37.92
N ASN B 287 28.84 -4.08 38.76
CA ASN B 287 28.75 -4.43 40.21
C ASN B 287 27.33 -4.19 40.75
N GLU B 288 26.96 -4.88 41.81
CA GLU B 288 25.66 -4.67 42.41
C GLU B 288 25.31 -3.22 42.79
N GLU B 289 26.30 -2.38 43.06
CA GLU B 289 26.04 -1.00 43.50
C GLU B 289 25.66 -0.08 42.35
N THR B 290 26.36 -0.21 41.23
CA THR B 290 25.98 0.44 39.98
C THR B 290 24.52 0.12 39.63
N ALA B 291 24.10 -1.15 39.72
CA ALA B 291 22.72 -1.56 39.45
C ALA B 291 21.71 -0.96 40.42
N ARG B 292 22.07 -0.84 41.68
CA ARG B 292 21.24 -0.11 42.62
C ARG B 292 21.05 1.38 42.19
N ASN B 293 22.08 2.01 41.64
CA ASN B 293 21.97 3.36 41.10
C ASN B 293 20.90 3.44 39.98
N LEU B 294 20.85 2.45 39.09
CA LEU B 294 19.80 2.35 38.07
C LEU B 294 18.42 2.29 38.70
N GLN B 295 18.32 1.58 39.82
CA GLN B 295 17.01 1.39 40.40
C GLN B 295 16.43 2.62 41.10
N GLY B 296 17.25 3.67 41.21
CA GLY B 296 16.96 4.99 41.82
C GLY B 296 16.17 5.06 43.13
N GLN B 297 16.55 4.22 44.07
CA GLN B 297 15.74 3.98 45.26
C GLN B 297 16.00 5.14 46.21
N ASN B 298 17.17 5.77 46.11
CA ASN B 298 17.40 7.01 46.85
C ASN B 298 17.71 8.24 45.97
N ASP B 299 16.80 8.54 45.04
CA ASP B 299 16.91 9.67 44.10
C ASP B 299 15.72 10.49 44.49
N ASN B 300 15.98 11.74 44.85
CA ASN B 300 14.93 12.59 45.39
C ASN B 300 14.56 13.68 44.46
N ARG B 301 15.15 13.70 43.25
CA ARG B 301 14.98 14.86 42.38
C ARG B 301 13.73 14.91 41.51
N ASN B 302 12.92 13.85 41.57
CA ASN B 302 11.78 13.60 40.66
C ASN B 302 12.16 13.52 39.16
N GLN B 303 11.20 13.64 38.24
CA GLN B 303 11.48 13.39 36.81
C GLN B 303 12.26 14.41 36.00
N ILE B 304 12.50 15.61 36.54
CA ILE B 304 13.33 16.57 35.81
C ILE B 304 14.44 17.08 36.71
N ILE B 305 15.69 16.89 36.32
CA ILE B 305 16.75 16.95 37.26
C ILE B 305 17.69 18.02 36.79
N GLN B 306 18.49 18.51 37.72
CA GLN B 306 19.34 19.62 37.44
C GLN B 306 20.73 19.12 37.06
N VAL B 307 21.27 19.62 35.96
CA VAL B 307 22.59 19.22 35.50
C VAL B 307 23.53 20.33 36.01
N ARG B 308 24.61 19.92 36.65
CA ARG B 308 25.57 20.91 37.10
C ARG B 308 26.61 21.00 35.99
N GLY B 309 26.92 22.25 35.67
CA GLY B 309 27.71 22.59 34.50
C GLY B 309 26.94 22.21 33.24
N ASN B 310 27.54 22.48 32.08
CA ASN B 310 26.87 22.15 30.82
C ASN B 310 26.89 20.65 30.57
N LEU B 311 25.76 20.12 30.15
CA LEU B 311 25.69 18.75 29.65
C LEU B 311 26.44 18.66 28.34
N ASP B 312 27.52 17.89 28.32
CA ASP B 312 28.26 17.63 27.11
C ASP B 312 27.87 16.30 26.47
N PHE B 313 27.70 16.35 25.16
CA PHE B 313 27.41 15.16 24.39
C PHE B 313 27.90 15.47 23.00
N VAL B 314 27.87 14.49 22.10
CA VAL B 314 28.31 14.76 20.75
C VAL B 314 27.19 15.56 20.06
N GLN B 315 27.48 16.80 19.69
CA GLN B 315 26.43 17.70 19.24
C GLN B 315 26.99 18.52 18.10
N PRO B 316 26.28 18.55 16.96
CA PRO B 316 26.87 19.35 15.91
C PRO B 316 26.56 20.81 16.18
N PRO B 317 27.46 21.71 15.77
CA PRO B 317 27.33 23.16 15.91
C PRO B 317 25.97 23.74 15.51
N ARG B 318 25.61 24.88 16.07
CA ARG B 318 24.49 25.68 15.58
C ARG B 318 25.00 26.72 14.58
N GLY B 319 24.17 27.09 13.61
CA GLY B 319 24.38 28.31 12.80
C GLY B 319 25.79 28.54 12.25
N ARG B 320 26.25 29.79 12.21
CA ARG B 320 25.53 30.98 12.67
C ARG B 320 24.41 31.41 11.71
N GLN B 321 24.44 30.90 10.48
CA GLN B 321 23.37 31.15 9.53
C GLN B 321 22.04 30.53 9.95
N GLU B 322 22.12 29.39 10.63
CA GLU B 322 20.93 28.80 11.21
C GLU B 322 20.47 29.64 12.42
N ARG B 323 21.42 30.25 13.13
CA ARG B 323 21.06 31.22 14.16
C ARG B 323 20.34 32.42 13.54
N GLU B 324 20.94 32.96 12.49
CA GLU B 324 20.30 33.98 11.66
C GLU B 324 18.87 33.59 11.30
N HIS B 325 18.69 32.38 10.75
CA HIS B 325 17.34 31.92 10.40
C HIS B 325 16.42 31.90 11.64
N GLU B 326 16.85 31.26 12.71
CA GLU B 326 16.09 31.19 13.97
C GLU B 326 15.71 32.56 14.54
N GLU B 327 16.66 33.49 14.55
CA GLU B 327 16.41 34.84 15.03
C GLU B 327 15.41 35.61 14.20
N ARG B 328 15.49 35.51 12.87
CA ARG B 328 14.50 36.14 12.02
C ARG B 328 13.09 35.59 12.27
N GLN B 329 12.97 34.27 12.42
CA GLN B 329 11.67 33.67 12.74
C GLN B 329 11.06 34.36 13.95
N GLN B 330 11.87 34.51 14.99
CA GLN B 330 11.37 35.02 16.27
C GLN B 330 10.87 36.46 16.21
N GLU B 331 11.62 37.36 15.57
CA GLU B 331 11.16 38.74 15.44
C GLU B 331 9.92 38.89 14.54
N GLN B 332 9.74 37.94 13.61
CA GLN B 332 8.58 37.90 12.71
C GLN B 332 7.28 37.54 13.43
N LEU B 333 7.39 36.68 14.44
CA LEU B 333 6.28 36.30 15.31
C LEU B 333 5.82 37.42 16.26
N GLN B 334 6.81 38.20 16.75
CA GLN B 334 6.58 39.35 17.63
C GLN B 334 5.98 40.53 16.88
N GLN B 335 6.47 40.77 15.67
CA GLN B 335 5.90 41.73 14.74
C GLN B 335 4.46 41.36 14.35
N GLU B 336 4.13 40.07 14.37
CA GLU B 336 2.78 39.60 14.03
C GLU B 336 1.82 39.74 15.24
N ARG B 337 2.33 39.44 16.43
CA ARG B 337 1.66 39.76 17.68
C ARG B 337 1.60 41.27 17.95
N GLN B 338 2.07 42.08 17.00
CA GLN B 338 1.83 43.54 17.01
C GLN B 338 0.60 44.00 16.18
N GLN B 339 0.30 43.35 15.04
CA GLN B 339 -0.93 43.62 14.27
C GLN B 339 -1.86 42.40 14.09
N GLY B 348 23.44 2.10 5.33
CA GLY B 348 22.28 1.21 5.27
C GLY B 348 21.15 1.79 6.09
N LEU B 349 20.77 1.07 7.15
CA LEU B 349 19.75 1.44 8.14
C LEU B 349 19.88 2.80 8.76
N GLU B 350 21.11 3.20 9.12
CA GLU B 350 21.38 4.52 9.66
C GLU B 350 20.80 5.68 8.81
N GLU B 351 20.73 5.45 7.49
CA GLU B 351 20.36 6.45 6.52
C GLU B 351 18.89 6.48 6.24
N THR B 352 18.21 5.37 6.48
CA THR B 352 16.81 5.25 6.20
C THR B 352 15.98 5.23 7.48
N PHE B 353 15.64 4.05 7.98
CA PHE B 353 14.71 3.96 9.10
C PHE B 353 15.18 4.64 10.36
N CYS B 354 16.49 4.60 10.60
CA CYS B 354 17.07 5.07 11.86
C CYS B 354 17.10 6.60 11.99
N SER B 355 17.02 7.28 10.85
CA SER B 355 17.04 8.71 10.88
C SER B 355 15.75 9.31 10.32
N LEU B 356 14.61 8.77 10.72
CA LEU B 356 13.36 9.31 10.27
C LEU B 356 13.10 10.67 10.91
N ARG B 357 12.23 11.46 10.32
CA ARG B 357 11.93 12.78 10.83
C ARG B 357 10.84 12.68 11.86
N LEU B 358 11.08 13.32 12.99
CA LEU B 358 10.17 13.28 14.12
C LEU B 358 9.46 14.61 14.35
N LYS B 359 10.05 15.69 13.88
CA LYS B 359 9.49 16.98 14.18
C LYS B 359 9.36 17.88 12.95
N GLU B 360 8.42 18.82 13.02
CA GLU B 360 8.24 19.85 12.00
C GLU B 360 7.94 21.20 12.68
N ASN B 361 8.57 22.29 12.26
CA ASN B 361 8.17 23.58 12.81
C ASN B 361 6.89 24.12 12.20
N ILE B 362 5.82 24.04 12.95
CA ILE B 362 4.50 24.34 12.45
C ILE B 362 4.03 25.73 12.94
N GLY B 363 4.87 26.43 13.68
CA GLY B 363 4.54 27.74 14.24
C GLY B 363 5.21 28.92 13.52
N ASN B 364 6.11 28.64 12.58
CA ASN B 364 6.67 29.64 11.68
C ASN B 364 5.50 30.29 10.92
N PRO B 365 5.43 31.64 10.89
CA PRO B 365 4.48 32.44 10.07
C PRO B 365 4.55 32.11 8.57
N GLU B 366 5.76 32.16 8.01
CA GLU B 366 6.07 31.81 6.61
C GLU B 366 5.67 30.38 6.20
N ARG B 367 5.13 29.62 7.14
CA ARG B 367 4.83 28.21 6.93
C ARG B 367 3.32 28.08 6.79
N ALA B 368 2.62 29.21 6.78
CA ALA B 368 1.17 29.16 6.64
C ALA B 368 0.71 28.31 5.42
N ASP B 369 -0.39 27.60 5.62
CA ASP B 369 -1.08 26.95 4.50
C ASP B 369 -2.26 27.83 4.01
N ILE B 370 -2.90 28.51 4.95
CA ILE B 370 -4.00 29.42 4.69
C ILE B 370 -3.62 30.75 5.34
N PHE B 371 -3.99 31.86 4.73
CA PHE B 371 -3.45 33.14 5.14
C PHE B 371 -4.21 34.28 4.50
N SER B 372 -4.87 35.05 5.35
CA SER B 372 -5.42 36.34 4.97
C SER B 372 -4.95 37.43 5.98
N PRO B 373 -4.17 38.42 5.51
CA PRO B 373 -3.42 39.41 6.32
C PRO B 373 -4.18 40.09 7.44
N ARG B 374 -5.49 40.28 7.30
CA ARG B 374 -6.33 40.81 8.36
C ARG B 374 -7.10 39.74 9.10
N ALA B 375 -7.02 38.50 8.64
CA ALA B 375 -7.76 37.43 9.30
C ALA B 375 -6.87 36.53 10.17
N GLY B 376 -5.74 36.06 9.64
CA GLY B 376 -5.07 34.96 10.32
C GLY B 376 -4.34 34.00 9.40
N ARG B 377 -3.73 32.98 10.01
CA ARG B 377 -2.95 31.97 9.29
C ARG B 377 -3.25 30.60 9.85
N ILE B 378 -3.28 29.58 9.01
CA ILE B 378 -3.44 28.23 9.51
C ILE B 378 -2.33 27.44 8.87
N SER B 379 -1.70 26.58 9.68
CA SER B 379 -0.67 25.67 9.26
C SER B 379 -1.18 24.33 9.66
N THR B 380 -1.07 23.38 8.75
CA THR B 380 -1.67 22.09 8.97
C THR B 380 -0.54 21.06 8.92
N LEU B 381 -0.64 19.98 9.68
CA LEU B 381 0.43 18.97 9.71
C LEU B 381 -0.16 17.60 9.59
N ASN B 382 0.27 16.85 8.59
CA ASN B 382 -0.33 15.51 8.38
C ASN B 382 0.60 14.67 7.53
N SER B 383 0.14 13.52 7.04
CA SER B 383 1.06 12.61 6.31
C SER B 383 1.73 13.25 5.11
N HIS B 384 1.14 14.30 4.56
CA HIS B 384 1.77 14.94 3.39
C HIS B 384 2.93 15.82 3.78
N ASN B 385 3.12 16.05 5.08
CA ASN B 385 4.25 16.82 5.59
C ASN B 385 5.23 15.97 6.39
N LEU B 386 4.70 15.16 7.31
CA LEU B 386 5.56 14.43 8.22
C LEU B 386 5.30 12.93 8.03
N PRO B 387 6.24 12.21 7.40
CA PRO B 387 5.91 10.83 7.02
C PRO B 387 5.41 9.98 8.19
N ILE B 388 6.00 10.14 9.37
CA ILE B 388 5.63 9.26 10.47
C ILE B 388 4.20 9.41 10.92
N LEU B 389 3.52 10.44 10.45
CA LEU B 389 2.13 10.64 10.83
C LEU B 389 1.25 9.61 10.15
N ARG B 390 1.75 9.11 9.03
CA ARG B 390 1.15 7.96 8.38
C ARG B 390 0.99 6.82 9.38
N PHE B 391 2.09 6.42 10.03
CA PHE B 391 2.12 5.31 10.97
C PHE B 391 1.27 5.63 12.21
N LEU B 392 1.43 6.87 12.73
CA LEU B 392 0.77 7.30 13.97
C LEU B 392 -0.68 7.56 13.72
N ARG B 393 -1.03 8.13 12.57
CA ARG B 393 -2.43 8.36 12.24
C ARG B 393 -2.97 9.52 13.05
N LEU B 394 -2.21 10.60 12.99
CA LEU B 394 -2.46 11.82 13.74
C LEU B 394 -2.18 13.02 12.83
N SER B 395 -2.91 14.10 13.08
CA SER B 395 -2.64 15.36 12.41
C SER B 395 -2.59 16.41 13.48
N ALA B 396 -2.13 17.58 13.08
CA ALA B 396 -2.05 18.72 13.98
C ALA B 396 -2.28 20.00 13.16
N GLU B 397 -2.69 21.03 13.88
CA GLU B 397 -2.85 22.34 13.28
C GLU B 397 -2.39 23.40 14.30
N ARG B 398 -1.80 24.46 13.73
CA ARG B 398 -1.37 25.64 14.41
C ARG B 398 -1.90 26.88 13.69
N GLY B 399 -2.77 27.65 14.35
CA GLY B 399 -3.22 28.93 13.85
C GLY B 399 -2.82 30.15 14.67
N PHE B 400 -2.71 31.28 13.99
CA PHE B 400 -2.70 32.58 14.63
C PHE B 400 -3.80 33.40 13.98
N PHE B 401 -4.97 33.47 14.59
CA PHE B 401 -5.96 34.49 14.26
C PHE B 401 -5.67 35.89 14.86
N TYR B 402 -5.67 36.90 13.97
CA TYR B 402 -5.55 38.31 14.31
C TYR B 402 -6.85 38.83 14.89
N ARG B 403 -6.79 40.09 15.33
CA ARG B 403 -7.87 40.76 16.08
C ARG B 403 -9.22 40.57 15.40
N ASN B 404 -10.12 39.91 16.10
CA ASN B 404 -11.47 39.65 15.61
C ASN B 404 -11.65 38.68 14.43
N GLY B 405 -10.53 38.12 13.93
CA GLY B 405 -10.48 36.97 13.02
C GLY B 405 -11.58 35.96 13.33
N ILE B 406 -12.26 35.45 12.31
CA ILE B 406 -13.17 34.34 12.56
C ILE B 406 -12.62 33.09 11.90
N TYR B 407 -12.59 31.98 12.65
CA TYR B 407 -12.29 30.68 12.08
C TYR B 407 -13.59 30.20 11.47
N SER B 408 -13.64 30.23 10.14
CA SER B 408 -14.91 29.93 9.47
C SER B 408 -15.61 28.78 10.16
N PRO B 409 -16.95 28.86 10.36
CA PRO B 409 -17.59 27.73 11.07
C PRO B 409 -17.44 26.52 10.15
N HIS B 410 -17.52 25.34 10.75
CA HIS B 410 -17.06 24.13 10.09
C HIS B 410 -17.34 22.91 10.93
N TRP B 411 -17.19 21.72 10.36
CA TRP B 411 -17.12 20.52 11.16
C TRP B 411 -15.84 19.71 10.83
N ASN B 412 -15.39 18.93 11.79
CA ASN B 412 -14.30 17.99 11.58
C ASN B 412 -14.91 16.76 11.01
N VAL B 413 -14.45 16.40 9.82
CA VAL B 413 -15.09 15.29 9.11
C VAL B 413 -14.68 13.93 9.71
N ASN B 414 -13.37 13.73 9.93
CA ASN B 414 -12.81 12.40 10.21
C ASN B 414 -12.03 12.31 11.55
N ALA B 415 -12.01 13.40 12.32
CA ALA B 415 -11.26 13.49 13.57
C ALA B 415 -11.99 14.26 14.70
N HIS B 416 -11.48 14.10 15.93
CA HIS B 416 -11.65 15.07 17.02
C HIS B 416 -10.51 16.08 16.92
N SER B 417 -10.81 17.27 17.41
CA SER B 417 -9.82 18.30 17.53
C SER B 417 -9.71 18.66 19.00
N VAL B 418 -8.48 18.68 19.51
CA VAL B 418 -8.24 18.93 20.93
C VAL B 418 -7.34 20.17 20.87
N VAL B 419 -7.86 21.32 21.33
CA VAL B 419 -7.24 22.62 21.16
C VAL B 419 -6.63 23.20 22.44
N TYR B 420 -5.35 23.50 22.34
CA TYR B 420 -4.60 24.19 23.35
C TYR B 420 -4.46 25.67 22.92
N VAL B 421 -4.97 26.56 23.77
CA VAL B 421 -4.79 28.00 23.60
C VAL B 421 -3.42 28.47 24.05
N ILE B 422 -2.61 28.82 23.07
CA ILE B 422 -1.27 29.30 23.27
C ILE B 422 -1.22 30.76 23.76
N ARG B 423 -2.19 31.59 23.38
CA ARG B 423 -2.11 33.03 23.58
C ARG B 423 -3.35 33.73 23.05
N GLY B 424 -3.85 34.70 23.81
CA GLY B 424 -5.02 35.41 23.39
C GLY B 424 -6.26 34.71 23.88
N ASN B 425 -7.38 34.92 23.21
CA ASN B 425 -8.61 34.33 23.67
C ASN B 425 -9.48 34.33 22.40
N ALA B 426 -10.61 33.63 22.42
CA ALA B 426 -11.52 33.65 21.30
C ALA B 426 -12.81 33.26 21.92
N ARG B 427 -13.94 33.67 21.33
CA ARG B 427 -15.22 33.04 21.71
C ARG B 427 -15.51 31.83 20.80
N VAL B 428 -16.12 30.79 21.38
CA VAL B 428 -16.16 29.48 20.78
C VAL B 428 -17.50 28.83 21.02
N GLN B 429 -18.15 28.38 19.94
CA GLN B 429 -19.27 27.51 20.11
C GLN B 429 -19.09 26.15 19.44
N VAL B 430 -19.53 25.12 20.12
CA VAL B 430 -19.43 23.76 19.65
C VAL B 430 -20.84 23.19 19.73
N VAL B 431 -21.37 22.79 18.57
CA VAL B 431 -22.78 22.36 18.41
C VAL B 431 -22.91 20.86 18.11
N ASN B 432 -23.83 20.19 18.77
CA ASN B 432 -23.89 18.78 18.62
C ASN B 432 -24.96 18.48 17.57
N GLU B 433 -25.38 17.23 17.46
CA GLU B 433 -26.32 16.80 16.41
C GLU B 433 -27.71 17.39 16.59
N ASN B 434 -28.06 17.74 17.84
CA ASN B 434 -29.30 18.44 18.15
C ASN B 434 -29.32 19.95 18.12
N GLY B 435 -28.32 20.61 17.54
CA GLY B 435 -28.31 22.07 17.49
C GLY B 435 -27.89 22.82 18.74
N ASP B 436 -27.75 22.10 19.86
CA ASP B 436 -27.30 22.62 21.18
C ASP B 436 -25.81 22.97 21.27
N ALA B 437 -25.48 24.21 21.63
CA ALA B 437 -24.08 24.62 21.74
C ALA B 437 -23.46 24.15 23.03
N ILE B 438 -23.11 22.86 23.10
CA ILE B 438 -22.50 22.22 24.25
C ILE B 438 -21.25 22.88 24.83
N LEU B 439 -20.48 23.60 24.01
CA LEU B 439 -19.51 24.52 24.51
C LEU B 439 -19.83 25.92 23.97
N ASP B 440 -19.83 26.88 24.90
CA ASP B 440 -20.05 28.30 24.61
C ASP B 440 -19.26 29.16 25.63
N GLN B 441 -18.12 29.76 25.25
CA GLN B 441 -17.33 30.58 26.20
C GLN B 441 -16.16 31.29 25.60
N GLU B 442 -15.59 32.27 26.30
CA GLU B 442 -14.26 32.70 25.92
C GLU B 442 -13.39 31.55 26.36
N VAL B 443 -12.41 31.25 25.53
CA VAL B 443 -11.44 30.26 25.88
C VAL B 443 -10.24 31.13 25.92
N GLN B 444 -9.37 30.83 26.90
CA GLN B 444 -8.23 31.66 27.27
C GLN B 444 -6.92 30.91 27.25
N GLN B 445 -5.84 31.67 27.17
CA GLN B 445 -4.49 31.12 27.20
C GLN B 445 -4.26 30.09 28.34
N GLY B 446 -3.54 29.01 28.03
CA GLY B 446 -3.31 27.90 28.94
C GLY B 446 -4.44 26.88 29.05
N GLN B 447 -5.56 27.11 28.38
CA GLN B 447 -6.62 26.10 28.46
C GLN B 447 -6.70 25.16 27.25
N LEU B 448 -7.56 24.19 27.42
CA LEU B 448 -7.64 23.04 26.57
C LEU B 448 -9.15 22.83 26.38
N PHE B 449 -9.59 22.67 25.12
CA PHE B 449 -10.97 22.24 24.89
C PHE B 449 -11.02 21.25 23.73
N ILE B 450 -12.09 20.47 23.76
CA ILE B 450 -12.38 19.44 22.81
C ILE B 450 -13.52 19.91 21.85
N VAL B 451 -13.24 19.83 20.55
CA VAL B 451 -14.24 19.86 19.47
C VAL B 451 -14.45 18.42 19.00
N PRO B 452 -15.51 17.77 19.47
CA PRO B 452 -15.72 16.39 19.00
C PRO B 452 -15.94 16.26 17.51
N GLN B 453 -15.58 15.09 16.97
CA GLN B 453 -15.78 14.77 15.55
C GLN B 453 -17.19 15.17 15.09
N ASN B 454 -17.23 15.88 13.96
CA ASN B 454 -18.50 16.14 13.28
C ASN B 454 -19.36 17.25 13.90
N HIS B 455 -19.15 17.55 15.20
CA HIS B 455 -19.81 18.70 15.83
C HIS B 455 -19.38 19.95 15.07
N GLY B 456 -20.24 20.96 14.96
CA GLY B 456 -19.79 22.21 14.31
C GLY B 456 -19.18 23.17 15.32
N VAL B 457 -18.40 24.14 14.83
CA VAL B 457 -17.56 24.94 15.66
C VAL B 457 -17.27 26.23 14.96
N ILE B 458 -17.50 27.33 15.70
CA ILE B 458 -17.26 28.67 15.20
C ILE B 458 -16.39 29.37 16.26
N GLN B 459 -15.42 30.13 15.81
CA GLN B 459 -14.45 30.65 16.74
C GLN B 459 -14.24 32.07 16.27
N GLN B 460 -14.31 33.04 17.19
CA GLN B 460 -13.89 34.42 16.92
C GLN B 460 -12.83 34.96 17.89
N ALA B 461 -11.68 35.39 17.36
CA ALA B 461 -10.66 36.01 18.17
C ALA B 461 -11.20 37.29 18.81
N GLY B 462 -10.66 37.59 19.99
CA GLY B 462 -10.82 38.87 20.63
C GLY B 462 -9.73 39.77 20.11
N ASN B 463 -9.51 40.87 20.82
CA ASN B 463 -8.71 41.99 20.34
C ASN B 463 -7.22 41.88 20.41
N GLN B 464 -6.71 40.85 21.09
CA GLN B 464 -5.25 40.64 21.08
C GLN B 464 -4.86 39.48 20.16
N GLY B 465 -5.88 38.73 19.75
CA GLY B 465 -5.71 37.70 18.77
C GLY B 465 -6.06 36.38 19.41
N PHE B 466 -5.62 35.32 18.73
CA PHE B 466 -5.89 33.93 19.12
C PHE B 466 -4.90 32.99 18.41
N GLU B 467 -4.08 32.38 19.25
CA GLU B 467 -3.15 31.35 18.88
C GLU B 467 -3.56 30.06 19.53
N TYR B 468 -3.45 28.95 18.79
CA TYR B 468 -3.80 27.65 19.34
C TYR B 468 -2.94 26.63 18.63
N PHE B 469 -2.94 25.44 19.21
CA PHE B 469 -2.37 24.28 18.58
C PHE B 469 -3.45 23.27 18.74
N ALA B 470 -3.86 22.65 17.63
CA ALA B 470 -4.88 21.57 17.70
C ALA B 470 -4.26 20.21 17.34
N PHE B 471 -4.70 19.20 18.07
CA PHE B 471 -4.18 17.86 17.92
C PHE B 471 -5.34 17.06 17.35
N LYS B 472 -5.18 16.43 16.19
CA LYS B 472 -6.36 15.77 15.55
C LYS B 472 -6.22 14.28 15.47
N THR B 473 -7.28 13.56 15.83
CA THR B 473 -7.13 12.15 16.13
C THR B 473 -7.34 11.20 14.94
N GLU B 474 -6.88 11.59 13.76
CA GLU B 474 -7.00 10.76 12.57
C GLU B 474 -5.87 11.23 11.66
N GLU B 475 -5.46 10.35 10.74
CA GLU B 475 -4.54 10.67 9.65
C GLU B 475 -5.17 11.65 8.65
N ASN B 476 -4.40 12.60 8.11
CA ASN B 476 -4.95 13.61 7.19
C ASN B 476 -6.33 14.10 7.65
N ALA B 477 -6.39 14.72 8.84
CA ALA B 477 -7.63 15.26 9.34
C ALA B 477 -8.05 16.44 8.47
N PHE B 478 -9.35 16.55 8.23
CA PHE B 478 -9.80 17.71 7.47
C PHE B 478 -11.17 18.18 7.94
N ILE B 479 -11.53 19.39 7.51
CA ILE B 479 -12.79 19.96 7.96
C ILE B 479 -13.66 20.19 6.73
N ASN B 480 -14.94 20.41 6.99
CA ASN B 480 -15.80 21.04 6.01
C ASN B 480 -16.31 22.41 6.56
N THR B 481 -15.93 23.52 5.90
CA THR B 481 -16.48 24.85 6.23
C THR B 481 -17.93 25.12 5.80
N LEU B 482 -18.59 26.02 6.53
CA LEU B 482 -19.97 26.46 6.26
C LEU B 482 -20.02 27.89 5.73
N ALA B 483 -18.88 28.50 5.43
CA ALA B 483 -18.85 29.87 4.92
C ALA B 483 -17.53 30.01 4.21
N GLY B 484 -17.48 30.84 3.18
CA GLY B 484 -16.20 31.06 2.48
C GLY B 484 -16.18 30.42 1.10
N ARG B 485 -15.14 30.75 0.35
CA ARG B 485 -14.98 30.32 -1.04
C ARG B 485 -14.99 28.81 -1.24
N THR B 486 -15.08 28.04 -0.17
CA THR B 486 -14.81 26.62 -0.20
C THR B 486 -15.81 25.85 0.65
N SER B 487 -16.93 26.51 0.94
CA SER B 487 -17.99 26.02 1.81
C SER B 487 -18.99 25.07 1.22
N PHE B 488 -19.62 24.34 2.12
CA PHE B 488 -20.72 23.47 1.81
C PHE B 488 -21.81 24.18 1.00
N LEU B 489 -22.19 25.39 1.43
CA LEU B 489 -23.24 26.19 0.83
C LEU B 489 -22.96 26.44 -0.63
N ARG B 490 -21.73 26.80 -0.95
CA ARG B 490 -21.29 26.93 -2.35
C ARG B 490 -21.37 25.70 -3.29
N ALA B 491 -21.53 24.49 -2.73
CA ALA B 491 -21.61 23.23 -3.51
C ALA B 491 -23.06 22.83 -3.82
N LEU B 492 -23.99 23.52 -3.19
CA LEU B 492 -25.40 23.33 -3.43
C LEU B 492 -25.89 24.21 -4.58
N PRO B 493 -26.80 23.67 -5.41
CA PRO B 493 -27.55 24.46 -6.40
C PRO B 493 -28.35 25.59 -5.73
N ASP B 494 -28.24 26.82 -6.26
CA ASP B 494 -29.04 27.96 -5.73
C ASP B 494 -30.43 27.46 -5.31
N GLU B 495 -31.08 26.69 -6.17
CA GLU B 495 -32.43 26.35 -5.81
C GLU B 495 -32.55 25.34 -4.70
N VAL B 496 -31.52 24.52 -4.47
CA VAL B 496 -31.61 23.68 -3.26
C VAL B 496 -31.41 24.56 -2.02
N LEU B 497 -30.49 25.54 -2.09
CA LEU B 497 -30.37 26.60 -1.08
C LEU B 497 -31.72 27.29 -0.78
N ALA B 498 -32.20 28.05 -1.78
CA ALA B 498 -33.53 28.68 -1.75
C ALA B 498 -34.66 27.82 -1.16
N ASN B 499 -34.77 26.56 -1.54
CA ASN B 499 -35.85 25.72 -0.98
C ASN B 499 -35.58 25.19 0.41
N ALA B 500 -34.29 24.92 0.63
CA ALA B 500 -33.77 24.39 1.88
C ALA B 500 -34.00 25.42 2.98
N TYR B 501 -33.73 26.68 2.70
CA TYR B 501 -33.82 27.69 3.78
C TYR B 501 -35.04 28.68 3.78
N GLN B 502 -35.98 28.44 2.83
CA GLN B 502 -37.07 29.34 2.43
C GLN B 502 -36.54 30.75 2.13
N ILE B 503 -35.81 30.94 1.04
CA ILE B 503 -35.14 32.23 0.80
C ILE B 503 -35.15 32.59 -0.69
N SER B 504 -35.01 33.86 -1.03
CA SER B 504 -34.94 34.23 -2.43
C SER B 504 -33.69 33.62 -3.08
N ARG B 505 -33.71 33.42 -4.40
CA ARG B 505 -32.48 33.11 -5.14
C ARG B 505 -31.45 34.26 -5.05
N GLU B 506 -31.85 35.43 -4.56
CA GLU B 506 -30.86 36.50 -4.46
C GLU B 506 -30.03 36.30 -3.18
N GLN B 507 -30.75 36.04 -2.09
CA GLN B 507 -30.20 35.71 -0.79
C GLN B 507 -29.31 34.47 -0.78
N ALA B 508 -29.74 33.46 -1.53
CA ALA B 508 -29.07 32.19 -1.62
C ALA B 508 -27.73 32.49 -2.25
N ARG B 509 -27.68 33.43 -3.18
CA ARG B 509 -26.40 33.76 -3.78
C ARG B 509 -25.50 34.64 -2.92
N GLN B 510 -26.11 35.25 -1.91
CA GLN B 510 -25.34 36.02 -0.94
C GLN B 510 -24.71 35.06 0.06
N LEU B 511 -25.51 34.16 0.65
CA LEU B 511 -24.96 32.98 1.32
C LEU B 511 -23.76 32.41 0.58
N LYS B 512 -23.91 32.08 -0.69
CA LYS B 512 -22.78 31.53 -1.45
C LYS B 512 -21.58 32.46 -1.54
N TYR B 513 -21.77 33.70 -1.97
CA TYR B 513 -20.60 34.53 -2.41
C TYR B 513 -20.25 35.79 -1.60
N ASN B 514 -20.97 36.08 -0.54
CA ASN B 514 -20.65 37.29 0.25
C ASN B 514 -19.30 37.28 0.97
N ARG B 515 -18.95 36.13 1.56
CA ARG B 515 -17.62 35.90 2.10
C ARG B 515 -16.64 35.43 1.02
N GLN B 516 -15.69 36.27 0.66
CA GLN B 516 -14.70 35.95 -0.35
C GLN B 516 -13.35 35.45 0.20
N GLU B 517 -13.38 34.75 1.33
CA GLU B 517 -12.17 34.19 1.93
C GLU B 517 -12.47 32.71 2.20
N THR B 518 -11.44 31.92 2.48
CA THR B 518 -11.70 30.47 2.62
C THR B 518 -11.97 30.00 4.07
N ILE B 519 -10.97 30.05 4.93
CA ILE B 519 -11.14 29.52 6.28
C ILE B 519 -10.93 30.58 7.39
N ALA B 520 -9.88 31.37 7.20
CA ALA B 520 -9.60 32.50 8.05
C ALA B 520 -10.41 33.71 7.54
N LEU B 521 -11.51 34.05 8.21
CA LEU B 521 -12.40 35.13 7.81
C LEU B 521 -12.11 36.42 8.62
N SER B 522 -11.62 37.45 7.92
CA SER B 522 -11.46 38.81 8.47
C SER B 522 -12.80 39.44 8.76
N SER B 523 -13.00 39.92 9.98
CA SER B 523 -14.14 40.81 10.22
C SER B 523 -13.69 42.27 10.05
N SER C 7 -13.00 -3.61 34.95
CA SER C 7 -13.58 -2.60 34.02
C SER C 7 -12.77 -2.55 32.72
N PRO C 8 -13.46 -2.40 31.56
CA PRO C 8 -12.76 -2.35 30.26
C PRO C 8 -11.79 -1.16 30.23
N GLN C 9 -12.14 -0.10 30.95
CA GLN C 9 -11.32 1.11 30.94
C GLN C 9 -10.00 0.93 31.69
N ASN C 10 -9.95 -0.08 32.56
CA ASN C 10 -8.72 -0.42 33.26
C ASN C 10 -8.43 -1.90 33.23
N GLN C 11 -8.89 -2.58 32.18
CA GLN C 11 -8.65 -4.03 32.05
C GLN C 11 -7.18 -4.47 32.09
N CYS C 12 -6.26 -3.53 31.93
CA CYS C 12 -4.82 -3.78 32.07
C CYS C 12 -4.13 -3.17 33.30
N GLN C 13 -4.88 -2.80 34.31
CA GLN C 13 -4.22 -2.42 35.55
C GLN C 13 -4.18 -3.65 36.44
N LEU C 14 -3.30 -4.58 36.10
CA LEU C 14 -3.30 -5.87 36.74
C LEU C 14 -2.35 -5.72 37.91
N ASN C 15 -2.71 -6.33 39.03
CA ASN C 15 -1.80 -6.23 40.19
C ASN C 15 -1.02 -7.50 40.53
N GLN C 16 -1.56 -8.65 40.15
CA GLN C 16 -0.80 -9.90 40.22
C GLN C 16 -0.94 -10.73 38.93
N LEU C 17 0.05 -11.58 38.68
CA LEU C 17 0.14 -12.27 37.43
C LEU C 17 0.73 -13.63 37.76
N GLN C 18 0.29 -14.65 37.04
CA GLN C 18 0.74 -16.01 37.33
C GLN C 18 1.09 -16.75 36.07
N ALA C 19 2.13 -17.57 36.11
CA ALA C 19 2.35 -18.55 35.06
C ALA C 19 1.64 -19.83 35.43
N ARG C 20 0.78 -20.36 34.58
CA ARG C 20 0.13 -21.61 34.91
C ARG C 20 -0.30 -22.48 33.73
N GLU C 21 -0.74 -23.69 34.07
CA GLU C 21 -1.19 -24.61 33.08
C GLU C 21 -2.65 -24.45 32.88
N PRO C 22 -3.17 -25.17 31.88
CA PRO C 22 -4.56 -24.91 31.50
C PRO C 22 -5.57 -25.20 32.63
N ASP C 23 -6.63 -24.41 32.71
CA ASP C 23 -7.65 -24.62 33.70
C ASP C 23 -8.64 -25.71 33.37
N ASN C 24 -8.77 -26.13 32.12
CA ASN C 24 -9.72 -27.18 31.84
C ASN C 24 -9.20 -28.16 30.86
N ARG C 25 -9.94 -29.26 30.73
CA ARG C 25 -9.47 -30.38 29.95
C ARG C 25 -10.72 -31.10 29.48
N ILE C 26 -10.77 -31.38 28.19
CA ILE C 26 -11.91 -32.06 27.55
C ILE C 26 -11.33 -33.34 26.98
N GLN C 27 -12.06 -34.44 27.11
CA GLN C 27 -11.61 -35.73 26.56
C GLN C 27 -12.42 -35.96 25.33
N ALA C 28 -11.80 -36.60 24.35
CA ALA C 28 -12.54 -37.05 23.19
C ALA C 28 -12.05 -38.43 22.83
N GLU C 29 -12.78 -39.13 21.99
CA GLU C 29 -12.35 -40.46 21.60
C GLU C 29 -10.85 -40.63 21.37
N ALA C 30 -10.19 -39.67 20.71
CA ALA C 30 -8.79 -39.90 20.29
C ALA C 30 -7.85 -38.71 20.53
N GLY C 31 -8.25 -37.91 21.51
CA GLY C 31 -7.34 -36.98 22.11
C GLY C 31 -8.04 -36.13 23.14
N GLN C 32 -7.37 -35.06 23.52
CA GLN C 32 -7.93 -34.14 24.51
C GLN C 32 -7.68 -32.68 24.12
N ILE C 33 -8.58 -31.81 24.57
CA ILE C 33 -8.37 -30.36 24.44
C ILE C 33 -8.36 -29.63 25.78
N GLU C 34 -7.23 -29.02 26.12
CA GLU C 34 -7.12 -28.29 27.37
C GLU C 34 -7.24 -26.80 27.11
N THR C 35 -8.16 -26.08 27.75
CA THR C 35 -8.17 -24.63 27.56
C THR C 35 -7.64 -23.84 28.79
N TRP C 36 -7.04 -22.68 28.57
CA TRP C 36 -6.92 -21.70 29.62
C TRP C 36 -8.17 -20.86 29.60
N ASN C 37 -8.64 -20.52 30.77
CA ASN C 37 -9.75 -19.63 30.93
C ASN C 37 -9.44 -18.24 30.39
N PHE C 38 -10.24 -17.75 29.44
CA PHE C 38 -9.95 -16.48 28.77
C PHE C 38 -10.52 -15.28 29.52
N ASN C 39 -11.36 -15.57 30.53
CA ASN C 39 -11.84 -14.59 31.48
C ASN C 39 -10.86 -14.19 32.56
N GLN C 40 -9.65 -14.76 32.62
CA GLN C 40 -8.63 -14.23 33.49
C GLN C 40 -8.33 -12.75 33.18
N GLY C 41 -7.94 -11.99 34.20
CA GLY C 41 -7.50 -10.59 34.10
C GLY C 41 -6.55 -10.44 32.92
N ASP C 42 -5.49 -11.25 32.89
CA ASP C 42 -4.38 -11.08 31.94
C ASP C 42 -4.69 -11.52 30.48
N PHE C 43 -5.37 -12.64 30.32
CA PHE C 43 -5.95 -12.98 29.04
C PHE C 43 -6.86 -11.87 28.53
N GLN C 44 -7.59 -11.17 29.38
CA GLN C 44 -8.49 -10.14 28.86
C GLN C 44 -7.76 -8.87 28.43
N CYS C 45 -6.69 -8.58 29.13
CA CYS C 45 -5.91 -7.43 28.83
C CYS C 45 -5.18 -7.65 27.50
N ALA C 46 -4.67 -8.86 27.26
CA ALA C 46 -3.89 -9.18 26.06
C ALA C 46 -4.78 -9.29 24.81
N GLY C 47 -6.02 -9.69 25.03
CA GLY C 47 -7.02 -9.87 23.99
C GLY C 47 -6.81 -11.22 23.37
N VAL C 48 -6.30 -12.19 24.15
CA VAL C 48 -5.94 -13.52 23.66
C VAL C 48 -6.74 -14.64 24.38
N ALA C 49 -6.92 -15.80 23.73
CA ALA C 49 -7.31 -17.08 24.34
C ALA C 49 -6.27 -18.16 23.94
N ALA C 50 -6.02 -19.13 24.80
CA ALA C 50 -5.06 -20.18 24.46
C ALA C 50 -5.70 -21.52 24.76
N SER C 51 -5.28 -22.56 24.05
CA SER C 51 -5.79 -23.90 24.33
C SER C 51 -4.69 -24.85 23.93
N ARG C 52 -4.72 -26.10 24.37
CA ARG C 52 -3.61 -27.04 24.03
C ARG C 52 -4.24 -28.35 23.60
N ILE C 53 -3.81 -28.90 22.45
CA ILE C 53 -4.50 -30.05 21.86
C ILE C 53 -3.56 -31.25 21.86
N THR C 54 -4.06 -32.42 22.23
CA THR C 54 -3.26 -33.66 22.20
C THR C 54 -4.02 -34.58 21.25
N ILE C 55 -3.35 -35.03 20.18
CA ILE C 55 -3.99 -35.91 19.21
C ILE C 55 -3.24 -37.25 19.24
N GLN C 56 -3.95 -38.33 19.53
CA GLN C 56 -3.20 -39.59 19.61
C GLN C 56 -3.07 -40.17 18.20
N ARG C 57 -2.18 -41.15 18.06
CA ARG C 57 -2.04 -41.89 16.84
C ARG C 57 -3.38 -42.18 16.21
N ASN C 58 -3.46 -41.86 14.92
CA ASN C 58 -4.68 -41.97 14.13
C ASN C 58 -5.87 -41.14 14.54
N GLY C 59 -5.55 -40.04 15.20
CA GLY C 59 -6.59 -39.11 15.62
C GLY C 59 -6.84 -38.04 14.58
N LEU C 60 -8.12 -37.78 14.38
CA LEU C 60 -8.56 -36.83 13.41
C LEU C 60 -9.26 -35.72 14.18
N HIS C 61 -8.69 -34.53 14.22
CA HIS C 61 -9.39 -33.39 14.80
C HIS C 61 -10.30 -32.86 13.73
N LEU C 62 -11.59 -32.91 14.04
CA LEU C 62 -12.69 -32.60 13.13
C LEU C 62 -12.68 -31.16 12.64
N PRO C 63 -13.17 -30.93 11.41
CA PRO C 63 -13.24 -29.60 10.82
C PRO C 63 -13.95 -28.53 11.66
N SER C 64 -13.25 -27.44 11.93
CA SER C 64 -13.87 -26.28 12.59
C SER C 64 -13.22 -24.96 12.12
N TYR C 65 -13.86 -23.85 12.46
CA TYR C 65 -13.24 -22.53 12.26
C TYR C 65 -13.57 -21.68 13.46
N SER C 66 -12.86 -20.56 13.59
CA SER C 66 -13.08 -19.68 14.72
C SER C 66 -13.32 -18.24 14.27
N ASN C 67 -14.03 -17.45 15.08
CA ASN C 67 -14.11 -16.01 14.92
C ASN C 67 -12.77 -15.29 15.11
N ALA C 68 -11.72 -16.01 15.54
CA ALA C 68 -10.46 -15.35 15.83
C ALA C 68 -9.29 -15.95 15.05
N PRO C 69 -8.41 -15.10 14.52
CA PRO C 69 -7.19 -15.62 13.91
C PRO C 69 -6.37 -16.41 14.93
N GLN C 70 -5.77 -17.53 14.53
CA GLN C 70 -4.86 -18.18 15.44
C GLN C 70 -3.51 -18.44 14.85
N LEU C 71 -2.50 -18.56 15.71
CA LEU C 71 -1.23 -19.21 15.37
C LEU C 71 -1.21 -20.51 16.16
N ILE C 72 -0.84 -21.62 15.52
CA ILE C 72 -0.72 -22.89 16.16
C ILE C 72 0.75 -23.19 16.18
N TYR C 73 1.32 -23.45 17.36
CA TYR C 73 2.69 -23.93 17.48
C TYR C 73 2.66 -25.42 17.79
N ILE C 74 3.41 -26.22 17.06
CA ILE C 74 3.34 -27.66 17.21
C ILE C 74 4.48 -28.03 18.16
N VAL C 75 4.12 -28.58 19.32
CA VAL C 75 5.16 -28.83 20.36
C VAL C 75 5.83 -30.18 20.19
N GLN C 76 5.09 -31.18 19.73
CA GLN C 76 5.71 -32.46 19.43
C GLN C 76 4.91 -33.31 18.46
N GLY C 77 5.61 -34.16 17.72
CA GLY C 77 4.93 -35.08 16.81
C GLY C 77 4.95 -34.57 15.38
N ARG C 78 4.06 -35.14 14.58
CA ARG C 78 4.11 -34.97 13.13
C ARG C 78 2.71 -35.32 12.73
N GLY C 79 2.17 -34.58 11.77
CA GLY C 79 0.85 -34.81 11.22
C GLY C 79 0.59 -34.06 9.92
N VAL C 80 -0.70 -33.92 9.64
CA VAL C 80 -1.19 -33.41 8.40
C VAL C 80 -2.20 -32.36 8.83
N LEU C 81 -2.13 -31.15 8.25
CA LEU C 81 -3.16 -30.13 8.42
C LEU C 81 -3.80 -29.84 7.07
N GLY C 82 -5.13 -29.79 7.03
CA GLY C 82 -5.88 -29.44 5.85
C GLY C 82 -6.72 -28.19 6.11
N ALA C 83 -6.23 -27.03 5.65
CA ALA C 83 -7.00 -25.78 5.65
C ALA C 83 -7.83 -25.63 4.39
N VAL C 84 -9.03 -25.10 4.54
CA VAL C 84 -9.80 -24.92 3.35
C VAL C 84 -10.09 -23.44 3.04
N PHE C 85 -9.75 -23.09 1.79
CA PHE C 85 -9.93 -21.78 1.21
C PHE C 85 -11.16 -21.71 0.28
N SER C 86 -12.13 -20.90 0.67
CA SER C 86 -13.39 -20.70 -0.08
C SER C 86 -13.23 -20.46 -1.61
N GLY C 87 -13.87 -21.33 -2.39
CA GLY C 87 -13.76 -21.30 -3.85
C GLY C 87 -12.43 -21.47 -4.58
N CYS C 88 -11.41 -21.95 -3.90
CA CYS C 88 -10.21 -22.42 -4.58
C CYS C 88 -10.48 -23.80 -5.08
N PRO C 89 -9.81 -24.24 -6.17
CA PRO C 89 -10.19 -25.57 -6.66
C PRO C 89 -9.37 -26.65 -5.97
N GLU C 90 -9.80 -27.90 -6.06
CA GLU C 90 -9.00 -29.03 -5.57
C GLU C 90 -7.81 -29.26 -6.48
N THR C 91 -6.61 -29.26 -5.94
CA THR C 91 -5.47 -29.46 -6.81
C THR C 91 -4.67 -30.67 -6.37
N PHE C 92 -5.19 -31.44 -5.42
CA PHE C 92 -4.62 -32.74 -5.05
C PHE C 92 -5.70 -33.73 -5.50
N GLU C 93 -5.40 -34.43 -6.59
CA GLU C 93 -6.42 -35.27 -7.18
C GLU C 93 -5.86 -36.62 -7.64
N GLU C 94 -6.64 -37.68 -7.49
CA GLU C 94 -6.23 -39.01 -7.98
C GLU C 94 -6.18 -38.93 -9.50
N SER C 95 -5.18 -39.55 -10.11
CA SER C 95 -5.07 -39.55 -11.57
C SER C 95 -6.21 -40.25 -12.27
N GLN C 96 -6.63 -39.73 -13.43
CA GLN C 96 -7.69 -40.40 -14.15
C GLN C 96 -7.06 -41.58 -14.89
N GLN C 97 -5.78 -41.40 -15.20
CA GLN C 97 -4.89 -42.46 -15.74
C GLN C 97 -3.79 -43.00 -14.78
N ARG C 165 -17.77 -38.24 -9.16
CA ARG C 165 -16.63 -39.07 -9.58
C ARG C 165 -16.20 -40.13 -8.56
N GLN C 166 -15.56 -41.18 -9.05
CA GLN C 166 -15.11 -42.29 -8.23
C GLN C 166 -13.71 -42.03 -7.71
N LEU C 167 -13.04 -40.99 -8.20
CA LEU C 167 -11.71 -40.62 -7.69
C LEU C 167 -11.69 -39.58 -6.52
N ASP C 168 -10.72 -39.72 -5.65
CA ASP C 168 -10.51 -38.77 -4.56
C ASP C 168 -9.81 -37.52 -5.14
N ARG C 169 -10.33 -36.36 -4.73
CA ARG C 169 -9.66 -35.08 -4.89
C ARG C 169 -10.05 -34.13 -3.73
N HIS C 170 -9.12 -33.24 -3.40
CA HIS C 170 -9.29 -32.29 -2.31
C HIS C 170 -8.25 -31.15 -2.37
N GLN C 171 -8.39 -30.14 -1.51
CA GLN C 171 -7.37 -29.10 -1.40
C GLN C 171 -6.03 -29.54 -0.82
N LYS C 172 -4.98 -28.81 -1.15
CA LYS C 172 -3.64 -29.01 -0.58
C LYS C 172 -3.66 -29.32 0.94
N THR C 173 -2.87 -30.32 1.27
CA THR C 173 -2.66 -30.92 2.55
C THR C 173 -1.26 -30.44 2.94
N ARG C 174 -1.06 -30.03 4.19
CA ARG C 174 0.24 -29.53 4.66
C ARG C 174 0.75 -30.49 5.73
N ARG C 175 2.01 -30.82 5.65
CA ARG C 175 2.66 -31.67 6.64
C ARG C 175 3.04 -30.75 7.79
N ILE C 176 2.62 -31.08 9.00
CA ILE C 176 3.03 -30.31 10.19
C ILE C 176 4.00 -31.11 11.05
N ARG C 177 4.89 -30.42 11.73
CA ARG C 177 5.76 -31.13 12.68
C ARG C 177 6.29 -30.19 13.77
N GLU C 178 6.81 -30.80 14.82
CA GLU C 178 7.52 -30.08 15.86
C GLU C 178 8.28 -28.82 15.39
N GLY C 179 7.95 -27.67 15.97
CA GLY C 179 8.61 -26.44 15.62
C GLY C 179 7.83 -25.59 14.62
N ASP C 180 6.82 -26.16 13.96
CA ASP C 180 6.06 -25.39 12.95
C ASP C 180 5.09 -24.47 13.65
N VAL C 181 5.01 -23.23 13.16
CA VAL C 181 3.92 -22.32 13.47
C VAL C 181 2.99 -22.32 12.27
N VAL C 182 1.73 -22.60 12.52
CA VAL C 182 0.76 -22.44 11.45
C VAL C 182 -0.27 -21.34 11.71
N ALA C 183 -0.56 -20.51 10.70
CA ALA C 183 -1.45 -19.34 10.84
C ALA C 183 -2.78 -19.69 10.25
N ILE C 184 -3.86 -19.58 11.00
CA ILE C 184 -5.16 -19.86 10.42
C ILE C 184 -6.00 -18.59 10.51
N PRO C 185 -6.36 -17.99 9.37
CA PRO C 185 -7.20 -16.79 9.46
C PRO C 185 -8.60 -17.03 10.07
N ALA C 186 -9.21 -16.04 10.71
CA ALA C 186 -10.59 -16.18 11.18
C ALA C 186 -11.55 -16.67 10.09
N GLY C 187 -12.41 -17.60 10.43
CA GLY C 187 -13.48 -17.99 9.49
C GLY C 187 -13.00 -19.04 8.52
N VAL C 188 -11.75 -19.50 8.67
CA VAL C 188 -11.17 -20.50 7.77
C VAL C 188 -11.16 -21.87 8.42
N ALA C 189 -11.88 -22.82 7.83
CA ALA C 189 -12.05 -24.14 8.42
C ALA C 189 -10.78 -24.95 8.20
N TYR C 190 -10.43 -25.73 9.21
CA TYR C 190 -9.35 -26.68 9.04
C TYR C 190 -9.56 -27.93 9.92
N TRP C 191 -8.83 -29.00 9.58
CA TRP C 191 -8.87 -30.27 10.29
C TRP C 191 -7.42 -30.70 10.32
N SER C 192 -7.04 -31.52 11.30
CA SER C 192 -5.70 -32.11 11.36
C SER C 192 -5.75 -33.58 11.76
N TYR C 193 -4.64 -34.28 11.56
CA TYR C 193 -4.60 -35.73 11.66
C TYR C 193 -3.19 -36.14 12.00
N ASN C 194 -3.08 -37.11 12.91
CA ASN C 194 -1.80 -37.52 13.43
C ASN C 194 -1.40 -38.87 12.86
N ASP C 195 -0.62 -38.84 11.79
CA ASP C 195 -0.28 -40.05 11.10
C ASP C 195 1.11 -40.53 11.54
N GLY C 196 1.65 -39.92 12.59
CA GLY C 196 2.97 -40.29 13.11
C GLY C 196 2.91 -41.21 14.34
N ASP C 197 4.10 -41.36 14.94
CA ASP C 197 4.43 -42.30 16.03
C ASP C 197 3.95 -41.88 17.44
N GLN C 198 4.54 -40.81 17.96
CA GLN C 198 4.12 -40.21 19.22
C GLN C 198 2.83 -39.40 19.15
N GLU C 199 2.37 -38.92 20.31
CA GLU C 199 1.21 -38.04 20.36
C GLU C 199 1.55 -36.69 19.70
N LEU C 200 0.55 -36.11 19.06
CA LEU C 200 0.70 -34.80 18.39
C LEU C 200 0.14 -33.76 19.34
N VAL C 201 1.01 -32.82 19.70
CA VAL C 201 0.69 -31.80 20.74
C VAL C 201 0.84 -30.42 20.13
N ALA C 202 -0.21 -29.62 20.24
CA ALA C 202 -0.13 -28.28 19.68
C ALA C 202 -0.66 -27.33 20.68
N VAL C 203 -0.08 -26.12 20.69
CA VAL C 203 -0.63 -24.95 21.41
C VAL C 203 -1.26 -23.98 20.39
N ASN C 204 -2.54 -23.68 20.61
CA ASN C 204 -3.33 -22.76 19.80
C ASN C 204 -3.53 -21.42 20.46
N LEU C 205 -3.16 -20.33 19.80
CA LEU C 205 -3.33 -19.01 20.39
C LEU C 205 -4.24 -18.21 19.48
N PHE C 206 -5.32 -17.69 20.03
CA PHE C 206 -6.35 -16.94 19.32
C PHE C 206 -6.27 -15.46 19.67
N HIS C 207 -6.24 -14.60 18.65
CA HIS C 207 -6.28 -13.16 18.90
C HIS C 207 -7.72 -12.76 18.88
N VAL C 208 -8.35 -12.83 20.05
CA VAL C 208 -9.77 -12.55 20.20
C VAL C 208 -10.03 -11.03 20.02
N SER C 209 -9.10 -10.17 20.38
CA SER C 209 -9.40 -8.80 20.13
C SER C 209 -8.84 -8.34 18.75
N SER C 210 -8.66 -9.27 17.84
CA SER C 210 -8.28 -8.95 16.48
C SER C 210 -9.42 -8.20 15.81
N ASP C 211 -9.13 -7.29 14.89
CA ASP C 211 -10.27 -6.70 14.21
C ASP C 211 -10.90 -7.55 13.09
N HIS C 212 -10.32 -8.74 12.88
CA HIS C 212 -10.91 -9.84 12.11
C HIS C 212 -12.07 -10.47 12.84
N ASN C 213 -12.15 -10.24 14.15
CA ASN C 213 -13.23 -10.78 14.93
C ASN C 213 -14.24 -9.68 15.17
N GLN C 214 -15.36 -9.79 14.49
CA GLN C 214 -16.42 -8.78 14.54
C GLN C 214 -17.54 -9.20 15.51
N LEU C 215 -17.34 -10.34 16.17
CA LEU C 215 -18.33 -10.84 17.12
C LEU C 215 -18.10 -10.18 18.48
N ASP C 216 -17.64 -10.94 19.47
CA ASP C 216 -17.27 -10.28 20.73
C ASP C 216 -16.07 -10.96 21.39
N GLN C 217 -15.75 -10.57 22.62
CA GLN C 217 -14.53 -11.01 23.27
C GLN C 217 -14.43 -12.51 23.62
N ASN C 218 -15.43 -13.29 23.25
CA ASN C 218 -15.40 -14.74 23.46
C ASN C 218 -14.87 -15.51 22.29
N PRO C 219 -13.82 -16.31 22.50
CA PRO C 219 -13.44 -17.29 21.49
C PRO C 219 -14.56 -18.29 21.24
N ARG C 220 -14.82 -18.56 19.96
CA ARG C 220 -15.83 -19.51 19.52
C ARG C 220 -15.18 -20.44 18.52
N LYS C 221 -15.56 -21.71 18.60
CA LYS C 221 -15.12 -22.74 17.68
C LYS C 221 -16.43 -23.16 17.04
N PHE C 222 -16.55 -23.02 15.72
CA PHE C 222 -17.70 -23.55 14.99
C PHE C 222 -17.29 -24.85 14.35
N TYR C 223 -17.90 -25.94 14.79
CA TYR C 223 -17.59 -27.28 14.27
C TYR C 223 -18.50 -27.60 13.11
N LEU C 224 -17.92 -28.25 12.10
CA LEU C 224 -18.65 -28.54 10.89
C LEU C 224 -18.93 -30.03 10.74
N ALA C 225 -18.37 -30.81 11.66
CA ALA C 225 -18.60 -32.24 11.78
C ALA C 225 -18.58 -32.68 13.25
N GLY C 226 -19.32 -33.75 13.56
CA GLY C 226 -19.23 -34.32 14.89
C GLY C 226 -20.21 -33.61 15.80
N ASN C 227 -20.14 -33.98 17.07
CA ASN C 227 -20.95 -33.39 18.11
C ASN C 227 -20.02 -33.07 19.30
N PRO C 228 -19.31 -31.94 19.22
CA PRO C 228 -18.25 -31.64 20.17
C PRO C 228 -18.71 -31.08 21.52
N GLU C 229 -17.80 -31.10 22.49
CA GLU C 229 -17.98 -30.37 23.72
C GLU C 229 -17.36 -28.99 23.55
N ASN C 230 -18.12 -27.92 23.79
CA ASN C 230 -17.60 -26.54 23.80
C ASN C 230 -16.27 -26.35 24.53
N GLU C 231 -15.51 -25.29 24.26
CA GLU C 231 -14.15 -25.31 24.75
C GLU C 231 -13.66 -24.45 25.94
N PHE C 232 -13.85 -23.14 26.07
CA PHE C 232 -14.73 -22.13 25.43
C PHE C 232 -16.17 -22.04 25.97
N ASN C 233 -16.51 -22.98 26.85
CA ASN C 233 -17.67 -22.85 27.74
C ASN C 233 -17.23 -22.60 29.19
N GLN C 234 -15.92 -22.43 29.39
CA GLN C 234 -15.31 -21.88 30.61
C GLN C 234 -15.67 -22.64 31.90
N ASN C 267 -30.59 -31.86 19.79
CA ASN C 267 -29.82 -32.94 19.16
C ASN C 267 -28.77 -32.45 18.11
N GLY C 268 -27.50 -32.50 18.50
CA GLY C 268 -26.40 -32.14 17.60
C GLY C 268 -25.83 -30.76 17.90
N ASN C 269 -24.51 -30.64 17.93
CA ASN C 269 -23.86 -29.38 18.25
C ASN C 269 -23.16 -28.55 17.14
N ASN C 270 -22.99 -29.13 15.95
CA ASN C 270 -22.21 -28.53 14.86
C ASN C 270 -23.05 -27.59 13.99
N VAL C 271 -22.47 -26.88 13.02
CA VAL C 271 -23.35 -25.92 12.33
C VAL C 271 -24.46 -26.56 11.47
N PHE C 272 -24.18 -27.75 10.92
CA PHE C 272 -25.17 -28.48 10.11
C PHE C 272 -26.42 -28.84 10.92
N SER C 273 -26.15 -29.23 12.15
CA SER C 273 -27.15 -29.73 13.04
C SER C 273 -28.21 -28.68 13.35
N GLY C 274 -27.95 -27.41 13.08
CA GLY C 274 -28.99 -26.41 13.33
C GLY C 274 -29.90 -26.12 12.15
N PHE C 275 -29.54 -26.68 10.99
CA PHE C 275 -30.37 -26.58 9.78
C PHE C 275 -31.50 -27.62 9.80
N ASN C 276 -32.67 -27.23 9.27
CA ASN C 276 -33.75 -28.17 8.97
C ASN C 276 -33.21 -29.32 8.11
N THR C 277 -33.36 -30.53 8.62
CA THR C 277 -32.79 -31.73 8.02
C THR C 277 -33.24 -32.05 6.58
N GLN C 278 -34.45 -31.64 6.22
CA GLN C 278 -35.00 -31.85 4.88
C GLN C 278 -34.39 -30.88 3.86
N LEU C 279 -34.49 -29.59 4.19
CA LEU C 279 -33.85 -28.47 3.49
C LEU C 279 -32.37 -28.72 3.18
N LEU C 280 -31.62 -29.12 4.20
CA LEU C 280 -30.21 -29.44 4.06
C LEU C 280 -30.03 -30.58 3.06
N ALA C 281 -30.87 -31.61 3.18
CA ALA C 281 -30.79 -32.75 2.29
C ALA C 281 -31.14 -32.31 0.88
N GLN C 282 -32.18 -31.50 0.76
CA GLN C 282 -32.50 -30.89 -0.52
C GLN C 282 -31.32 -30.06 -1.02
N ALA C 283 -30.86 -29.10 -0.22
CA ALA C 283 -29.71 -28.27 -0.60
C ALA C 283 -28.55 -29.10 -1.15
N LEU C 284 -28.18 -30.15 -0.43
CA LEU C 284 -27.09 -31.04 -0.83
C LEU C 284 -27.47 -32.03 -1.92
N ASN C 285 -28.78 -32.17 -2.17
CA ASN C 285 -29.29 -33.11 -3.16
C ASN C 285 -28.90 -34.55 -2.82
N VAL C 286 -29.25 -34.97 -1.61
CA VAL C 286 -28.79 -36.22 -1.03
C VAL C 286 -29.96 -36.67 -0.13
N ASN C 287 -29.98 -37.92 0.28
CA ASN C 287 -31.12 -38.36 1.11
C ASN C 287 -30.97 -37.90 2.55
N GLU C 288 -32.07 -37.94 3.29
CA GLU C 288 -32.13 -37.57 4.69
C GLU C 288 -31.26 -38.37 5.64
N GLU C 289 -31.02 -39.66 5.42
CA GLU C 289 -30.17 -40.38 6.38
C GLU C 289 -28.75 -39.80 6.28
N THR C 290 -28.39 -39.37 5.07
CA THR C 290 -27.09 -38.73 4.85
C THR C 290 -27.03 -37.35 5.53
N ALA C 291 -28.03 -36.50 5.29
CA ALA C 291 -28.00 -35.18 5.89
C ALA C 291 -28.06 -35.21 7.43
N ARG C 292 -28.59 -36.28 8.00
CA ARG C 292 -28.65 -36.46 9.45
C ARG C 292 -27.28 -36.92 9.96
N ASN C 293 -26.54 -37.59 9.09
CA ASN C 293 -25.22 -38.00 9.46
C ASN C 293 -24.25 -36.82 9.57
N LEU C 294 -24.63 -35.73 8.92
CA LEU C 294 -23.88 -34.47 8.93
C LEU C 294 -24.11 -33.81 10.27
N GLN C 295 -25.38 -33.75 10.65
CA GLN C 295 -25.84 -33.16 11.91
C GLN C 295 -25.38 -33.90 13.17
N GLY C 296 -24.87 -35.11 13.02
CA GLY C 296 -24.14 -35.81 14.09
C GLY C 296 -24.78 -35.92 15.45
N GLN C 297 -26.06 -36.23 15.49
CA GLN C 297 -26.77 -36.35 16.78
C GLN C 297 -26.43 -37.67 17.50
N ASN C 298 -26.13 -38.72 16.75
CA ASN C 298 -25.64 -39.95 17.35
C ASN C 298 -24.12 -40.08 17.29
N ASP C 299 -23.41 -38.96 17.25
CA ASP C 299 -21.95 -39.04 17.27
C ASP C 299 -21.53 -38.84 18.72
N ASN C 300 -20.66 -39.70 19.20
CA ASN C 300 -20.35 -39.62 20.61
C ASN C 300 -18.90 -39.47 20.91
N ARG C 301 -18.13 -39.20 19.86
CA ARG C 301 -16.69 -39.29 19.95
C ARG C 301 -16.03 -37.98 20.36
N ASN C 302 -16.83 -36.95 20.54
CA ASN C 302 -16.37 -35.56 20.60
C ASN C 302 -15.58 -35.14 19.34
N GLN C 303 -14.71 -34.16 19.47
CA GLN C 303 -14.15 -33.42 18.35
C GLN C 303 -12.83 -33.96 17.84
N ILE C 304 -12.28 -34.95 18.52
CA ILE C 304 -11.09 -35.62 18.01
C ILE C 304 -11.44 -37.10 18.03
N ILE C 305 -11.65 -37.63 16.81
CA ILE C 305 -12.14 -38.97 16.55
C ILE C 305 -11.01 -39.92 16.15
N GLN C 306 -11.21 -41.21 16.38
CA GLN C 306 -10.26 -42.27 16.08
C GLN C 306 -10.52 -42.75 14.67
N VAL C 307 -9.48 -42.86 13.86
CA VAL C 307 -9.65 -43.36 12.50
C VAL C 307 -9.28 -44.85 12.46
N ARG C 308 -10.08 -45.63 11.74
CA ARG C 308 -9.76 -47.06 11.61
C ARG C 308 -8.83 -47.41 10.40
N GLY C 309 -7.80 -48.20 10.72
CA GLY C 309 -6.56 -48.31 9.92
C GLY C 309 -6.02 -46.94 9.52
N ASN C 310 -5.33 -46.88 8.39
CA ASN C 310 -4.79 -45.61 7.92
C ASN C 310 -5.81 -44.71 7.23
N LEU C 311 -5.65 -43.40 7.33
CA LEU C 311 -6.44 -42.48 6.50
C LEU C 311 -5.70 -42.26 5.17
N ASP C 312 -6.40 -42.58 4.09
CA ASP C 312 -5.87 -42.41 2.75
C ASP C 312 -6.52 -41.19 2.12
N PHE C 313 -5.66 -40.25 1.73
CA PHE C 313 -6.02 -39.08 0.96
C PHE C 313 -4.87 -38.99 -0.03
N VAL C 314 -4.99 -38.12 -1.03
CA VAL C 314 -3.98 -37.93 -2.05
C VAL C 314 -2.82 -37.15 -1.46
N GLN C 315 -1.70 -37.82 -1.24
CA GLN C 315 -0.64 -37.23 -0.49
C GLN C 315 0.70 -37.35 -1.18
N PRO C 316 1.42 -36.24 -1.40
CA PRO C 316 2.74 -36.39 -1.96
C PRO C 316 3.65 -37.20 -1.05
N PRO C 317 4.46 -38.11 -1.62
CA PRO C 317 5.52 -38.91 -0.99
C PRO C 317 6.51 -38.11 -0.13
N ARG C 318 7.22 -38.76 0.80
CA ARG C 318 8.07 -38.08 1.80
C ARG C 318 9.21 -37.16 1.38
N GLY C 319 10.30 -37.61 0.75
CA GLY C 319 10.57 -38.96 0.28
C GLY C 319 11.77 -38.95 -0.69
N ARG C 320 12.97 -39.33 -0.24
CA ARG C 320 13.24 -39.91 1.06
C ARG C 320 14.71 -40.23 1.32
N GLN C 321 15.69 -39.41 0.93
CA GLN C 321 15.65 -38.07 0.32
C GLN C 321 15.23 -36.91 1.24
N GLU C 322 13.95 -36.76 1.58
CA GLU C 322 13.51 -35.72 2.52
C GLU C 322 13.45 -36.20 3.97
N ARG C 323 13.01 -37.45 4.14
CA ARG C 323 13.10 -38.18 5.39
C ARG C 323 14.37 -37.78 6.16
N GLU C 324 15.46 -37.65 5.43
CA GLU C 324 16.76 -37.48 6.05
C GLU C 324 17.02 -36.09 6.62
N HIS C 325 16.59 -35.03 5.94
CA HIS C 325 16.80 -33.72 6.55
C HIS C 325 16.00 -33.55 7.82
N GLU C 326 14.78 -34.08 7.83
CA GLU C 326 14.00 -34.08 9.06
C GLU C 326 14.64 -34.91 10.17
N GLU C 327 15.43 -35.92 9.79
CA GLU C 327 16.25 -36.66 10.74
C GLU C 327 17.41 -35.82 11.21
N ARG C 328 18.26 -35.36 10.29
CA ARG C 328 19.42 -34.55 10.66
C ARG C 328 19.05 -33.40 11.60
N GLN C 329 17.81 -32.91 11.49
CA GLN C 329 17.32 -31.87 12.40
C GLN C 329 17.12 -32.35 13.83
N GLN C 330 16.65 -33.58 13.98
CA GLN C 330 16.26 -34.10 15.28
C GLN C 330 17.38 -34.67 16.14
N GLU C 331 18.44 -35.12 15.49
CA GLU C 331 19.63 -35.52 16.23
C GLU C 331 20.28 -34.21 16.68
N GLN C 332 19.71 -33.11 16.19
CA GLN C 332 20.22 -31.75 16.43
C GLN C 332 19.44 -31.08 17.55
N LEU C 333 18.12 -31.06 17.38
CA LEU C 333 17.20 -30.51 18.36
C LEU C 333 17.39 -31.24 19.68
N GLN C 334 17.80 -32.50 19.58
CA GLN C 334 17.96 -33.40 20.73
C GLN C 334 19.38 -33.47 21.33
N GLN C 335 20.37 -32.90 20.64
CA GLN C 335 21.74 -32.77 21.15
C GLN C 335 22.00 -31.55 22.05
N GLU C 336 21.44 -30.39 21.69
CA GLU C 336 21.58 -29.15 22.49
C GLU C 336 20.77 -29.19 23.77
N ARG C 337 19.69 -29.98 23.79
CA ARG C 337 18.96 -30.36 25.01
C ARG C 337 19.84 -31.14 26.01
N GLN C 338 20.70 -32.00 25.47
CA GLN C 338 21.72 -32.67 26.25
C GLN C 338 22.97 -31.79 26.40
N GLN C 339 23.96 -31.98 25.53
CA GLN C 339 25.27 -31.33 25.70
C GLN C 339 25.54 -30.18 24.75
N GLY C 348 -3.50 -20.06 -12.72
CA GLY C 348 -4.18 -18.89 -12.20
C GLY C 348 -4.17 -18.91 -10.69
N LEU C 349 -5.34 -18.70 -10.11
CA LEU C 349 -5.52 -18.60 -8.66
C LEU C 349 -4.99 -19.78 -7.88
N GLU C 350 -4.94 -20.94 -8.51
CA GLU C 350 -4.37 -22.13 -7.91
C GLU C 350 -2.89 -21.90 -7.59
N GLU C 351 -2.21 -21.10 -8.40
CA GLU C 351 -0.80 -20.85 -8.18
C GLU C 351 -0.48 -19.70 -7.23
N THR C 352 -1.45 -18.83 -6.96
CA THR C 352 -1.17 -17.62 -6.19
C THR C 352 -1.94 -17.64 -4.85
N PHE C 353 -3.08 -16.92 -4.76
CA PHE C 353 -3.92 -16.88 -3.52
C PHE C 353 -4.19 -18.24 -2.89
N CYS C 354 -4.47 -19.23 -3.73
CA CYS C 354 -4.91 -20.50 -3.20
C CYS C 354 -3.75 -21.35 -2.64
N SER C 355 -2.51 -20.96 -2.89
CA SER C 355 -1.30 -21.65 -2.46
C SER C 355 -0.53 -20.88 -1.43
N LEU C 356 -1.16 -19.96 -0.73
CA LEU C 356 -0.40 -19.17 0.21
C LEU C 356 0.26 -20.04 1.29
N ARG C 357 1.39 -19.58 1.78
CA ARG C 357 2.05 -20.23 2.86
C ARG C 357 1.32 -19.91 4.18
N LEU C 358 0.92 -20.98 4.86
CA LEU C 358 0.35 -20.92 6.20
C LEU C 358 1.39 -21.22 7.26
N LYS C 359 2.52 -21.80 6.89
CA LYS C 359 3.38 -22.25 7.95
C LYS C 359 4.84 -21.99 7.83
N GLU C 360 5.50 -21.90 8.97
CA GLU C 360 6.93 -21.74 9.05
C GLU C 360 7.51 -22.54 10.21
N ASN C 361 8.61 -23.27 9.98
CA ASN C 361 9.34 -23.90 11.10
C ASN C 361 10.29 -22.98 11.88
N ILE C 362 9.88 -22.63 13.10
CA ILE C 362 10.60 -21.66 13.93
C ILE C 362 11.39 -22.38 15.05
N GLY C 363 11.09 -23.65 15.28
CA GLY C 363 11.79 -24.45 16.28
C GLY C 363 13.16 -24.96 15.92
N ASN C 364 13.54 -24.86 14.64
CA ASN C 364 14.77 -25.47 14.12
C ASN C 364 15.97 -24.62 14.57
N PRO C 365 16.98 -25.27 15.17
CA PRO C 365 18.18 -24.54 15.61
C PRO C 365 18.89 -23.72 14.53
N GLU C 366 18.91 -24.17 13.27
CA GLU C 366 19.56 -23.39 12.22
C GLU C 366 18.78 -22.14 11.82
N ARG C 367 17.54 -22.07 12.26
CA ARG C 367 16.68 -20.96 11.90
C ARG C 367 16.90 -19.72 12.79
N ALA C 368 17.81 -19.80 13.77
CA ALA C 368 18.00 -18.72 14.73
C ALA C 368 18.32 -17.36 14.09
N ASP C 369 17.73 -16.27 14.61
CA ASP C 369 18.07 -14.89 14.24
C ASP C 369 19.11 -14.30 15.19
N ILE C 370 19.08 -14.77 16.43
CA ILE C 370 20.01 -14.36 17.45
C ILE C 370 20.57 -15.66 18.03
N PHE C 371 21.89 -15.74 18.11
CA PHE C 371 22.53 -16.89 18.69
C PHE C 371 23.88 -16.58 19.32
N SER C 372 23.97 -16.87 20.64
CA SER C 372 25.24 -16.93 21.34
C SER C 372 25.37 -18.33 21.95
N PRO C 373 26.48 -19.04 21.66
CA PRO C 373 26.57 -20.48 21.97
C PRO C 373 26.41 -20.84 23.46
N ARG C 374 26.92 -20.00 24.35
CA ARG C 374 26.87 -20.28 25.78
CA ARG C 374 26.86 -20.30 25.79
C ARG C 374 25.62 -19.63 26.42
N ALA C 375 24.83 -18.91 25.60
CA ALA C 375 23.64 -18.20 26.05
C ALA C 375 22.33 -18.77 25.52
N GLY C 376 22.18 -18.92 24.22
CA GLY C 376 20.94 -19.44 23.64
C GLY C 376 20.62 -18.84 22.26
N ARG C 377 19.37 -19.06 21.84
CA ARG C 377 18.93 -18.67 20.50
C ARG C 377 17.49 -18.21 20.56
N ILE C 378 17.22 -17.21 19.75
CA ILE C 378 15.89 -16.64 19.55
C ILE C 378 15.64 -16.65 18.05
N SER C 379 14.42 -17.05 17.67
CA SER C 379 13.94 -16.95 16.31
C SER C 379 12.63 -16.19 16.30
N THR C 380 12.59 -15.20 15.44
CA THR C 380 11.45 -14.31 15.28
C THR C 380 10.63 -14.59 14.01
N LEU C 381 9.31 -14.50 14.13
CA LEU C 381 8.44 -14.71 13.01
C LEU C 381 7.47 -13.54 12.91
N ASN C 382 7.55 -12.88 11.77
CA ASN C 382 6.72 -11.74 11.50
C ASN C 382 6.56 -11.63 10.01
N SER C 383 6.06 -10.49 9.57
CA SER C 383 5.58 -10.42 8.23
C SER C 383 6.71 -10.29 7.20
N HIS C 384 7.95 -10.09 7.63
CA HIS C 384 9.09 -10.25 6.76
C HIS C 384 9.54 -11.71 6.59
N ASN C 385 8.84 -12.64 7.23
CA ASN C 385 9.11 -14.07 7.08
C ASN C 385 7.91 -14.78 6.50
N LEU C 386 6.71 -14.54 6.99
CA LEU C 386 5.53 -15.26 6.56
C LEU C 386 4.48 -14.21 6.10
N PRO C 387 4.20 -14.14 4.78
CA PRO C 387 3.45 -13.01 4.22
C PRO C 387 2.05 -12.83 4.85
N ILE C 388 1.35 -13.92 5.14
CA ILE C 388 0.00 -13.79 5.69
C ILE C 388 -0.07 -13.14 7.08
N LEU C 389 1.06 -12.95 7.75
CA LEU C 389 1.05 -12.21 8.99
C LEU C 389 0.81 -10.70 8.79
N ARG C 390 0.97 -10.18 7.56
CA ARG C 390 0.70 -8.80 7.24
C ARG C 390 -0.81 -8.64 7.43
N PHE C 391 -1.57 -9.63 6.98
CA PHE C 391 -3.00 -9.58 7.00
C PHE C 391 -3.52 -9.89 8.40
N LEU C 392 -2.98 -10.91 9.07
CA LEU C 392 -3.42 -11.31 10.42
C LEU C 392 -2.92 -10.38 11.53
N ARG C 393 -1.76 -9.76 11.34
CA ARG C 393 -1.18 -8.79 12.26
C ARG C 393 -0.71 -9.43 13.58
N LEU C 394 0.03 -10.52 13.44
CA LEU C 394 0.54 -11.25 14.57
C LEU C 394 2.01 -11.49 14.30
N SER C 395 2.76 -11.74 15.36
CA SER C 395 4.16 -12.13 15.27
C SER C 395 4.36 -13.32 16.20
N ALA C 396 5.52 -13.93 16.19
CA ALA C 396 5.75 -15.04 17.12
C ALA C 396 7.22 -15.10 17.34
N GLU C 397 7.61 -15.84 18.37
CA GLU C 397 8.99 -16.03 18.69
C GLU C 397 9.21 -17.42 19.28
N ARG C 398 10.42 -17.95 19.09
CA ARG C 398 10.74 -19.21 19.69
C ARG C 398 12.20 -19.11 20.12
N GLY C 399 12.45 -19.35 21.41
CA GLY C 399 13.80 -19.25 21.98
C GLY C 399 14.15 -20.54 22.65
N PHE C 400 15.44 -20.74 22.81
CA PHE C 400 16.00 -21.80 23.64
C PHE C 400 17.18 -21.18 24.32
N PHE C 401 17.04 -21.04 25.63
CA PHE C 401 18.12 -20.48 26.44
C PHE C 401 18.91 -21.60 27.08
N TYR C 402 20.22 -21.44 27.10
CA TYR C 402 21.05 -22.51 27.66
C TYR C 402 21.17 -22.30 29.16
N ARG C 403 21.91 -23.18 29.82
CA ARG C 403 22.02 -23.20 31.29
C ARG C 403 22.34 -21.80 31.79
N ASN C 404 21.52 -21.22 32.66
CA ASN C 404 21.75 -19.87 33.17
C ASN C 404 21.77 -18.69 32.22
N GLY C 405 21.24 -18.89 31.01
CA GLY C 405 21.24 -17.80 30.03
C GLY C 405 20.20 -16.77 30.43
N ILE C 406 20.50 -15.52 30.13
CA ILE C 406 19.59 -14.45 30.44
C ILE C 406 18.99 -13.84 29.18
N TYR C 407 17.67 -13.84 29.10
CA TYR C 407 17.02 -13.04 28.06
C TYR C 407 17.09 -11.61 28.57
N SER C 408 17.87 -10.79 27.86
CA SER C 408 18.15 -9.41 28.26
C SER C 408 16.90 -8.69 28.71
N PRO C 409 17.01 -7.89 29.81
CA PRO C 409 15.81 -7.12 30.22
C PRO C 409 15.35 -6.18 29.07
N HIS C 410 14.04 -6.08 28.90
CA HIS C 410 13.52 -5.38 27.75
C HIS C 410 12.07 -5.02 27.97
N TRP C 411 11.52 -4.21 27.05
CA TRP C 411 10.09 -4.10 26.96
C TRP C 411 9.63 -4.42 25.55
N ASN C 412 8.39 -4.91 25.49
CA ASN C 412 7.66 -5.06 24.23
C ASN C 412 7.14 -3.65 23.83
N VAL C 413 7.73 -3.11 22.77
CA VAL C 413 7.31 -1.84 22.21
C VAL C 413 5.84 -1.84 21.76
N ASN C 414 5.43 -2.86 21.02
CA ASN C 414 4.16 -2.75 20.29
C ASN C 414 3.20 -3.88 20.40
N ALA C 415 3.42 -4.81 21.31
CA ALA C 415 2.58 -5.99 21.43
C ALA C 415 2.67 -6.47 22.88
N HIS C 416 1.68 -7.25 23.30
CA HIS C 416 1.77 -8.18 24.42
C HIS C 416 2.49 -9.41 23.89
N SER C 417 3.09 -10.17 24.83
CA SER C 417 3.75 -11.42 24.51
C SER C 417 3.22 -12.48 25.45
N VAL C 418 2.53 -13.46 24.88
CA VAL C 418 1.89 -14.57 25.62
C VAL C 418 2.86 -15.71 25.43
N VAL C 419 3.44 -16.18 26.54
CA VAL C 419 4.59 -17.05 26.51
C VAL C 419 4.17 -18.44 26.99
N TYR C 420 4.53 -19.45 26.20
CA TYR C 420 4.25 -20.86 26.51
C TYR C 420 5.60 -21.48 26.72
N VAL C 421 5.76 -22.08 27.90
CA VAL C 421 7.02 -22.75 28.27
C VAL C 421 6.99 -24.18 27.75
N ILE C 422 7.90 -24.49 26.84
CA ILE C 422 7.86 -25.81 26.21
C ILE C 422 8.64 -26.78 27.10
N ARG C 423 9.74 -26.29 27.68
CA ARG C 423 10.67 -27.08 28.43
C ARG C 423 11.56 -26.22 29.33
N GLY C 424 12.03 -26.81 30.42
CA GLY C 424 12.94 -26.13 31.32
C GLY C 424 12.23 -25.17 32.23
N ASN C 425 12.96 -24.15 32.67
CA ASN C 425 12.32 -23.20 33.57
C ASN C 425 13.11 -21.94 33.63
N ALA C 426 12.48 -20.87 34.11
CA ALA C 426 13.19 -19.62 34.19
C ALA C 426 12.66 -18.79 35.33
N ARG C 427 13.52 -17.93 35.84
CA ARG C 427 13.07 -16.95 36.80
C ARG C 427 12.60 -15.79 35.92
N VAL C 428 11.35 -15.42 36.09
CA VAL C 428 10.80 -14.36 35.29
C VAL C 428 10.26 -13.26 36.20
N GLN C 429 10.74 -12.03 36.02
CA GLN C 429 10.08 -10.86 36.55
C GLN C 429 9.48 -9.93 35.48
N VAL C 430 8.18 -9.70 35.58
CA VAL C 430 7.46 -8.67 34.82
C VAL C 430 7.10 -7.41 35.62
N VAL C 431 7.57 -6.26 35.16
CA VAL C 431 7.50 -5.00 35.89
C VAL C 431 6.54 -3.98 35.21
N ASN C 432 5.54 -3.49 35.94
CA ASN C 432 4.66 -2.44 35.46
C ASN C 432 5.17 -0.97 35.53
N GLU C 433 4.31 0.00 35.20
CA GLU C 433 4.72 1.43 35.09
C GLU C 433 5.13 2.11 36.43
N ASN C 434 4.68 1.47 37.51
CA ASN C 434 5.09 1.82 38.85
C ASN C 434 6.40 1.23 39.37
N GLY C 435 7.10 0.42 38.59
CA GLY C 435 8.32 -0.20 39.09
C GLY C 435 7.99 -1.44 39.90
N ASP C 436 6.74 -1.83 39.97
CA ASP C 436 6.33 -3.02 40.73
C ASP C 436 6.39 -4.26 39.87
N ALA C 437 6.78 -5.36 40.50
CA ALA C 437 7.02 -6.54 39.73
C ALA C 437 5.81 -7.41 39.86
N ILE C 438 4.86 -7.29 38.92
CA ILE C 438 3.56 -7.99 38.95
C ILE C 438 3.58 -9.49 38.64
N LEU C 439 4.73 -9.98 38.19
CA LEU C 439 5.02 -11.42 38.09
C LEU C 439 6.43 -11.53 38.59
N ASP C 440 6.61 -12.55 39.42
CA ASP C 440 7.91 -12.92 39.90
C ASP C 440 7.78 -14.37 40.33
N GLN C 441 8.44 -15.25 39.59
CA GLN C 441 8.07 -16.66 39.60
C GLN C 441 9.09 -17.45 38.80
N GLU C 442 9.24 -18.71 39.20
CA GLU C 442 9.87 -19.73 38.41
C GLU C 442 8.78 -20.29 37.56
N VAL C 443 8.95 -20.07 36.26
CA VAL C 443 7.99 -20.59 35.30
C VAL C 443 8.45 -22.01 34.90
N GLN C 444 7.53 -22.94 34.73
CA GLN C 444 7.88 -24.32 34.38
C GLN C 444 7.19 -24.79 33.08
N GLN C 445 7.68 -25.93 32.59
CA GLN C 445 7.09 -26.67 31.48
C GLN C 445 5.60 -26.77 31.52
N GLY C 446 4.95 -26.42 30.43
CA GLY C 446 3.52 -26.57 30.32
C GLY C 446 2.76 -25.38 30.85
N GLN C 447 3.48 -24.40 31.39
CA GLN C 447 2.81 -23.15 31.81
C GLN C 447 2.88 -22.02 30.79
N LEU C 448 1.95 -21.10 30.96
CA LEU C 448 1.80 -19.95 30.13
C LEU C 448 1.70 -18.70 30.99
N PHE C 449 2.43 -17.66 30.61
CA PHE C 449 2.23 -16.36 31.21
C PHE C 449 2.16 -15.26 30.16
N ILE C 450 1.67 -14.10 30.58
CA ILE C 450 1.48 -12.98 29.70
C ILE C 450 2.43 -11.85 30.07
N VAL C 451 3.17 -11.32 29.09
CA VAL C 451 3.95 -10.09 29.30
C VAL C 451 3.24 -8.90 28.61
N PRO C 452 2.54 -8.07 29.42
CA PRO C 452 1.81 -6.98 28.77
C PRO C 452 2.68 -6.00 28.04
N GLN C 453 2.11 -5.38 27.03
CA GLN C 453 2.82 -4.38 26.27
C GLN C 453 3.51 -3.38 27.18
N ASN C 454 4.79 -3.05 26.91
CA ASN C 454 5.53 -1.95 27.52
C ASN C 454 6.09 -2.20 28.93
N HIS C 455 5.54 -3.21 29.59
CA HIS C 455 6.08 -3.73 30.83
C HIS C 455 7.50 -4.25 30.60
N GLY C 456 8.37 -4.04 31.58
CA GLY C 456 9.73 -4.60 31.63
C GLY C 456 9.69 -6.09 31.95
N VAL C 457 10.62 -6.82 31.33
CA VAL C 457 10.69 -8.24 31.58
C VAL C 457 12.15 -8.69 31.63
N ILE C 458 12.45 -9.55 32.61
CA ILE C 458 13.77 -10.18 32.72
C ILE C 458 13.55 -11.67 32.94
N GLN C 459 14.41 -12.49 32.35
CA GLN C 459 14.18 -13.91 32.37
C GLN C 459 15.58 -14.47 32.44
N GLN C 460 15.83 -15.34 33.43
CA GLN C 460 17.05 -16.17 33.48
C GLN C 460 16.68 -17.65 33.51
N ALA C 461 17.27 -18.42 32.60
CA ALA C 461 17.00 -19.86 32.55
C ALA C 461 17.56 -20.61 33.77
N GLY C 462 16.79 -21.61 34.19
CA GLY C 462 17.27 -22.60 35.11
C GLY C 462 18.50 -23.36 34.63
N ASN C 463 18.75 -24.47 35.33
CA ASN C 463 19.96 -25.26 35.13
C ASN C 463 19.83 -26.22 33.95
N GLN C 464 18.58 -26.44 33.56
CA GLN C 464 18.26 -27.18 32.37
C GLN C 464 17.91 -26.33 31.13
N GLY C 465 18.31 -25.06 31.12
CA GLY C 465 17.87 -24.12 30.09
C GLY C 465 16.37 -23.95 30.10
N PHE C 466 15.86 -23.33 29.02
CA PHE C 466 14.49 -22.81 28.95
C PHE C 466 14.02 -22.64 27.51
N GLU C 467 12.90 -23.26 27.23
CA GLU C 467 12.35 -23.25 25.88
C GLU C 467 10.92 -22.72 25.89
N TYR C 468 10.70 -21.71 25.05
CA TYR C 468 9.36 -21.12 24.98
C TYR C 468 9.00 -20.77 23.50
N PHE C 469 7.71 -20.65 23.30
CA PHE C 469 7.08 -20.08 22.14
C PHE C 469 6.34 -18.90 22.72
N ALA C 470 6.53 -17.69 22.14
CA ALA C 470 5.74 -16.50 22.45
C ALA C 470 4.89 -16.12 21.23
N PHE C 471 3.64 -15.77 21.51
CA PHE C 471 2.69 -15.22 20.57
C PHE C 471 2.57 -13.72 20.87
N LYS C 472 2.80 -12.88 19.86
CA LYS C 472 2.83 -11.44 19.98
C LYS C 472 1.68 -10.80 19.20
N THR C 473 0.92 -9.92 19.84
CA THR C 473 -0.34 -9.46 19.28
C THR C 473 -0.21 -8.21 18.39
N GLU C 474 0.81 -8.17 17.54
CA GLU C 474 0.94 -7.11 16.56
C GLU C 474 1.85 -7.59 15.45
N GLU C 475 1.70 -6.94 14.30
CA GLU C 475 2.51 -7.18 13.11
C GLU C 475 3.89 -6.66 13.40
N ASN C 476 4.95 -7.40 13.04
CA ASN C 476 6.30 -6.93 13.28
C ASN C 476 6.54 -6.45 14.73
N ALA C 477 6.24 -7.33 15.68
CA ALA C 477 6.41 -7.02 17.11
C ALA C 477 7.91 -6.97 17.33
N PHE C 478 8.36 -5.98 18.10
CA PHE C 478 9.76 -5.89 18.49
C PHE C 478 9.86 -5.37 19.96
N ILE C 479 11.08 -5.36 20.47
CA ILE C 479 11.36 -5.10 21.86
C ILE C 479 12.45 -4.06 21.86
N ASN C 480 12.64 -3.42 23.02
CA ASN C 480 13.82 -2.59 23.25
C ASN C 480 14.53 -3.21 24.47
N THR C 481 15.84 -3.34 24.41
CA THR C 481 16.59 -3.95 25.51
C THR C 481 17.16 -2.86 26.42
N LEU C 482 17.27 -3.19 27.69
CA LEU C 482 17.97 -2.36 28.70
C LEU C 482 19.40 -2.86 28.97
N ALA C 483 19.81 -4.00 28.40
CA ALA C 483 21.18 -4.48 28.58
C ALA C 483 21.68 -5.05 27.29
N GLY C 484 22.87 -4.63 26.87
CA GLY C 484 23.61 -5.30 25.83
C GLY C 484 23.93 -4.32 24.74
N ARG C 485 24.38 -4.85 23.61
CA ARG C 485 24.97 -4.09 22.54
C ARG C 485 23.96 -3.19 21.76
N THR C 486 22.67 -3.38 22.02
CA THR C 486 21.56 -2.85 21.23
C THR C 486 20.56 -2.17 22.25
N SER C 487 21.04 -1.95 23.48
CA SER C 487 20.24 -1.47 24.58
C SER C 487 20.01 0.01 24.51
N PHE C 488 18.95 0.42 25.15
CA PHE C 488 18.60 1.79 25.28
C PHE C 488 19.74 2.62 25.94
N LEU C 489 20.42 2.04 26.94
CA LEU C 489 21.57 2.66 27.59
C LEU C 489 22.68 3.08 26.65
N ARG C 490 23.04 2.23 25.68
CA ARG C 490 24.06 2.63 24.72
C ARG C 490 23.65 3.78 23.82
N ALA C 491 22.36 4.11 23.76
CA ALA C 491 21.83 5.09 22.83
C ALA C 491 21.87 6.47 23.42
N LEU C 492 22.09 6.53 24.75
CA LEU C 492 22.23 7.81 25.47
C LEU C 492 23.66 8.32 25.60
N PRO C 493 23.81 9.65 25.57
CA PRO C 493 25.13 10.23 25.77
C PRO C 493 25.68 9.79 27.14
N ASP C 494 26.99 9.77 27.31
CA ASP C 494 27.63 9.32 28.56
C ASP C 494 27.12 10.15 29.75
N GLU C 495 27.06 11.47 29.59
CA GLU C 495 26.60 12.37 30.63
C GLU C 495 25.11 12.33 30.92
N VAL C 496 24.28 11.94 29.95
CA VAL C 496 22.91 11.80 30.38
C VAL C 496 22.76 10.62 31.28
N LEU C 497 23.51 9.55 31.03
CA LEU C 497 23.54 8.43 31.99
C LEU C 497 24.17 8.91 33.31
N ALA C 498 25.28 9.65 33.29
CA ALA C 498 25.90 10.11 34.55
C ALA C 498 24.90 10.90 35.38
N ASN C 499 24.46 12.03 34.86
CA ASN C 499 23.39 12.79 35.46
C ASN C 499 22.13 12.05 35.84
N ALA C 500 21.73 11.03 35.10
CA ALA C 500 20.41 10.41 35.27
C ALA C 500 20.42 9.46 36.46
N TYR C 501 21.56 8.79 36.63
CA TYR C 501 21.69 7.67 37.58
C TYR C 501 22.65 8.04 38.74
N GLN C 502 23.25 9.24 38.66
CA GLN C 502 24.11 9.83 39.68
C GLN C 502 25.26 8.91 39.88
N ILE C 503 26.08 8.78 38.85
CA ILE C 503 27.14 7.79 38.77
C ILE C 503 28.26 8.54 38.06
N SER C 504 29.46 7.97 38.08
CA SER C 504 30.60 8.55 37.40
C SER C 504 30.49 8.26 35.90
N ARG C 505 31.17 9.07 35.08
CA ARG C 505 31.40 8.73 33.67
C ARG C 505 31.97 7.32 33.49
N GLU C 506 32.92 6.95 34.35
CA GLU C 506 33.44 5.61 34.35
C GLU C 506 32.38 4.53 34.62
N GLN C 507 31.50 4.70 35.60
CA GLN C 507 30.38 3.76 35.75
C GLN C 507 29.42 3.81 34.53
N ALA C 508 29.27 5.00 33.92
CA ALA C 508 28.43 5.19 32.73
C ALA C 508 28.87 4.26 31.61
N ARG C 509 30.17 4.26 31.33
CA ARG C 509 30.72 3.43 30.27
C ARG C 509 30.64 1.93 30.56
N GLN C 510 30.60 1.53 31.83
CA GLN C 510 30.40 0.13 32.12
C GLN C 510 28.98 -0.34 31.93
N LEU C 511 28.05 0.57 32.15
CA LEU C 511 26.66 0.31 31.85
C LEU C 511 26.49 0.18 30.34
N LYS C 512 27.22 0.98 29.58
CA LYS C 512 27.09 0.84 28.16
C LYS C 512 27.77 -0.44 27.67
N TYR C 513 28.99 -0.68 28.12
CA TYR C 513 29.84 -1.59 27.40
C TYR C 513 30.20 -2.90 28.08
N ASN C 514 29.81 -3.16 29.32
CA ASN C 514 30.31 -4.38 29.96
C ASN C 514 29.62 -5.65 29.52
N ARG C 515 28.45 -5.49 28.90
CA ARG C 515 27.72 -6.61 28.34
C ARG C 515 27.90 -6.53 26.82
N GLN C 516 28.60 -7.50 26.26
CA GLN C 516 29.00 -7.44 24.85
C GLN C 516 28.08 -8.18 23.87
N GLU C 517 27.12 -8.94 24.40
CA GLU C 517 26.15 -9.68 23.57
C GLU C 517 24.90 -8.83 23.32
N THR C 518 23.95 -9.28 22.50
CA THR C 518 22.83 -8.42 22.16
C THR C 518 21.58 -8.74 22.95
N ILE C 519 21.01 -9.93 22.79
CA ILE C 519 19.75 -10.25 23.46
C ILE C 519 19.79 -11.53 24.30
N ALA C 520 20.45 -12.57 23.81
CA ALA C 520 20.62 -13.79 24.60
C ALA C 520 21.94 -13.59 25.37
N LEU C 521 21.85 -13.50 26.69
CA LEU C 521 23.02 -13.08 27.50
C LEU C 521 23.64 -14.30 28.22
N SER C 522 24.96 -14.46 28.16
CA SER C 522 25.56 -15.64 28.86
C SER C 522 25.79 -15.28 30.34
N SER C 523 25.43 -16.17 31.26
CA SER C 523 25.55 -15.86 32.71
C SER C 523 27.02 -15.73 33.14
N SER D 7 17.72 -5.91 -32.42
CA SER D 7 16.90 -4.66 -32.45
C SER D 7 15.91 -4.55 -31.28
N PRO D 8 16.13 -3.60 -30.34
CA PRO D 8 15.37 -3.44 -29.09
C PRO D 8 13.85 -3.44 -29.28
N GLN D 9 13.36 -2.63 -30.22
CA GLN D 9 11.92 -2.56 -30.43
C GLN D 9 11.34 -3.89 -30.93
N ASN D 10 12.21 -4.80 -31.39
CA ASN D 10 11.83 -6.18 -31.73
C ASN D 10 12.68 -7.29 -31.09
N GLN D 11 13.23 -7.06 -29.90
CA GLN D 11 14.06 -8.05 -29.21
C GLN D 11 13.40 -9.42 -28.93
N CYS D 12 12.07 -9.48 -29.04
CA CYS D 12 11.29 -10.70 -28.84
C CYS D 12 10.56 -11.23 -30.10
N GLN D 13 11.05 -10.85 -31.26
CA GLN D 13 10.55 -11.46 -32.48
C GLN D 13 11.59 -12.52 -32.76
N LEU D 14 11.47 -13.63 -32.03
CA LEU D 14 12.48 -14.66 -32.02
C LEU D 14 12.09 -15.69 -33.04
N ASN D 15 13.08 -16.26 -33.70
CA ASN D 15 12.78 -17.20 -34.77
C ASN D 15 12.97 -18.66 -34.39
N GLN D 16 13.98 -18.99 -33.58
CA GLN D 16 14.15 -20.39 -33.24
C GLN D 16 14.91 -20.58 -31.93
N LEU D 17 14.19 -21.08 -30.95
CA LEU D 17 14.75 -21.29 -29.63
C LEU D 17 15.39 -22.67 -29.52
N GLN D 18 16.43 -22.79 -28.71
CA GLN D 18 16.85 -24.11 -28.25
C GLN D 18 17.07 -24.16 -26.75
N ALA D 19 17.03 -25.38 -26.21
CA ALA D 19 17.45 -25.65 -24.86
C ALA D 19 18.91 -26.05 -24.92
N ARG D 20 19.77 -25.43 -24.13
CA ARG D 20 21.18 -25.81 -24.13
C ARG D 20 21.91 -25.69 -22.79
N GLU D 21 23.00 -26.44 -22.64
CA GLU D 21 23.85 -26.31 -21.48
C GLU D 21 24.61 -25.03 -21.56
N PRO D 22 25.29 -24.65 -20.47
CA PRO D 22 25.95 -23.34 -20.52
C PRO D 22 27.05 -23.22 -21.59
N ASP D 23 27.31 -22.01 -22.05
CA ASP D 23 28.28 -21.75 -23.09
C ASP D 23 29.71 -21.55 -22.58
N ASN D 24 29.91 -21.15 -21.33
CA ASN D 24 31.29 -20.95 -20.89
C ASN D 24 31.50 -21.60 -19.57
N ARG D 25 32.77 -21.68 -19.20
CA ARG D 25 33.11 -22.30 -17.95
C ARG D 25 34.40 -21.71 -17.41
N ILE D 26 34.34 -21.28 -16.16
CA ILE D 26 35.45 -20.66 -15.44
C ILE D 26 35.85 -21.66 -14.34
N GLN D 27 37.15 -21.83 -14.14
CA GLN D 27 37.72 -22.72 -13.13
C GLN D 27 38.33 -21.88 -12.06
N ALA D 28 38.29 -22.41 -10.86
CA ALA D 28 38.89 -21.74 -9.72
C ALA D 28 39.50 -22.84 -8.90
N GLU D 29 40.28 -22.47 -7.91
CA GLU D 29 40.83 -23.43 -6.94
C GLU D 29 39.85 -24.48 -6.45
N ALA D 30 38.63 -24.08 -6.07
CA ALA D 30 37.73 -25.03 -5.34
C ALA D 30 36.32 -25.12 -5.88
N GLY D 31 36.16 -24.66 -7.11
CA GLY D 31 35.01 -25.04 -7.90
C GLY D 31 35.04 -24.33 -9.22
N GLN D 32 33.87 -24.28 -9.86
CA GLN D 32 33.78 -23.71 -11.19
C GLN D 32 32.47 -22.94 -11.42
N ILE D 33 32.56 -21.94 -12.27
CA ILE D 33 31.36 -21.19 -12.67
C ILE D 33 31.11 -21.29 -14.18
N GLU D 34 29.96 -21.86 -14.53
CA GLU D 34 29.49 -22.03 -15.89
C GLU D 34 28.44 -20.98 -16.24
N THR D 35 28.69 -20.06 -17.18
CA THR D 35 27.67 -19.09 -17.57
C THR D 35 26.96 -19.37 -18.89
N TRP D 36 25.68 -19.08 -19.00
CA TRP D 36 25.08 -18.95 -20.31
C TRP D 36 25.31 -17.53 -20.79
N ASN D 37 25.37 -17.40 -22.09
CA ASN D 37 25.73 -16.18 -22.73
C ASN D 37 24.48 -15.32 -22.75
N PHE D 38 24.55 -14.14 -22.12
CA PHE D 38 23.37 -13.33 -21.86
C PHE D 38 22.93 -12.57 -23.09
N ASN D 39 23.79 -12.44 -24.07
CA ASN D 39 23.28 -11.83 -25.29
C ASN D 39 22.82 -12.78 -26.37
N GLN D 40 22.48 -14.02 -26.04
CA GLN D 40 21.55 -14.75 -26.89
C GLN D 40 20.26 -13.92 -27.05
N GLY D 41 19.66 -13.96 -28.22
CA GLY D 41 18.39 -13.32 -28.51
C GLY D 41 17.33 -13.65 -27.46
N ASP D 42 17.32 -14.87 -26.92
CA ASP D 42 16.23 -15.27 -26.00
C ASP D 42 16.41 -14.77 -24.53
N PHE D 43 17.64 -14.81 -24.04
CA PHE D 43 18.01 -14.18 -22.79
C PHE D 43 17.82 -12.68 -22.88
N GLN D 44 18.07 -12.06 -24.02
CA GLN D 44 17.86 -10.62 -24.12
C GLN D 44 16.36 -10.27 -24.04
N CYS D 45 15.54 -11.10 -24.67
CA CYS D 45 14.11 -10.93 -24.67
C CYS D 45 13.53 -11.15 -23.26
N ALA D 46 13.99 -12.16 -22.52
CA ALA D 46 13.55 -12.37 -21.14
C ALA D 46 14.08 -11.30 -20.16
N GLY D 47 15.24 -10.71 -20.47
CA GLY D 47 15.92 -9.74 -19.61
C GLY D 47 16.58 -10.47 -18.45
N VAL D 48 17.04 -11.69 -18.73
CA VAL D 48 17.59 -12.59 -17.73
C VAL D 48 19.05 -12.96 -18.06
N ALA D 49 19.85 -13.27 -17.05
CA ALA D 49 21.17 -13.91 -17.22
C ALA D 49 21.22 -15.14 -16.27
N ALA D 50 21.92 -16.21 -16.67
CA ALA D 50 21.93 -17.43 -15.86
C ALA D 50 23.34 -17.97 -15.76
N SER D 51 23.66 -18.56 -14.62
CA SER D 51 24.99 -19.10 -14.45
C SER D 51 24.82 -20.35 -13.57
N ARG D 52 25.81 -21.23 -13.52
CA ARG D 52 25.68 -22.46 -12.69
C ARG D 52 26.99 -22.58 -11.91
N ILE D 53 26.94 -22.64 -10.58
CA ILE D 53 28.16 -22.67 -9.78
C ILE D 53 28.32 -24.08 -9.21
N THR D 54 29.53 -24.61 -9.20
CA THR D 54 29.70 -25.85 -8.43
C THR D 54 30.86 -25.63 -7.44
N ILE D 55 30.59 -25.98 -6.19
CA ILE D 55 31.51 -25.67 -5.09
C ILE D 55 31.87 -27.00 -4.50
N GLN D 56 33.18 -27.24 -4.46
CA GLN D 56 33.67 -28.52 -3.99
C GLN D 56 33.70 -28.51 -2.46
N ARG D 57 33.65 -29.71 -1.86
CA ARG D 57 33.87 -29.91 -0.44
C ARG D 57 34.90 -28.87 -0.01
N ASN D 58 34.65 -28.19 1.11
CA ASN D 58 35.43 -27.05 1.63
C ASN D 58 35.69 -25.82 0.78
N GLY D 59 34.87 -25.63 -0.23
CA GLY D 59 35.03 -24.45 -1.06
C GLY D 59 34.28 -23.26 -0.52
N LEU D 60 34.91 -22.10 -0.62
CA LEU D 60 34.30 -20.88 -0.22
C LEU D 60 34.11 -20.00 -1.45
N HIS D 61 32.86 -19.74 -1.84
CA HIS D 61 32.61 -18.76 -2.90
C HIS D 61 32.68 -17.40 -2.26
N LEU D 62 33.63 -16.60 -2.75
CA LEU D 62 34.03 -15.33 -2.16
C LEU D 62 32.93 -14.26 -2.25
N PRO D 63 32.89 -13.34 -1.27
CA PRO D 63 31.90 -12.27 -1.26
C PRO D 63 31.82 -11.36 -2.50
N SER D 64 30.60 -11.21 -3.03
CA SER D 64 30.34 -10.31 -4.15
C SER D 64 28.88 -9.90 -4.16
N TYR D 65 28.55 -8.87 -4.95
CA TYR D 65 27.16 -8.49 -5.15
C TYR D 65 26.94 -8.20 -6.61
N SER D 66 25.67 -8.15 -7.03
CA SER D 66 25.38 -7.89 -8.43
C SER D 66 24.47 -6.68 -8.63
N ASN D 67 24.47 -6.08 -9.82
CA ASN D 67 23.53 -5.02 -10.19
C ASN D 67 22.11 -5.59 -10.42
N ALA D 68 21.96 -6.90 -10.45
CA ALA D 68 20.67 -7.47 -10.74
C ALA D 68 20.23 -8.35 -9.60
N PRO D 69 18.92 -8.30 -9.28
CA PRO D 69 18.41 -9.28 -8.31
C PRO D 69 18.56 -10.71 -8.83
N GLN D 70 18.84 -11.66 -7.93
CA GLN D 70 18.85 -13.03 -8.36
C GLN D 70 18.05 -13.94 -7.47
N LEU D 71 17.46 -14.99 -8.05
CA LEU D 71 17.05 -16.18 -7.31
C LEU D 71 18.10 -17.27 -7.54
N ILE D 72 18.56 -17.90 -6.47
CA ILE D 72 19.46 -19.03 -6.59
C ILE D 72 18.73 -20.32 -6.28
N TYR D 73 18.80 -21.31 -7.16
CA TYR D 73 18.23 -22.61 -6.84
C TYR D 73 19.33 -23.64 -6.54
N ILE D 74 19.25 -24.32 -5.40
CA ILE D 74 20.28 -25.29 -5.01
C ILE D 74 19.94 -26.63 -5.60
N VAL D 75 20.79 -27.09 -6.51
CA VAL D 75 20.49 -28.29 -7.33
C VAL D 75 20.87 -29.55 -6.58
N GLN D 76 22.02 -29.51 -5.90
CA GLN D 76 22.39 -30.59 -5.01
C GLN D 76 23.37 -30.12 -3.95
N GLY D 77 23.40 -30.85 -2.84
CA GLY D 77 24.40 -30.62 -1.80
C GLY D 77 23.81 -29.79 -0.68
N ARG D 78 24.71 -29.22 0.12
CA ARG D 78 24.27 -28.58 1.35
C ARG D 78 25.41 -27.70 1.73
N GLY D 79 25.10 -26.51 2.19
CA GLY D 79 26.12 -25.53 2.56
C GLY D 79 25.54 -24.43 3.43
N VAL D 80 26.27 -23.33 3.41
CA VAL D 80 26.01 -22.23 4.27
C VAL D 80 26.04 -20.97 3.40
N LEU D 81 25.13 -20.04 3.64
CA LEU D 81 25.09 -18.80 2.86
C LEU D 81 25.12 -17.61 3.80
N GLY D 82 26.04 -16.70 3.57
CA GLY D 82 26.12 -15.52 4.41
C GLY D 82 25.77 -14.30 3.58
N ALA D 83 24.52 -13.84 3.69
CA ALA D 83 24.17 -12.53 3.09
C ALA D 83 24.35 -11.37 4.07
N VAL D 84 24.78 -10.22 3.55
CA VAL D 84 24.98 -9.10 4.43
C VAL D 84 24.12 -7.87 4.12
N PHE D 85 23.39 -7.42 5.14
CA PHE D 85 22.54 -6.24 5.09
C PHE D 85 23.21 -5.07 5.80
N SER D 86 23.53 -3.98 5.10
CA SER D 86 24.14 -2.82 5.78
C SER D 86 23.39 -2.22 6.97
N GLY D 87 24.15 -1.97 8.02
CA GLY D 87 23.63 -1.29 9.17
C GLY D 87 22.99 -2.20 10.20
N CYS D 88 22.72 -3.45 9.80
CA CYS D 88 22.21 -4.43 10.74
C CYS D 88 23.31 -4.89 11.70
N PRO D 89 22.96 -5.19 12.98
CA PRO D 89 24.05 -5.62 13.88
C PRO D 89 24.47 -7.09 13.70
N GLU D 90 25.58 -7.50 14.29
CA GLU D 90 25.96 -8.91 14.34
C GLU D 90 25.23 -9.59 15.47
N THR D 91 24.44 -10.62 15.17
CA THR D 91 23.63 -11.25 16.20
C THR D 91 24.01 -12.70 16.35
N PHE D 92 25.06 -13.11 15.67
CA PHE D 92 25.67 -14.42 15.86
C PHE D 92 27.04 -14.06 16.45
N GLU D 93 27.21 -14.35 17.73
CA GLU D 93 28.38 -13.85 18.42
C GLU D 93 28.85 -14.87 19.41
N GLU D 94 30.16 -14.99 19.56
CA GLU D 94 30.73 -15.88 20.56
C GLU D 94 30.42 -15.30 21.94
N SER D 95 30.04 -16.16 22.89
CA SER D 95 29.74 -15.75 24.25
C SER D 95 30.95 -15.19 25.01
N GLN D 96 30.74 -14.21 25.89
CA GLN D 96 31.87 -13.56 26.55
C GLN D 96 32.25 -14.27 27.85
N GLN D 97 33.51 -14.01 28.28
CA GLN D 97 34.15 -14.50 29.55
C GLN D 97 35.09 -15.71 29.31
N ARG D 165 38.24 -6.77 19.28
CA ARG D 165 37.89 -7.85 20.21
C ARG D 165 38.34 -9.24 19.75
N GLN D 166 38.45 -10.17 20.70
CA GLN D 166 39.02 -11.49 20.43
C GLN D 166 37.96 -12.51 20.09
N LEU D 167 36.70 -12.11 20.17
CA LEU D 167 35.56 -13.01 19.90
C LEU D 167 35.02 -12.90 18.47
N ASP D 168 34.68 -14.04 17.88
CA ASP D 168 34.04 -14.03 16.56
C ASP D 168 32.60 -13.52 16.69
N ARG D 169 32.21 -12.71 15.70
CA ARG D 169 30.98 -11.92 15.70
C ARG D 169 30.64 -11.71 14.24
N HIS D 170 29.41 -12.00 13.83
CA HIS D 170 29.04 -11.81 12.43
C HIS D 170 27.50 -11.82 12.21
N GLN D 171 27.05 -11.54 10.99
CA GLN D 171 25.61 -11.61 10.72
C GLN D 171 25.09 -13.04 10.60
N LYS D 172 23.79 -13.17 10.75
CA LYS D 172 23.08 -14.44 10.56
C LYS D 172 23.55 -15.16 9.31
N THR D 173 23.80 -16.45 9.50
CA THR D 173 24.31 -17.42 8.56
C THR D 173 23.11 -18.34 8.25
N ARG D 174 22.93 -18.75 6.99
CA ARG D 174 21.75 -19.56 6.63
C ARG D 174 22.23 -20.89 6.10
N ARG D 175 21.52 -21.97 6.42
CA ARG D 175 21.80 -23.24 5.80
C ARG D 175 21.15 -23.24 4.45
N ILE D 176 21.89 -23.61 3.42
CA ILE D 176 21.28 -23.98 2.13
C ILE D 176 21.33 -25.48 1.86
N ARG D 177 20.31 -26.02 1.22
CA ARG D 177 20.37 -27.39 0.82
C ARG D 177 19.54 -27.65 -0.44
N GLU D 178 19.85 -28.73 -1.15
CA GLU D 178 19.07 -29.13 -2.31
C GLU D 178 17.55 -28.79 -2.22
N GLY D 179 17.07 -27.99 -3.16
CA GLY D 179 15.68 -27.64 -3.18
C GLY D 179 15.46 -26.22 -2.69
N ASP D 180 16.48 -25.57 -2.11
CA ASP D 180 16.23 -24.22 -1.57
C ASP D 180 16.29 -23.28 -2.73
N VAL D 181 15.43 -22.27 -2.69
CA VAL D 181 15.52 -21.09 -3.56
C VAL D 181 15.89 -19.95 -2.66
N VAL D 182 16.96 -19.26 -3.03
CA VAL D 182 17.34 -18.11 -2.24
C VAL D 182 17.34 -16.79 -3.03
N ALA D 183 16.74 -15.78 -2.42
CA ALA D 183 16.52 -14.46 -3.07
C ALA D 183 17.65 -13.57 -2.64
N ILE D 184 18.41 -13.00 -3.57
CA ILE D 184 19.45 -12.02 -3.21
C ILE D 184 19.13 -10.72 -3.93
N PRO D 185 18.76 -9.66 -3.19
CA PRO D 185 18.50 -8.36 -3.83
C PRO D 185 19.70 -7.73 -4.57
N ALA D 186 19.48 -6.92 -5.59
CA ALA D 186 20.60 -6.16 -6.18
C ALA D 186 21.41 -5.40 -5.13
N GLY D 187 22.74 -5.45 -5.20
CA GLY D 187 23.56 -4.57 -4.34
C GLY D 187 23.88 -5.23 -3.02
N VAL D 188 23.30 -6.41 -2.75
CA VAL D 188 23.50 -7.12 -1.48
C VAL D 188 24.57 -8.20 -1.60
N ALA D 189 25.69 -8.05 -0.89
CA ALA D 189 26.84 -8.95 -0.99
C ALA D 189 26.52 -10.25 -0.29
N TYR D 190 26.92 -11.37 -0.88
CA TYR D 190 26.87 -12.64 -0.16
C TYR D 190 28.05 -13.55 -0.48
N TRP D 191 28.36 -14.47 0.43
CA TRP D 191 29.35 -15.51 0.22
C TRP D 191 28.63 -16.79 0.56
N SER D 192 29.16 -17.93 0.11
CA SER D 192 28.69 -19.27 0.47
C SER D 192 29.85 -20.24 0.56
N TYR D 193 29.58 -21.40 1.15
CA TYR D 193 30.59 -22.30 1.61
C TYR D 193 30.00 -23.70 1.69
N ASN D 194 30.74 -24.68 1.18
CA ASN D 194 30.24 -26.04 1.10
C ASN D 194 30.85 -26.86 2.24
N ASP D 195 30.08 -27.07 3.29
CA ASP D 195 30.56 -27.80 4.43
C ASP D 195 29.96 -29.20 4.42
N GLY D 196 29.44 -29.59 3.27
CA GLY D 196 29.09 -30.98 3.02
C GLY D 196 30.15 -31.82 2.31
N ASP D 197 29.68 -33.03 2.01
CA ASP D 197 30.37 -34.20 1.49
C ASP D 197 30.40 -34.12 -0.04
N GLN D 198 29.23 -34.15 -0.68
CA GLN D 198 29.13 -33.96 -2.15
C GLN D 198 29.33 -32.52 -2.60
N GLU D 199 29.61 -32.34 -3.88
CA GLU D 199 29.71 -31.02 -4.50
C GLU D 199 28.43 -30.19 -4.37
N LEU D 200 28.59 -28.89 -4.13
CA LEU D 200 27.43 -28.02 -3.97
C LEU D 200 27.18 -27.35 -5.31
N VAL D 201 25.96 -27.56 -5.82
CA VAL D 201 25.59 -27.14 -7.18
C VAL D 201 24.40 -26.20 -7.19
N ALA D 202 24.57 -25.01 -7.75
CA ALA D 202 23.46 -24.09 -7.81
C ALA D 202 23.38 -23.44 -9.16
N VAL D 203 22.15 -23.10 -9.57
CA VAL D 203 21.92 -22.22 -10.73
C VAL D 203 21.46 -20.83 -10.24
N ASN D 204 22.13 -19.78 -10.71
CA ASN D 204 21.87 -18.40 -10.30
C ASN D 204 21.14 -17.75 -11.44
N LEU D 205 19.96 -17.19 -11.20
CA LEU D 205 19.21 -16.51 -12.27
C LEU D 205 19.15 -15.03 -11.93
N PHE D 206 19.65 -14.16 -12.80
CA PHE D 206 19.70 -12.71 -12.62
C PHE D 206 18.66 -12.03 -13.47
N HIS D 207 17.84 -11.17 -12.84
CA HIS D 207 16.84 -10.40 -13.57
C HIS D 207 17.49 -9.08 -13.91
N VAL D 208 18.18 -9.09 -15.04
CA VAL D 208 18.94 -7.97 -15.56
C VAL D 208 18.00 -6.80 -15.95
N SER D 209 16.80 -7.07 -16.42
CA SER D 209 15.90 -5.96 -16.73
C SER D 209 14.97 -5.61 -15.54
N SER D 210 15.49 -5.82 -14.35
CA SER D 210 14.80 -5.39 -13.17
C SER D 210 14.87 -3.86 -13.05
N ASP D 211 13.80 -3.27 -12.51
CA ASP D 211 13.84 -1.88 -12.05
C ASP D 211 14.95 -1.63 -11.00
N HIS D 212 15.41 -2.71 -10.35
CA HIS D 212 16.46 -2.59 -9.35
C HIS D 212 17.83 -2.45 -9.99
N ASN D 213 17.93 -2.68 -11.28
CA ASN D 213 19.20 -2.54 -11.97
C ASN D 213 19.15 -1.23 -12.73
N GLN D 214 19.89 -0.25 -12.27
CA GLN D 214 19.83 1.05 -12.90
C GLN D 214 21.03 1.28 -13.80
N LEU D 215 21.92 0.28 -13.91
CA LEU D 215 23.07 0.40 -14.80
C LEU D 215 22.60 0.05 -16.19
N ASP D 216 23.09 -1.01 -16.80
CA ASP D 216 22.52 -1.38 -18.10
C ASP D 216 22.24 -2.86 -18.20
N GLN D 217 22.05 -3.36 -19.41
CA GLN D 217 21.63 -4.73 -19.61
C GLN D 217 22.75 -5.75 -19.52
N ASN D 218 23.93 -5.35 -19.06
CA ASN D 218 24.94 -6.33 -18.65
C ASN D 218 24.86 -6.74 -17.19
N PRO D 219 24.77 -8.04 -16.94
CA PRO D 219 25.01 -8.56 -15.58
C PRO D 219 26.44 -8.30 -15.16
N ARG D 220 26.60 -7.78 -13.95
CA ARG D 220 27.91 -7.53 -13.34
C ARG D 220 27.94 -8.25 -11.99
N LYS D 221 29.13 -8.74 -11.65
CA LYS D 221 29.45 -9.29 -10.34
C LYS D 221 30.57 -8.38 -9.84
N PHE D 222 30.37 -7.76 -8.67
CA PHE D 222 31.44 -6.99 -8.07
C PHE D 222 31.93 -7.82 -6.91
N TYR D 223 33.21 -8.17 -6.96
CA TYR D 223 33.79 -9.01 -5.93
C TYR D 223 34.47 -8.13 -4.90
N LEU D 224 34.40 -8.58 -3.66
CA LEU D 224 34.94 -7.79 -2.59
C LEU D 224 36.20 -8.43 -2.01
N ALA D 225 36.44 -9.67 -2.42
CA ALA D 225 37.60 -10.43 -2.04
C ALA D 225 38.18 -11.15 -3.24
N GLY D 226 39.51 -11.23 -3.30
CA GLY D 226 40.13 -12.12 -4.23
C GLY D 226 40.37 -11.40 -5.54
N ASN D 227 40.71 -12.24 -6.52
CA ASN D 227 41.09 -11.81 -7.84
C ASN D 227 40.33 -12.64 -8.87
N PRO D 228 39.04 -12.37 -9.03
CA PRO D 228 38.22 -13.22 -9.89
C PRO D 228 38.42 -13.04 -11.40
N GLU D 229 38.13 -14.10 -12.15
CA GLU D 229 37.96 -13.99 -13.58
C GLU D 229 36.50 -13.55 -13.75
N ASN D 230 36.22 -12.49 -14.50
CA ASN D 230 34.81 -12.13 -14.57
C ASN D 230 33.97 -13.06 -15.43
N GLU D 231 32.97 -13.65 -14.78
CA GLU D 231 32.10 -14.65 -15.38
C GLU D 231 31.27 -14.01 -16.47
N PHE D 232 31.09 -12.70 -16.41
CA PHE D 232 30.21 -12.07 -17.39
C PHE D 232 30.94 -11.40 -18.53
N ASN D 233 31.34 -12.27 -19.47
CA ASN D 233 32.20 -11.94 -20.61
C ASN D 233 32.20 -13.05 -21.67
N GLN D 234 31.40 -12.85 -22.73
CA GLN D 234 31.14 -13.88 -23.77
C GLN D 234 32.41 -14.59 -24.31
N ASN D 267 45.40 -8.09 -11.09
CA ASN D 267 46.28 -7.32 -10.19
C ASN D 267 45.64 -6.10 -9.39
N GLY D 268 44.54 -6.31 -8.66
CA GLY D 268 43.59 -7.41 -8.85
C GLY D 268 42.30 -6.82 -9.39
N ASN D 269 41.25 -7.63 -9.47
CA ASN D 269 39.96 -7.14 -9.96
C ASN D 269 38.79 -7.20 -8.95
N ASN D 270 38.99 -6.68 -7.74
CA ASN D 270 37.89 -6.61 -6.77
C ASN D 270 37.67 -5.15 -6.42
N VAL D 271 36.61 -4.75 -5.71
CA VAL D 271 36.44 -3.29 -5.65
C VAL D 271 37.54 -2.63 -4.79
N PHE D 272 38.03 -3.33 -3.77
CA PHE D 272 39.12 -2.78 -2.93
C PHE D 272 40.35 -2.42 -3.78
N SER D 273 40.59 -3.20 -4.81
CA SER D 273 41.82 -3.06 -5.56
C SER D 273 41.90 -1.80 -6.41
N GLY D 274 40.79 -1.13 -6.70
CA GLY D 274 40.92 0.12 -7.45
C GLY D 274 41.09 1.33 -6.55
N PHE D 275 41.09 1.11 -5.24
CA PHE D 275 41.29 2.17 -4.25
C PHE D 275 42.79 2.38 -4.02
N ASN D 276 43.24 3.62 -3.89
CA ASN D 276 44.57 3.93 -3.36
C ASN D 276 44.95 3.12 -2.11
N THR D 277 45.96 2.27 -2.24
CA THR D 277 46.39 1.44 -1.13
C THR D 277 46.59 2.17 0.20
N GLN D 278 47.11 3.40 0.17
CA GLN D 278 47.34 4.14 1.41
C GLN D 278 46.07 4.74 1.99
N LEU D 279 45.30 5.46 1.17
CA LEU D 279 43.95 5.89 1.50
C LEU D 279 43.12 4.77 2.18
N LEU D 280 43.11 3.58 1.59
CA LEU D 280 42.32 2.45 2.07
C LEU D 280 42.80 2.03 3.45
N ALA D 281 44.11 2.05 3.61
CA ALA D 281 44.73 1.60 4.85
C ALA D 281 44.43 2.59 5.97
N GLN D 282 44.53 3.88 5.69
CA GLN D 282 44.02 4.93 6.56
C GLN D 282 42.56 4.66 6.92
N ALA D 283 41.71 4.60 5.90
CA ALA D 283 40.28 4.46 6.08
C ALA D 283 40.00 3.31 7.03
N LEU D 284 40.70 2.20 6.82
CA LEU D 284 40.48 1.03 7.63
C LEU D 284 41.26 1.12 8.93
N ASN D 285 42.12 2.14 9.04
CA ASN D 285 43.06 2.31 10.13
C ASN D 285 43.91 1.05 10.42
N VAL D 286 44.51 0.53 9.36
CA VAL D 286 45.16 -0.76 9.37
C VAL D 286 46.43 -0.50 8.55
N ASN D 287 47.41 -1.39 8.57
CA ASN D 287 48.64 -1.07 7.84
C ASN D 287 48.56 -1.44 6.36
N GLU D 288 49.44 -0.83 5.56
CA GLU D 288 49.49 -1.00 4.12
C GLU D 288 49.64 -2.46 3.73
N GLU D 289 50.23 -3.22 4.63
CA GLU D 289 50.40 -4.63 4.44
C GLU D 289 49.05 -5.31 4.24
N THR D 290 48.17 -5.09 5.20
CA THR D 290 46.83 -5.65 5.22
C THR D 290 45.99 -5.10 4.08
N ALA D 291 45.98 -3.78 3.89
CA ALA D 291 45.21 -3.17 2.82
C ALA D 291 45.49 -3.80 1.44
N ARG D 292 46.72 -4.25 1.22
CA ARG D 292 47.12 -4.90 -0.04
C ARG D 292 46.60 -6.33 -0.14
N ASN D 293 46.32 -6.94 1.00
CA ASN D 293 45.78 -8.28 0.99
C ASN D 293 44.32 -8.27 0.59
N LEU D 294 43.72 -7.08 0.75
CA LEU D 294 42.33 -6.87 0.45
C LEU D 294 42.23 -6.71 -1.05
N GLN D 295 43.26 -6.10 -1.64
CA GLN D 295 43.30 -5.80 -3.06
C GLN D 295 43.59 -7.02 -3.92
N GLY D 296 44.22 -8.04 -3.34
CA GLY D 296 44.32 -9.36 -3.96
C GLY D 296 45.14 -9.51 -5.24
N GLN D 297 46.22 -8.74 -5.35
CA GLN D 297 47.19 -8.92 -6.45
C GLN D 297 47.87 -10.31 -6.43
N ASN D 298 48.52 -10.66 -5.33
CA ASN D 298 49.06 -12.01 -5.14
C ASN D 298 48.03 -13.13 -4.96
N ASP D 299 46.82 -12.98 -5.48
CA ASP D 299 45.82 -14.04 -5.26
C ASP D 299 45.55 -14.72 -6.59
N ASN D 300 45.60 -16.04 -6.57
CA ASN D 300 45.58 -16.83 -7.79
C ASN D 300 44.45 -17.83 -7.85
N ARG D 301 43.60 -17.82 -6.83
CA ARG D 301 42.64 -18.91 -6.66
C ARG D 301 41.32 -18.70 -7.36
N ASN D 302 41.17 -17.57 -8.04
CA ASN D 302 39.87 -17.11 -8.53
C ASN D 302 38.77 -17.01 -7.46
N GLN D 303 37.51 -16.95 -7.89
CA GLN D 303 36.44 -16.56 -7.02
C GLN D 303 35.93 -17.65 -6.11
N ILE D 304 36.45 -18.87 -6.24
CA ILE D 304 36.04 -19.95 -5.33
C ILE D 304 37.30 -20.60 -4.82
N ILE D 305 37.56 -20.47 -3.52
CA ILE D 305 38.83 -20.76 -2.92
C ILE D 305 38.72 -21.98 -2.02
N GLN D 306 39.86 -22.58 -1.72
CA GLN D 306 39.89 -23.80 -0.92
C GLN D 306 40.23 -23.42 0.53
N VAL D 307 39.36 -23.85 1.45
CA VAL D 307 39.61 -23.67 2.86
C VAL D 307 40.35 -24.88 3.45
N ARG D 308 41.48 -24.63 4.11
CA ARG D 308 42.17 -25.72 4.80
C ARG D 308 41.67 -25.99 6.23
N GLY D 309 41.50 -27.28 6.55
CA GLY D 309 40.75 -27.71 7.72
C GLY D 309 39.30 -27.26 7.58
N ASN D 310 38.56 -27.17 8.68
CA ASN D 310 37.15 -26.79 8.58
C ASN D 310 36.93 -25.30 8.85
N LEU D 311 36.00 -24.65 8.14
CA LEU D 311 35.69 -23.24 8.46
C LEU D 311 34.86 -23.14 9.75
N ASP D 312 35.39 -22.41 10.72
CA ASP D 312 34.68 -22.18 11.97
C ASP D 312 34.16 -20.76 12.01
N PHE D 313 32.86 -20.63 12.24
CA PHE D 313 32.16 -19.38 12.46
C PHE D 313 31.15 -19.74 13.53
N VAL D 314 30.49 -18.74 14.10
CA VAL D 314 29.47 -18.99 15.12
C VAL D 314 28.25 -19.61 14.50
N GLN D 315 27.98 -20.88 14.80
CA GLN D 315 26.91 -21.57 14.10
C GLN D 315 25.95 -22.39 14.93
N PRO D 316 24.63 -22.17 14.79
CA PRO D 316 23.73 -22.90 15.65
C PRO D 316 23.81 -24.40 15.40
N PRO D 317 23.87 -25.20 16.47
CA PRO D 317 23.99 -26.65 16.44
C PRO D 317 23.25 -27.27 15.24
N GLY D 348 14.64 -4.55 18.34
CA GLY D 348 14.26 -3.63 17.27
C GLY D 348 14.61 -4.32 15.97
N LEU D 349 15.18 -3.55 15.06
CA LEU D 349 15.65 -4.01 13.75
C LEU D 349 16.17 -5.42 13.71
N GLU D 350 16.88 -5.83 14.75
CA GLU D 350 17.51 -7.13 14.76
C GLU D 350 16.46 -8.19 14.53
N GLU D 351 15.23 -7.94 14.99
CA GLU D 351 14.17 -8.91 14.85
C GLU D 351 13.23 -8.65 13.66
N THR D 352 13.36 -7.52 12.99
CA THR D 352 12.44 -7.29 11.88
C THR D 352 13.17 -7.26 10.53
N PHE D 353 13.50 -6.07 10.00
CA PHE D 353 14.20 -5.93 8.70
C PHE D 353 15.42 -6.82 8.63
N CYS D 354 16.21 -6.81 9.71
CA CYS D 354 17.50 -7.44 9.66
C CYS D 354 17.44 -8.96 9.56
N SER D 355 16.28 -9.54 9.81
CA SER D 355 16.15 -10.98 9.77
C SER D 355 15.07 -11.48 8.81
N LEU D 356 14.84 -10.75 7.74
CA LEU D 356 13.92 -11.21 6.74
C LEU D 356 14.30 -12.60 6.19
N ARG D 357 13.30 -13.35 5.73
CA ARG D 357 13.53 -14.58 5.05
C ARG D 357 13.97 -14.35 3.60
N LEU D 358 15.07 -15.03 3.26
CA LEU D 358 15.70 -15.06 1.96
C LEU D 358 15.44 -16.37 1.24
N LYS D 359 15.09 -17.43 1.97
CA LYS D 359 14.88 -18.72 1.34
C LYS D 359 13.62 -19.48 1.61
N GLU D 360 13.25 -20.31 0.64
CA GLU D 360 12.18 -21.28 0.84
C GLU D 360 12.63 -22.58 0.18
N ASN D 361 12.35 -23.73 0.80
CA ASN D 361 12.58 -25.01 0.12
C ASN D 361 11.44 -25.39 -0.82
N ILE D 362 11.70 -25.37 -2.12
CA ILE D 362 10.64 -25.54 -3.13
C ILE D 362 10.64 -26.96 -3.73
N GLY D 363 11.79 -27.63 -3.55
CA GLY D 363 12.06 -28.99 -4.03
C GLY D 363 11.37 -30.12 -3.28
N ASN D 364 11.09 -29.91 -2.01
CA ASN D 364 10.48 -30.94 -1.16
C ASN D 364 9.17 -31.43 -1.77
N PRO D 365 9.00 -32.75 -1.91
CA PRO D 365 7.73 -33.37 -2.31
C PRO D 365 6.48 -32.94 -1.54
N GLU D 366 6.55 -32.78 -0.20
CA GLU D 366 5.35 -32.45 0.59
C GLU D 366 4.91 -30.99 0.36
N ARG D 367 5.79 -30.21 -0.24
CA ARG D 367 5.54 -28.79 -0.47
C ARG D 367 4.64 -28.51 -1.68
N ALA D 368 4.29 -29.53 -2.47
CA ALA D 368 3.54 -29.35 -3.72
C ALA D 368 2.22 -28.62 -3.57
N ASP D 369 1.93 -27.72 -4.51
CA ASP D 369 0.63 -27.05 -4.57
C ASP D 369 -0.33 -27.77 -5.51
N ILE D 370 0.24 -28.48 -6.50
CA ILE D 370 -0.54 -29.25 -7.45
C ILE D 370 0.06 -30.66 -7.41
N PHE D 371 -0.79 -31.67 -7.24
CA PHE D 371 -0.30 -33.04 -7.16
C PHE D 371 -1.33 -34.04 -7.69
N SER D 372 -0.91 -34.80 -8.71
CA SER D 372 -1.64 -36.01 -9.19
C SER D 372 -0.65 -37.18 -9.17
N PRO D 373 -1.00 -38.28 -8.50
CA PRO D 373 0.02 -39.34 -8.25
C PRO D 373 0.69 -39.94 -9.49
N ARG D 374 -0.08 -40.14 -10.59
CA ARG D 374 0.42 -40.64 -11.88
CA ARG D 374 0.52 -40.66 -11.84
C ARG D 374 0.97 -39.56 -12.81
N ALA D 375 0.80 -38.29 -12.46
CA ALA D 375 1.16 -37.21 -13.37
C ALA D 375 2.41 -36.46 -12.93
N GLY D 376 2.35 -35.90 -11.72
CA GLY D 376 3.45 -35.14 -11.13
C GLY D 376 2.98 -34.11 -10.09
N ARG D 377 3.92 -33.21 -9.82
CA ARG D 377 3.75 -32.20 -8.78
C ARG D 377 4.38 -30.91 -9.24
N ILE D 378 3.69 -29.82 -8.94
CA ILE D 378 4.23 -28.48 -9.18
C ILE D 378 4.15 -27.73 -7.86
N SER D 379 5.22 -27.02 -7.55
CA SER D 379 5.29 -26.10 -6.45
C SER D 379 5.62 -24.71 -6.97
N THR D 380 4.84 -23.72 -6.58
CA THR D 380 5.11 -22.33 -6.96
C THR D 380 5.56 -21.46 -5.77
N LEU D 381 6.32 -20.43 -6.07
CA LEU D 381 6.90 -19.56 -5.08
C LEU D 381 6.71 -18.12 -5.58
N ASN D 382 5.93 -17.34 -4.84
CA ASN D 382 5.69 -15.94 -5.17
C ASN D 382 5.46 -15.18 -3.85
N SER D 383 5.08 -13.89 -3.90
CA SER D 383 4.81 -13.09 -2.70
C SER D 383 3.86 -13.68 -1.67
N HIS D 384 3.01 -14.61 -2.03
CA HIS D 384 2.16 -15.19 -1.03
C HIS D 384 2.90 -16.21 -0.19
N ASN D 385 4.16 -16.46 -0.54
CA ASN D 385 4.98 -17.46 0.13
C ASN D 385 6.20 -16.86 0.74
N LEU D 386 6.91 -16.00 0.03
CA LEU D 386 8.17 -15.43 0.49
C LEU D 386 8.12 -13.90 0.36
N PRO D 387 8.00 -13.14 1.47
CA PRO D 387 7.66 -11.69 1.38
C PRO D 387 8.61 -10.86 0.49
N ILE D 388 9.90 -11.11 0.54
CA ILE D 388 10.85 -10.33 -0.26
C ILE D 388 10.64 -10.43 -1.77
N LEU D 389 9.91 -11.42 -2.26
CA LEU D 389 9.51 -11.41 -3.67
C LEU D 389 8.56 -10.26 -4.04
N ARG D 390 7.95 -9.60 -3.06
CA ARG D 390 7.11 -8.45 -3.35
C ARG D 390 8.02 -7.31 -3.80
N PHE D 391 9.09 -7.11 -3.06
CA PHE D 391 10.05 -6.11 -3.39
C PHE D 391 10.79 -6.48 -4.68
N LEU D 392 11.19 -7.74 -4.81
CA LEU D 392 12.06 -8.14 -5.93
C LEU D 392 11.28 -8.27 -7.25
N ARG D 393 9.98 -8.55 -7.15
CA ARG D 393 9.06 -8.82 -8.28
C ARG D 393 9.44 -10.02 -9.15
N LEU D 394 9.72 -11.17 -8.52
CA LEU D 394 10.04 -12.42 -9.21
C LEU D 394 9.19 -13.52 -8.64
N SER D 395 9.02 -14.60 -9.41
CA SER D 395 8.40 -15.82 -8.91
C SER D 395 9.25 -17.01 -9.32
N ALA D 396 8.90 -18.19 -8.84
CA ALA D 396 9.66 -19.34 -9.27
C ALA D 396 8.74 -20.53 -9.17
N GLU D 397 9.18 -21.62 -9.79
CA GLU D 397 8.41 -22.84 -9.85
C GLU D 397 9.33 -24.06 -9.79
N ARG D 398 8.85 -25.15 -9.20
CA ARG D 398 9.64 -26.37 -9.22
C ARG D 398 8.69 -27.51 -9.51
N GLY D 399 9.03 -28.35 -10.49
CA GLY D 399 8.08 -29.39 -10.90
C GLY D 399 8.82 -30.69 -10.97
N PHE D 400 8.09 -31.77 -10.73
CA PHE D 400 8.54 -33.14 -11.00
C PHE D 400 7.38 -33.82 -11.68
N PHE D 401 7.57 -34.08 -12.97
CA PHE D 401 6.63 -34.89 -13.76
C PHE D 401 7.10 -36.33 -13.82
N TYR D 402 6.14 -37.22 -13.64
CA TYR D 402 6.43 -38.64 -13.70
C TYR D 402 6.36 -39.08 -15.16
N ARG D 403 6.69 -40.38 -15.36
CA ARG D 403 6.75 -41.08 -16.64
C ARG D 403 5.61 -40.63 -17.53
N ASN D 404 5.93 -40.04 -18.67
CA ASN D 404 4.90 -39.55 -19.59
C ASN D 404 3.89 -38.55 -19.06
N GLY D 405 4.18 -37.87 -17.95
CA GLY D 405 3.23 -36.85 -17.50
C GLY D 405 3.27 -35.63 -18.40
N ILE D 406 2.11 -34.99 -18.51
CA ILE D 406 1.95 -33.81 -19.36
C ILE D 406 1.74 -32.57 -18.51
N TYR D 407 2.66 -31.62 -18.64
CA TYR D 407 2.40 -30.27 -18.16
C TYR D 407 1.46 -29.63 -19.13
N SER D 408 0.21 -29.50 -18.70
CA SER D 408 -0.91 -29.00 -19.49
C SER D 408 -0.60 -27.84 -20.41
N PRO D 409 -1.11 -27.88 -21.67
CA PRO D 409 -0.75 -26.70 -22.50
C PRO D 409 -1.26 -25.39 -21.88
N HIS D 410 -0.43 -24.37 -21.93
CA HIS D 410 -0.79 -23.14 -21.25
C HIS D 410 -0.02 -21.97 -21.83
N TRP D 411 -0.36 -20.77 -21.35
CA TRP D 411 0.51 -19.65 -21.59
C TRP D 411 0.79 -18.91 -20.31
N ASN D 412 1.98 -18.32 -20.25
CA ASN D 412 2.37 -17.42 -19.15
C ASN D 412 1.70 -16.04 -19.40
N VAL D 413 0.74 -15.73 -18.53
CA VAL D 413 0.00 -14.51 -18.53
C VAL D 413 0.88 -13.28 -18.29
N ASN D 414 1.75 -13.33 -17.28
CA ASN D 414 2.41 -12.09 -16.89
C ASN D 414 3.91 -12.11 -16.83
N ALA D 415 4.55 -13.18 -17.30
CA ALA D 415 6.03 -13.26 -17.14
C ALA D 415 6.62 -14.15 -18.20
N HIS D 416 7.94 -14.06 -18.41
CA HIS D 416 8.69 -15.07 -19.10
C HIS D 416 8.96 -16.16 -18.10
N SER D 417 9.03 -17.40 -18.57
CA SER D 417 9.50 -18.50 -17.74
C SER D 417 10.83 -19.03 -18.24
N VAL D 418 11.89 -18.88 -17.47
CA VAL D 418 13.21 -19.39 -17.86
C VAL D 418 13.38 -20.72 -17.12
N VAL D 419 13.49 -21.84 -17.85
CA VAL D 419 13.39 -23.17 -17.27
C VAL D 419 14.75 -23.88 -17.29
N TYR D 420 15.07 -24.50 -16.16
CA TYR D 420 16.29 -25.28 -15.99
C TYR D 420 15.90 -26.71 -15.70
N VAL D 421 16.43 -27.61 -16.52
CA VAL D 421 16.18 -29.04 -16.43
C VAL D 421 17.13 -29.69 -15.43
N ILE D 422 16.56 -30.17 -14.33
CA ILE D 422 17.36 -30.74 -13.27
C ILE D 422 17.67 -32.19 -13.58
N ARG D 423 16.68 -32.89 -14.12
CA ARG D 423 16.75 -34.32 -14.34
C ARG D 423 15.64 -34.76 -15.29
N GLY D 424 15.86 -35.83 -16.04
CA GLY D 424 14.85 -36.34 -16.95
C GLY D 424 14.91 -35.62 -18.28
N ASN D 425 13.80 -35.68 -18.99
CA ASN D 425 13.75 -34.97 -20.26
C ASN D 425 12.31 -34.84 -20.65
N ALA D 426 12.02 -33.92 -21.56
CA ALA D 426 10.65 -33.68 -21.95
C ALA D 426 10.64 -33.31 -23.41
N ARG D 427 9.54 -33.59 -24.10
CA ARG D 427 9.37 -32.93 -25.38
C ARG D 427 8.67 -31.60 -25.10
N VAL D 428 9.26 -30.52 -25.54
CA VAL D 428 8.70 -29.20 -25.33
C VAL D 428 8.41 -28.51 -26.67
N GLN D 429 7.19 -28.01 -26.86
CA GLN D 429 6.90 -27.01 -27.91
C GLN D 429 6.46 -25.68 -27.35
N VAL D 430 7.13 -24.62 -27.78
CA VAL D 430 6.80 -23.24 -27.45
C VAL D 430 6.29 -22.56 -28.71
N VAL D 431 5.11 -21.97 -28.66
CA VAL D 431 4.40 -21.47 -29.86
C VAL D 431 4.21 -19.94 -29.81
N ASN D 432 4.50 -19.22 -30.88
CA ASN D 432 4.29 -17.78 -30.93
C ASN D 432 2.90 -17.32 -31.40
N GLU D 433 2.76 -16.01 -31.62
CA GLU D 433 1.46 -15.42 -32.03
C GLU D 433 0.97 -15.85 -33.43
N ASN D 434 1.91 -16.27 -34.28
CA ASN D 434 1.59 -16.87 -35.57
C ASN D 434 1.19 -18.34 -35.58
N GLY D 435 1.38 -19.05 -34.47
CA GLY D 435 1.01 -20.45 -34.44
C GLY D 435 2.22 -21.27 -34.77
N ASP D 436 3.40 -20.65 -34.79
CA ASP D 436 4.65 -21.27 -35.22
C ASP D 436 5.44 -21.75 -34.00
N ALA D 437 5.80 -23.03 -33.99
CA ALA D 437 6.45 -23.60 -32.85
C ALA D 437 7.89 -23.13 -32.95
N ILE D 438 8.35 -22.24 -32.05
CA ILE D 438 9.72 -21.69 -32.14
C ILE D 438 10.74 -22.47 -31.32
N LEU D 439 10.25 -23.43 -30.55
CA LEU D 439 11.04 -24.47 -29.93
C LEU D 439 10.22 -25.72 -30.08
N ASP D 440 10.90 -26.75 -30.54
CA ASP D 440 10.38 -28.11 -30.57
C ASP D 440 11.56 -29.08 -30.34
N GLN D 441 11.63 -29.70 -29.17
CA GLN D 441 12.90 -30.33 -28.80
C GLN D 441 12.72 -31.29 -27.63
N GLU D 442 13.50 -32.38 -27.55
CA GLU D 442 13.62 -33.16 -26.30
C GLU D 442 14.59 -32.36 -25.48
N VAL D 443 14.15 -31.93 -24.32
CA VAL D 443 15.04 -31.17 -23.45
C VAL D 443 15.69 -32.15 -22.45
N GLN D 444 16.97 -31.94 -22.17
CA GLN D 444 17.73 -32.86 -21.36
C GLN D 444 18.25 -32.19 -20.07
N GLN D 445 18.54 -33.02 -19.06
CA GLN D 445 19.39 -32.66 -17.93
C GLN D 445 20.47 -31.63 -18.18
N GLY D 446 20.44 -30.53 -17.44
CA GLY D 446 21.49 -29.53 -17.55
C GLY D 446 21.20 -28.43 -18.55
N GLN D 447 20.08 -28.52 -19.24
CA GLN D 447 19.77 -27.49 -20.24
C GLN D 447 18.82 -26.43 -19.71
N LEU D 448 19.00 -25.23 -20.24
CA LEU D 448 18.11 -24.11 -20.01
C LEU D 448 17.36 -23.68 -21.32
N PHE D 449 16.07 -23.42 -21.21
CA PHE D 449 15.32 -22.80 -22.27
C PHE D 449 14.31 -21.78 -21.74
N ILE D 450 13.88 -20.92 -22.63
CA ILE D 450 13.09 -19.76 -22.25
C ILE D 450 11.71 -19.91 -22.88
N VAL D 451 10.66 -19.79 -22.04
CA VAL D 451 9.32 -19.63 -22.55
C VAL D 451 8.89 -18.16 -22.45
N PRO D 452 8.89 -17.43 -23.57
CA PRO D 452 8.55 -16.02 -23.47
C PRO D 452 7.10 -15.83 -23.07
N GLN D 453 6.81 -14.65 -22.53
CA GLN D 453 5.51 -14.29 -22.01
C GLN D 453 4.47 -14.48 -23.11
N ASN D 454 3.33 -15.10 -22.82
CA ASN D 454 2.17 -15.23 -23.71
C ASN D 454 2.22 -16.32 -24.81
N HIS D 455 3.41 -16.83 -25.09
CA HIS D 455 3.61 -17.98 -25.97
C HIS D 455 3.00 -19.22 -25.37
N GLY D 456 2.25 -20.00 -26.16
CA GLY D 456 1.79 -21.35 -25.79
C GLY D 456 2.94 -22.30 -25.48
N VAL D 457 2.76 -23.19 -24.51
CA VAL D 457 3.79 -24.19 -24.21
C VAL D 457 3.14 -25.50 -23.84
N ILE D 458 3.68 -26.58 -24.40
CA ILE D 458 3.27 -27.92 -24.00
C ILE D 458 4.51 -28.73 -23.72
N GLN D 459 4.45 -29.56 -22.69
CA GLN D 459 5.61 -30.34 -22.30
C GLN D 459 5.10 -31.73 -22.01
N GLN D 460 5.73 -32.76 -22.56
CA GLN D 460 5.53 -34.13 -22.07
C GLN D 460 6.81 -34.75 -21.55
N ALA D 461 6.77 -35.25 -20.32
CA ALA D 461 7.95 -35.95 -19.80
C ALA D 461 8.25 -37.30 -20.51
N GLY D 462 9.54 -37.54 -20.72
CA GLY D 462 10.02 -38.82 -21.18
C GLY D 462 9.76 -39.94 -20.18
N ASN D 463 10.40 -41.08 -20.44
CA ASN D 463 10.23 -42.31 -19.67
C ASN D 463 10.81 -42.34 -18.26
N GLN D 464 11.83 -41.53 -18.02
CA GLN D 464 12.33 -41.33 -16.67
C GLN D 464 11.72 -40.11 -15.96
N GLY D 465 10.67 -39.51 -16.54
CA GLY D 465 10.08 -38.29 -15.97
C GLY D 465 10.92 -37.05 -16.19
N PHE D 466 10.59 -35.98 -15.45
CA PHE D 466 11.09 -34.63 -15.79
C PHE D 466 11.08 -33.66 -14.60
N GLU D 467 12.25 -33.10 -14.31
CA GLU D 467 12.42 -32.26 -13.14
C GLU D 467 13.00 -30.95 -13.57
N TYR D 468 12.34 -29.87 -13.16
CA TYR D 468 12.80 -28.55 -13.56
C TYR D 468 12.55 -27.48 -12.46
N PHE D 469 13.34 -26.43 -12.55
CA PHE D 469 13.15 -25.21 -11.83
C PHE D 469 12.89 -24.15 -12.87
N ALA D 470 11.79 -23.39 -12.74
CA ALA D 470 11.51 -22.24 -13.61
C ALA D 470 11.59 -20.93 -12.84
N PHE D 471 12.24 -19.95 -13.44
CA PHE D 471 12.39 -18.62 -12.88
C PHE D 471 11.44 -17.73 -13.69
N LYS D 472 10.56 -16.99 -13.03
CA LYS D 472 9.51 -16.20 -13.68
C LYS D 472 9.69 -14.71 -13.39
N THR D 473 9.66 -13.86 -14.41
CA THR D 473 10.12 -12.49 -14.27
C THR D 473 8.99 -11.52 -13.89
N GLU D 474 8.05 -11.96 -13.07
CA GLU D 474 7.10 -11.04 -12.53
C GLU D 474 6.72 -11.53 -11.14
N GLU D 475 6.20 -10.61 -10.32
CA GLU D 475 5.65 -10.95 -9.02
C GLU D 475 4.35 -11.66 -9.29
N ASN D 476 4.11 -12.77 -8.59
CA ASN D 476 2.87 -13.53 -8.72
C ASN D 476 2.53 -13.94 -10.14
N ALA D 477 3.55 -14.48 -10.83
CA ALA D 477 3.46 -14.99 -12.18
C ALA D 477 2.44 -16.10 -12.15
N PHE D 478 1.58 -16.13 -13.15
CA PHE D 478 0.60 -17.18 -13.26
C PHE D 478 0.37 -17.54 -14.76
N ILE D 479 -0.36 -18.62 -15.01
CA ILE D 479 -0.46 -19.18 -16.33
C ILE D 479 -1.95 -19.32 -16.55
N ASN D 480 -2.33 -19.58 -17.80
CA ASN D 480 -3.68 -19.98 -18.11
C ASN D 480 -3.53 -21.30 -18.91
N THR D 481 -4.35 -22.28 -18.57
CA THR D 481 -4.24 -23.59 -19.24
C THR D 481 -5.24 -23.68 -20.34
N LEU D 482 -4.99 -24.60 -21.24
CA LEU D 482 -5.81 -24.84 -22.42
C LEU D 482 -6.45 -26.20 -22.27
N ALA D 483 -5.94 -27.02 -21.34
CA ALA D 483 -6.50 -28.36 -21.13
C ALA D 483 -6.68 -28.58 -19.64
N GLY D 484 -7.81 -29.11 -19.22
CA GLY D 484 -7.97 -29.47 -17.83
C GLY D 484 -9.10 -28.74 -17.16
N ARG D 485 -9.38 -29.15 -15.91
CA ARG D 485 -10.38 -28.59 -15.03
C ARG D 485 -10.36 -27.04 -14.92
N THR D 486 -9.24 -26.41 -15.27
CA THR D 486 -9.02 -25.00 -14.95
C THR D 486 -8.77 -24.24 -16.28
N SER D 487 -9.09 -24.88 -17.40
CA SER D 487 -8.66 -24.42 -18.72
C SER D 487 -9.51 -23.28 -19.21
N PHE D 488 -8.91 -22.54 -20.12
CA PHE D 488 -9.62 -21.53 -20.87
C PHE D 488 -10.91 -22.10 -21.53
N LEU D 489 -10.83 -23.31 -22.10
CA LEU D 489 -12.01 -23.97 -22.71
C LEU D 489 -13.22 -24.20 -21.83
N ARG D 490 -13.05 -24.65 -20.58
CA ARG D 490 -14.21 -24.74 -19.68
C ARG D 490 -14.84 -23.40 -19.37
N ALA D 491 -14.12 -22.31 -19.54
CA ALA D 491 -14.64 -21.00 -19.24
C ALA D 491 -15.62 -20.49 -20.29
N LEU D 492 -15.54 -21.01 -21.53
CA LEU D 492 -16.46 -20.58 -22.62
C LEU D 492 -17.83 -21.31 -22.72
N PRO D 493 -18.87 -20.60 -23.18
CA PRO D 493 -20.14 -21.33 -23.28
C PRO D 493 -19.99 -22.42 -24.36
N ASP D 494 -20.86 -23.42 -24.34
CA ASP D 494 -20.71 -24.62 -25.17
C ASP D 494 -20.82 -24.18 -26.63
N GLU D 495 -21.84 -23.39 -26.94
CA GLU D 495 -22.01 -22.86 -28.29
C GLU D 495 -20.89 -21.99 -28.82
N VAL D 496 -20.14 -21.31 -27.96
CA VAL D 496 -19.02 -20.55 -28.50
C VAL D 496 -17.89 -21.46 -28.88
N LEU D 497 -17.68 -22.52 -28.11
CA LEU D 497 -16.80 -23.62 -28.57
C LEU D 497 -17.32 -24.23 -29.88
N ALA D 498 -18.62 -24.55 -29.95
CA ALA D 498 -19.17 -25.18 -31.15
C ALA D 498 -18.88 -24.30 -32.39
N ASN D 499 -19.35 -23.06 -32.36
CA ASN D 499 -19.04 -22.11 -33.42
C ASN D 499 -17.58 -21.84 -33.71
N ALA D 500 -16.80 -21.68 -32.64
CA ALA D 500 -15.42 -21.26 -32.79
C ALA D 500 -14.62 -22.30 -33.56
N TYR D 501 -14.89 -23.55 -33.24
CA TYR D 501 -14.10 -24.70 -33.73
C TYR D 501 -14.87 -25.58 -34.74
N GLN D 502 -16.10 -25.19 -35.04
CA GLN D 502 -16.95 -25.82 -36.03
C GLN D 502 -17.03 -27.28 -35.71
N ILE D 503 -17.55 -27.57 -34.52
CA ILE D 503 -17.66 -28.93 -33.97
C ILE D 503 -19.07 -29.05 -33.39
N SER D 504 -19.48 -30.26 -33.05
CA SER D 504 -20.81 -30.45 -32.48
C SER D 504 -20.80 -29.95 -31.04
N ARG D 505 -21.98 -29.74 -30.46
CA ARG D 505 -22.12 -29.52 -29.01
C ARG D 505 -21.50 -30.66 -28.19
N GLU D 506 -21.70 -31.89 -28.64
CA GLU D 506 -21.06 -33.01 -27.97
C GLU D 506 -19.53 -32.99 -28.03
N GLN D 507 -18.94 -32.71 -29.20
CA GLN D 507 -17.48 -32.54 -29.22
C GLN D 507 -17.03 -31.39 -28.27
N ALA D 508 -17.83 -30.32 -28.16
CA ALA D 508 -17.51 -29.18 -27.30
C ALA D 508 -17.45 -29.62 -25.85
N ARG D 509 -18.40 -30.45 -25.42
CA ARG D 509 -18.39 -30.98 -24.06
C ARG D 509 -17.30 -31.99 -23.77
N GLN D 510 -16.74 -32.62 -24.78
CA GLN D 510 -15.59 -33.48 -24.56
C GLN D 510 -14.32 -32.67 -24.35
N LEU D 511 -14.20 -31.62 -25.15
CA LEU D 511 -13.12 -30.65 -25.03
C LEU D 511 -13.11 -30.02 -23.63
N LYS D 512 -14.28 -29.81 -23.06
CA LYS D 512 -14.32 -29.28 -21.70
C LYS D 512 -13.93 -30.33 -20.67
N TYR D 513 -14.66 -31.45 -20.72
CA TYR D 513 -14.71 -32.36 -19.63
C TYR D 513 -13.89 -33.65 -19.72
N ASN D 514 -13.25 -33.95 -20.85
CA ASN D 514 -12.57 -35.26 -20.90
C ASN D 514 -11.28 -35.38 -20.09
N ARG D 515 -10.72 -34.22 -19.75
CA ARG D 515 -9.50 -34.15 -18.93
C ARG D 515 -9.94 -33.66 -17.55
N GLN D 516 -9.91 -34.56 -16.56
CA GLN D 516 -10.49 -34.27 -15.24
C GLN D 516 -9.42 -33.82 -14.23
N GLU D 517 -8.21 -33.52 -14.70
CA GLU D 517 -7.12 -33.11 -13.83
C GLU D 517 -6.85 -31.64 -14.08
N THR D 518 -6.06 -30.95 -13.26
CA THR D 518 -5.94 -29.51 -13.42
C THR D 518 -4.73 -29.10 -14.26
N ILE D 519 -3.53 -29.33 -13.75
CA ILE D 519 -2.32 -28.87 -14.44
C ILE D 519 -1.29 -29.96 -14.74
N ALA D 520 -1.07 -30.88 -13.81
CA ALA D 520 -0.16 -32.00 -14.09
C ALA D 520 -1.07 -33.10 -14.67
N LEU D 521 -0.89 -33.48 -15.93
CA LEU D 521 -1.83 -34.38 -16.60
C LEU D 521 -1.23 -35.79 -16.75
N SER D 522 -2.02 -36.82 -16.49
CA SER D 522 -1.42 -38.18 -16.55
C SER D 522 -1.54 -38.75 -17.97
N SER D 523 -0.46 -39.29 -18.53
CA SER D 523 -0.47 -39.79 -19.92
C SER D 523 -1.60 -40.80 -20.13
N SER E 7 25.62 3.52 -26.82
CA SER E 7 24.89 2.21 -26.93
C SER E 7 23.93 1.97 -25.73
N PRO E 8 22.62 2.28 -25.88
CA PRO E 8 21.65 2.11 -24.77
C PRO E 8 21.69 0.77 -24.04
N GLN E 9 21.94 -0.30 -24.79
CA GLN E 9 22.16 -1.64 -24.25
C GLN E 9 23.43 -1.69 -23.35
N ASN E 10 24.40 -0.83 -23.66
CA ASN E 10 25.70 -0.81 -22.98
C ASN E 10 26.12 0.54 -22.35
N GLN E 11 25.16 1.37 -21.97
CA GLN E 11 25.46 2.79 -21.72
C GLN E 11 26.13 3.06 -20.39
N CYS E 12 26.19 2.06 -19.53
CA CYS E 12 26.86 2.24 -18.26
C CYS E 12 28.21 1.54 -18.22
N GLN E 13 28.72 1.12 -19.37
CA GLN E 13 30.05 0.52 -19.48
C GLN E 13 31.04 1.65 -19.64
N LEU E 14 31.17 2.50 -18.63
CA LEU E 14 31.95 3.74 -18.74
C LEU E 14 33.43 3.45 -18.58
N ASN E 15 34.23 3.94 -19.52
CA ASN E 15 35.66 3.65 -19.46
C ASN E 15 36.41 4.68 -18.60
N GLN E 16 35.93 5.92 -18.60
CA GLN E 16 36.57 7.03 -17.93
C GLN E 16 35.55 8.06 -17.47
N LEU E 17 35.88 8.81 -16.41
CA LEU E 17 35.01 9.83 -15.79
C LEU E 17 35.75 11.07 -15.32
N GLN E 18 35.09 12.23 -15.42
CA GLN E 18 35.63 13.48 -14.90
C GLN E 18 34.61 14.34 -14.13
N ALA E 19 35.05 15.08 -13.12
CA ALA E 19 34.20 16.07 -12.47
C ALA E 19 34.52 17.41 -13.08
N ARG E 20 33.49 18.19 -13.38
CA ARG E 20 33.66 19.43 -14.14
C ARG E 20 32.59 20.44 -13.83
N GLU E 21 32.95 21.73 -14.01
CA GLU E 21 31.97 22.80 -13.97
C GLU E 21 31.02 22.66 -15.14
N PRO E 22 29.96 23.49 -15.19
CA PRO E 22 29.06 23.52 -16.32
C PRO E 22 29.75 23.75 -17.67
N ASP E 23 29.06 23.40 -18.76
CA ASP E 23 29.60 23.51 -20.12
C ASP E 23 29.13 24.76 -20.83
N ASN E 24 27.90 25.20 -20.55
CA ASN E 24 27.19 26.22 -21.30
C ASN E 24 26.65 27.24 -20.33
N ARG E 25 26.16 28.35 -20.88
CA ARG E 25 25.89 29.58 -20.17
C ARG E 25 24.74 30.24 -20.89
N ILE E 26 23.76 30.76 -20.19
CA ILE E 26 22.71 31.48 -20.87
C ILE E 26 22.48 32.69 -20.02
N GLN E 27 22.91 33.82 -20.57
CA GLN E 27 22.85 35.11 -19.90
C GLN E 27 21.40 35.59 -20.04
N ALA E 28 20.81 36.11 -18.98
CA ALA E 28 19.49 36.73 -19.08
C ALA E 28 19.44 38.09 -18.38
N GLU E 29 18.27 38.71 -18.34
CA GLU E 29 18.16 40.07 -17.85
C GLU E 29 18.67 40.13 -16.43
N ALA E 30 18.07 39.32 -15.54
CA ALA E 30 18.32 39.39 -14.10
C ALA E 30 18.88 38.08 -13.59
N GLY E 31 19.69 37.41 -14.38
CA GLY E 31 20.34 36.21 -13.89
C GLY E 31 20.85 35.37 -15.02
N GLN E 32 21.36 34.18 -14.70
CA GLN E 32 21.89 33.28 -15.70
C GLN E 32 21.57 31.81 -15.38
N ILE E 33 21.52 30.94 -16.39
CA ILE E 33 21.37 29.49 -16.20
C ILE E 33 22.52 28.78 -16.91
N GLU E 34 23.31 28.00 -16.16
CA GLU E 34 24.46 27.27 -16.71
C GLU E 34 24.07 25.82 -16.72
N THR E 35 24.69 25.00 -17.58
CA THR E 35 24.24 23.65 -17.79
C THR E 35 25.42 22.75 -18.01
N TRP E 36 25.32 21.53 -17.48
CA TRP E 36 26.29 20.54 -17.83
C TRP E 36 25.56 19.78 -18.91
N ASN E 37 26.33 19.28 -19.86
CA ASN E 37 25.75 18.77 -21.06
C ASN E 37 25.16 17.36 -20.84
N PHE E 38 23.83 17.22 -20.94
CA PHE E 38 23.21 15.93 -20.62
C PHE E 38 23.50 14.77 -21.54
N ASN E 39 24.25 15.01 -22.63
CA ASN E 39 24.64 13.96 -23.57
C ASN E 39 25.96 13.26 -23.29
N GLN E 40 26.53 13.41 -22.11
CA GLN E 40 27.81 12.75 -21.88
C GLN E 40 27.62 11.31 -21.40
N GLY E 41 28.66 10.49 -21.59
CA GLY E 41 28.61 9.05 -21.27
C GLY E 41 27.92 8.88 -19.92
N ASP E 42 28.32 9.70 -18.95
CA ASP E 42 28.04 9.40 -17.54
C ASP E 42 26.73 9.94 -17.01
N PHE E 43 26.26 11.05 -17.58
CA PHE E 43 24.92 11.57 -17.33
C PHE E 43 23.84 10.70 -17.94
N GLN E 44 24.14 10.10 -19.08
CA GLN E 44 23.20 9.22 -19.74
C GLN E 44 23.07 7.92 -18.95
N CYS E 45 24.20 7.40 -18.47
CA CYS E 45 24.17 6.34 -17.49
C CYS E 45 23.29 6.67 -16.24
N ALA E 46 23.53 7.80 -15.59
CA ALA E 46 22.75 8.14 -14.41
C ALA E 46 21.28 8.45 -14.72
N GLY E 47 21.00 9.00 -15.89
CA GLY E 47 19.63 9.29 -16.28
C GLY E 47 19.28 10.64 -15.70
N VAL E 48 20.27 11.50 -15.52
CA VAL E 48 20.02 12.81 -14.93
C VAL E 48 20.58 13.92 -15.80
N ALA E 49 19.90 15.07 -15.82
CA ALA E 49 20.46 16.31 -16.35
C ALA E 49 20.66 17.36 -15.21
N ALA E 50 21.72 18.16 -15.30
CA ALA E 50 22.02 19.16 -14.28
C ALA E 50 22.17 20.59 -14.84
N SER E 51 21.46 21.53 -14.24
CA SER E 51 21.72 22.92 -14.51
C SER E 51 22.02 23.65 -13.19
N ARG E 52 22.82 24.72 -13.25
CA ARG E 52 22.97 25.66 -12.14
C ARG E 52 22.38 27.02 -12.50
N ILE E 53 21.45 27.53 -11.71
CA ILE E 53 20.82 28.79 -12.00
C ILE E 53 21.22 29.83 -10.94
N THR E 54 21.61 31.02 -11.38
CA THR E 54 21.80 32.14 -10.46
C THR E 54 20.87 33.31 -10.79
N ILE E 55 20.00 33.68 -9.84
CA ILE E 55 19.09 34.82 -9.93
C ILE E 55 19.63 36.03 -9.13
N GLN E 56 19.97 37.09 -9.85
CA GLN E 56 20.38 38.32 -9.21
C GLN E 56 19.23 38.99 -8.51
N ARG E 57 19.59 39.88 -7.58
CA ARG E 57 18.65 40.68 -6.81
C ARG E 57 17.42 41.08 -7.57
N ASN E 58 16.27 40.97 -6.92
CA ASN E 58 14.98 41.28 -7.53
C ASN E 58 14.67 40.51 -8.84
N GLY E 59 15.45 39.46 -9.12
CA GLY E 59 15.24 38.57 -10.26
C GLY E 59 14.04 37.65 -10.11
N LEU E 60 13.31 37.45 -11.21
CA LEU E 60 12.15 36.54 -11.20
C LEU E 60 12.42 35.48 -12.26
N HIS E 61 12.54 34.21 -11.84
CA HIS E 61 12.67 33.09 -12.78
C HIS E 61 11.25 32.72 -13.23
N LEU E 62 11.01 32.83 -14.53
CA LEU E 62 9.64 32.76 -15.07
C LEU E 62 9.06 31.35 -14.94
N PRO E 63 7.72 31.22 -14.94
CA PRO E 63 7.20 29.88 -14.67
C PRO E 63 7.53 28.88 -15.79
N SER E 64 7.99 27.69 -15.41
CA SER E 64 8.17 26.60 -16.34
C SER E 64 7.79 25.29 -15.66
N TYR E 65 7.73 24.22 -16.44
CA TYR E 65 7.60 22.86 -15.95
C TYR E 65 8.46 22.03 -16.87
N SER E 66 8.89 20.87 -16.36
CA SER E 66 9.75 19.89 -17.03
C SER E 66 9.02 18.55 -17.10
N ASN E 67 9.44 17.70 -18.03
CA ASN E 67 8.94 16.31 -18.12
C ASN E 67 9.64 15.41 -17.11
N ALA E 68 10.75 15.90 -16.55
CA ALA E 68 11.52 15.21 -15.53
C ALA E 68 11.23 15.76 -14.12
N PRO E 69 11.12 14.86 -13.13
CA PRO E 69 11.02 15.41 -11.78
C PRO E 69 12.38 15.91 -11.35
N GLN E 70 12.39 16.92 -10.48
CA GLN E 70 13.69 17.44 -10.04
C GLN E 70 13.77 17.75 -8.56
N LEU E 71 15.03 17.81 -8.13
CA LEU E 71 15.39 18.26 -6.80
C LEU E 71 16.22 19.49 -7.03
N ILE E 72 15.89 20.56 -6.32
CA ILE E 72 16.68 21.80 -6.35
C ILE E 72 17.38 22.04 -5.02
N TYR E 73 18.71 22.19 -5.07
CA TYR E 73 19.49 22.52 -3.89
C TYR E 73 19.91 24.00 -3.88
N ILE E 74 19.46 24.75 -2.88
CA ILE E 74 19.84 26.15 -2.79
C ILE E 74 21.24 26.27 -2.22
N VAL E 75 22.23 26.62 -3.06
CA VAL E 75 23.58 26.77 -2.52
C VAL E 75 23.81 28.11 -1.83
N GLN E 76 23.11 29.16 -2.25
CA GLN E 76 23.30 30.44 -1.56
C GLN E 76 22.12 31.37 -1.75
N GLY E 77 21.83 32.19 -0.75
CA GLY E 77 20.80 33.18 -0.92
C GLY E 77 19.47 32.85 -0.32
N ARG E 78 18.49 33.69 -0.60
CA ARG E 78 17.23 33.72 0.13
C ARG E 78 16.17 34.15 -0.93
N GLY E 79 15.00 33.54 -0.88
CA GLY E 79 14.07 33.65 -2.00
C GLY E 79 12.72 33.05 -1.69
N VAL E 80 11.82 33.16 -2.65
CA VAL E 80 10.48 32.64 -2.55
C VAL E 80 10.23 31.76 -3.77
N LEU E 81 9.52 30.65 -3.58
CA LEU E 81 9.20 29.77 -4.69
C LEU E 81 7.69 29.62 -4.72
N GLY E 82 7.09 29.77 -5.89
CA GLY E 82 5.66 29.49 -5.97
C GLY E 82 5.52 28.29 -6.89
N ALA E 83 5.06 27.14 -6.37
CA ALA E 83 4.79 25.97 -7.19
C ALA E 83 3.26 25.89 -7.35
N VAL E 84 2.79 25.52 -8.55
CA VAL E 84 1.34 25.47 -8.74
C VAL E 84 0.70 24.08 -8.80
N PHE E 85 -0.35 23.94 -8.01
CA PHE E 85 -1.08 22.70 -7.93
C PHE E 85 -2.46 22.74 -8.58
N SER E 86 -2.48 22.15 -9.77
CA SER E 86 -3.69 21.96 -10.58
C SER E 86 -4.97 21.69 -9.84
N GLY E 87 -5.82 22.70 -9.78
CA GLY E 87 -7.12 22.52 -9.16
C GLY E 87 -7.23 22.80 -7.67
N CYS E 88 -6.11 23.07 -7.01
CA CYS E 88 -6.14 23.52 -5.62
C CYS E 88 -6.55 24.97 -5.51
N PRO E 89 -7.45 25.31 -4.58
CA PRO E 89 -7.80 26.72 -4.43
C PRO E 89 -6.63 27.66 -4.03
N GLU E 90 -6.84 28.95 -4.29
CA GLU E 90 -5.92 30.01 -3.85
C GLU E 90 -6.19 30.32 -2.40
N THR E 91 -5.21 30.07 -1.54
CA THR E 91 -5.52 30.13 -0.10
C THR E 91 -4.77 31.28 0.55
N PHE E 92 -3.83 31.89 -0.17
CA PHE E 92 -3.18 33.10 0.26
C PHE E 92 -3.95 34.29 -0.36
N GLU E 93 -5.03 34.74 0.27
CA GLU E 93 -5.80 35.85 -0.27
C GLU E 93 -5.80 37.12 0.62
N GLU E 94 -5.60 38.30 0.02
CA GLU E 94 -5.98 39.56 0.69
C GLU E 94 -7.37 39.57 1.30
N SER E 95 -7.57 40.33 2.37
CA SER E 95 -8.83 40.23 3.09
C SER E 95 -9.81 41.19 2.46
N GLN E 96 -11.10 40.98 2.66
CA GLN E 96 -12.05 42.00 2.21
C GLN E 96 -12.41 42.99 3.33
N GLN E 97 -12.58 44.25 2.92
CA GLN E 97 -13.09 45.37 3.77
C GLN E 97 -12.26 45.70 5.03
N ARG E 165 -13.77 40.95 -7.98
CA ARG E 165 -12.70 41.22 -7.03
C ARG E 165 -11.37 41.57 -7.71
N GLN E 166 -10.75 42.64 -7.23
CA GLN E 166 -9.41 43.05 -7.67
C GLN E 166 -8.43 43.10 -6.47
N LEU E 167 -8.66 42.19 -5.52
CA LEU E 167 -7.70 41.84 -4.46
C LEU E 167 -6.81 40.72 -4.99
N ASP E 168 -5.54 40.75 -4.60
CA ASP E 168 -4.58 39.68 -4.91
C ASP E 168 -5.01 38.40 -4.22
N ARG E 169 -4.64 37.28 -4.84
CA ARG E 169 -5.12 35.96 -4.43
C ARG E 169 -4.27 34.99 -5.17
N HIS E 170 -3.75 34.00 -4.47
CA HIS E 170 -2.89 33.06 -5.13
C HIS E 170 -2.69 31.84 -4.25
N GLN E 171 -1.80 30.97 -4.71
CA GLN E 171 -1.58 29.67 -4.09
C GLN E 171 -0.39 29.91 -3.20
N LYS E 172 -0.31 29.14 -2.10
CA LYS E 172 0.82 29.12 -1.18
C LYS E 172 2.15 29.41 -1.83
N THR E 173 2.87 30.32 -1.22
CA THR E 173 4.17 30.71 -1.71
C THR E 173 5.14 30.11 -0.68
N ARG E 174 6.39 29.84 -1.01
CA ARG E 174 7.25 29.12 -0.06
C ARG E 174 8.58 29.85 0.01
N ARG E 175 9.04 30.09 1.23
CA ARG E 175 10.36 30.64 1.45
C ARG E 175 11.41 29.61 1.13
N ILE E 176 12.45 29.98 0.43
CA ILE E 176 13.56 29.06 0.22
C ILE E 176 14.83 29.73 0.70
N ARG E 177 15.81 28.96 1.15
CA ARG E 177 17.06 29.52 1.66
C ARG E 177 18.19 28.50 1.56
N GLU E 178 19.42 28.99 1.62
CA GLU E 178 20.59 28.12 1.49
C GLU E 178 20.45 26.79 2.26
N GLY E 179 20.79 25.66 1.65
CA GLY E 179 20.61 24.37 2.34
C GLY E 179 19.23 23.73 2.21
N ASP E 180 18.25 24.47 1.66
CA ASP E 180 16.94 23.91 1.31
C ASP E 180 17.05 23.06 0.05
N VAL E 181 16.31 21.94 0.08
CA VAL E 181 16.22 21.07 -1.07
C VAL E 181 14.78 21.20 -1.41
N VAL E 182 14.46 21.40 -2.68
CA VAL E 182 13.03 21.39 -3.03
C VAL E 182 12.74 20.41 -4.16
N ALA E 183 11.60 19.74 -4.01
CA ALA E 183 11.17 18.71 -4.90
C ALA E 183 10.05 19.26 -5.77
N ILE E 184 10.32 19.33 -7.06
CA ILE E 184 9.31 19.70 -8.08
C ILE E 184 8.96 18.49 -8.95
N PRO E 185 7.73 17.94 -8.78
CA PRO E 185 7.33 16.84 -9.65
C PRO E 185 7.29 17.16 -11.16
N ALA E 186 7.41 16.13 -11.99
CA ALA E 186 7.23 16.27 -13.44
C ALA E 186 5.92 16.99 -13.80
N GLY E 187 5.97 17.88 -14.80
CA GLY E 187 4.79 18.65 -15.21
C GLY E 187 4.15 19.60 -14.20
N VAL E 188 4.91 19.99 -13.17
CA VAL E 188 4.35 20.92 -12.16
C VAL E 188 5.03 22.26 -12.42
N ALA E 189 4.23 23.30 -12.60
CA ALA E 189 4.79 24.65 -12.92
C ALA E 189 5.28 25.44 -11.70
N TYR E 190 6.50 25.97 -11.75
CA TYR E 190 6.90 26.87 -10.69
C TYR E 190 7.67 28.11 -11.17
N TRP E 191 7.60 29.16 -10.33
CA TRP E 191 8.49 30.32 -10.42
C TRP E 191 9.24 30.57 -9.11
N SER E 192 10.51 30.96 -9.23
CA SER E 192 11.28 31.54 -8.12
C SER E 192 11.58 33.04 -8.27
N TYR E 193 11.69 33.70 -7.11
CA TYR E 193 12.00 35.13 -6.99
C TYR E 193 13.03 35.42 -5.89
N ASN E 194 14.09 36.13 -6.26
CA ASN E 194 15.12 36.52 -5.31
C ASN E 194 14.81 37.84 -4.66
N ASP E 195 14.29 37.80 -3.45
CA ASP E 195 14.00 39.05 -2.73
C ASP E 195 15.07 39.33 -1.66
N GLY E 196 16.28 38.83 -1.89
CA GLY E 196 17.31 38.87 -0.89
C GLY E 196 18.42 39.76 -1.37
N ASP E 197 19.51 39.77 -0.60
CA ASP E 197 20.60 40.72 -0.78
C ASP E 197 21.53 40.16 -1.82
N GLN E 198 21.98 38.95 -1.54
CA GLN E 198 22.91 38.25 -2.40
C GLN E 198 22.15 37.58 -3.54
N GLU E 199 22.93 37.16 -4.54
CA GLU E 199 22.46 36.24 -5.56
C GLU E 199 21.89 34.96 -4.96
N LEU E 200 20.72 34.56 -5.46
CA LEU E 200 20.16 33.24 -5.19
C LEU E 200 20.85 32.27 -6.14
N VAL E 201 21.47 31.21 -5.61
CA VAL E 201 22.16 30.24 -6.48
C VAL E 201 21.68 28.82 -6.20
N ALA E 202 21.24 28.13 -7.25
CA ALA E 202 20.59 26.83 -7.10
C ALA E 202 21.12 25.84 -8.11
N VAL E 203 21.40 24.60 -7.69
CA VAL E 203 21.58 23.50 -8.62
C VAL E 203 20.26 22.72 -8.79
N ASN E 204 19.95 22.47 -10.06
CA ASN E 204 18.76 21.76 -10.46
C ASN E 204 19.18 20.41 -10.98
N LEU E 205 18.74 19.32 -10.35
CA LEU E 205 18.99 18.00 -10.94
C LEU E 205 17.69 17.42 -11.47
N PHE E 206 17.67 17.00 -12.73
CA PHE E 206 16.48 16.41 -13.37
C PHE E 206 16.70 14.92 -13.50
N HIS E 207 15.75 14.14 -13.00
CA HIS E 207 15.79 12.72 -13.21
C HIS E 207 15.10 12.40 -14.53
N VAL E 208 15.89 12.32 -15.60
CA VAL E 208 15.34 12.10 -16.94
C VAL E 208 14.85 10.65 -17.09
N SER E 209 15.57 9.68 -16.53
CA SER E 209 15.12 8.30 -16.63
C SER E 209 14.06 7.98 -15.61
N SER E 210 13.44 8.98 -15.04
CA SER E 210 12.31 8.72 -14.16
C SER E 210 11.14 8.12 -14.92
N ASP E 211 10.37 7.25 -14.28
CA ASP E 211 9.09 6.74 -14.82
C ASP E 211 8.08 7.84 -15.01
N HIS E 212 8.31 8.98 -14.37
CA HIS E 212 7.37 10.05 -14.52
C HIS E 212 7.55 10.70 -15.87
N ASN E 213 8.71 10.50 -16.50
CA ASN E 213 9.01 11.00 -17.84
C ASN E 213 8.58 10.01 -18.93
N GLN E 214 7.40 10.21 -19.52
CA GLN E 214 6.98 9.36 -20.65
C GLN E 214 7.40 9.86 -22.06
N LEU E 215 8.09 11.00 -22.14
CA LEU E 215 8.62 11.52 -23.41
C LEU E 215 9.88 10.74 -23.74
N ASP E 216 11.06 11.30 -23.72
CA ASP E 216 12.22 10.50 -23.98
C ASP E 216 13.38 10.99 -23.13
N GLN E 217 14.58 10.48 -23.38
CA GLN E 217 15.73 10.83 -22.59
C GLN E 217 16.31 12.19 -22.97
N ASN E 218 15.53 13.25 -22.80
CA ASN E 218 15.93 14.60 -23.13
C ASN E 218 15.18 15.45 -22.13
N PRO E 219 15.93 16.19 -21.30
CA PRO E 219 15.27 17.09 -20.36
C PRO E 219 14.57 18.22 -21.13
N ARG E 220 13.30 18.44 -20.88
CA ARG E 220 12.64 19.56 -21.54
C ARG E 220 12.21 20.60 -20.52
N LYS E 221 12.26 21.86 -20.93
CA LYS E 221 11.70 22.91 -20.11
C LYS E 221 10.60 23.58 -20.94
N PHE E 222 9.37 23.57 -20.44
CA PHE E 222 8.23 24.20 -21.09
C PHE E 222 7.98 25.49 -20.30
N TYR E 223 8.42 26.64 -20.81
CA TYR E 223 8.12 27.97 -20.24
C TYR E 223 6.73 28.46 -20.47
N LEU E 224 6.12 29.08 -19.48
CA LEU E 224 4.75 29.55 -19.59
C LEU E 224 4.66 31.07 -19.73
N ALA E 225 5.83 31.69 -19.85
CA ALA E 225 5.91 33.15 -19.96
C ALA E 225 7.27 33.45 -20.51
N GLY E 226 7.41 34.61 -21.15
CA GLY E 226 8.68 35.02 -21.71
C GLY E 226 9.04 34.40 -23.05
N ASN E 227 10.19 34.82 -23.55
CA ASN E 227 10.76 34.28 -24.77
C ASN E 227 12.11 33.67 -24.43
N PRO E 228 12.08 32.55 -23.70
CA PRO E 228 13.31 32.03 -23.10
C PRO E 228 14.22 31.51 -24.18
N GLU E 229 15.51 31.59 -23.93
CA GLU E 229 16.43 30.87 -24.78
C GLU E 229 16.61 29.52 -24.12
N ASN E 230 15.84 28.51 -24.56
CA ASN E 230 15.78 27.18 -23.88
C ASN E 230 17.15 26.58 -23.57
N GLU E 231 17.31 26.13 -22.32
CA GLU E 231 18.64 25.80 -21.77
C GLU E 231 19.08 24.39 -22.14
N PHE E 232 18.19 23.62 -22.73
CA PHE E 232 18.44 22.21 -22.99
C PHE E 232 18.67 21.82 -24.46
N ASN E 233 18.79 22.81 -25.35
CA ASN E 233 18.83 22.54 -26.79
C ASN E 233 20.25 22.41 -27.36
N GLN E 234 21.18 22.07 -26.46
CA GLN E 234 22.62 21.80 -26.70
C GLN E 234 22.89 20.53 -27.55
N ASN E 267 6.25 35.66 -32.96
CA ASN E 267 5.98 34.49 -32.09
C ASN E 267 7.26 33.86 -31.53
N GLY E 268 7.39 33.89 -30.21
CA GLY E 268 8.63 33.42 -29.58
C GLY E 268 8.52 31.96 -29.25
N ASN E 269 9.07 31.54 -28.10
CA ASN E 269 8.94 30.13 -27.70
C ASN E 269 8.50 29.84 -26.27
N ASN E 270 7.22 29.99 -26.04
CA ASN E 270 6.65 29.52 -24.80
C ASN E 270 5.39 28.75 -25.17
N VAL E 271 4.87 27.91 -24.29
CA VAL E 271 3.75 27.11 -24.77
C VAL E 271 2.60 27.96 -25.35
N PHE E 272 2.37 29.14 -24.81
CA PHE E 272 1.25 29.99 -25.20
C PHE E 272 1.51 30.53 -26.61
N SER E 273 2.79 30.66 -26.94
CA SER E 273 3.20 31.25 -28.18
C SER E 273 2.94 30.32 -29.37
N GLY E 274 2.36 29.15 -29.12
CA GLY E 274 2.10 28.19 -30.18
C GLY E 274 0.63 28.08 -30.48
N PHE E 275 -0.23 28.64 -29.64
CA PHE E 275 -1.64 28.63 -29.92
C PHE E 275 -2.00 29.75 -30.91
N ASN E 276 -3.25 29.72 -31.35
CA ASN E 276 -3.73 30.70 -32.30
C ASN E 276 -4.15 31.85 -31.40
N THR E 277 -3.52 33.00 -31.66
CA THR E 277 -3.75 34.21 -30.88
C THR E 277 -5.20 34.56 -30.59
N GLN E 278 -6.11 34.48 -31.56
CA GLN E 278 -7.51 34.81 -31.24
C GLN E 278 -8.24 33.65 -30.63
N LEU E 279 -7.82 32.42 -30.93
CA LEU E 279 -8.32 31.27 -30.17
C LEU E 279 -7.88 31.45 -28.71
N LEU E 280 -6.57 31.57 -28.50
CA LEU E 280 -6.06 31.90 -27.15
C LEU E 280 -6.92 32.97 -26.48
N ALA E 281 -7.03 34.14 -27.11
CA ALA E 281 -7.79 35.26 -26.54
C ALA E 281 -9.23 34.92 -26.23
N GLN E 282 -9.87 34.14 -27.09
CA GLN E 282 -11.26 33.78 -26.83
C GLN E 282 -11.37 32.76 -25.71
N ALA E 283 -10.39 31.88 -25.57
CA ALA E 283 -10.37 30.98 -24.40
C ALA E 283 -10.32 31.81 -23.09
N LEU E 284 -9.32 32.70 -23.05
CA LEU E 284 -9.07 33.63 -21.96
C LEU E 284 -10.20 34.61 -21.72
N ASN E 285 -10.94 34.88 -22.79
CA ASN E 285 -12.05 35.81 -22.78
C ASN E 285 -11.49 37.22 -22.56
N VAL E 286 -10.33 37.47 -23.15
CA VAL E 286 -9.57 38.67 -22.87
C VAL E 286 -9.45 39.41 -24.24
N ASN E 287 -8.71 40.52 -24.38
CA ASN E 287 -8.57 41.05 -25.75
C ASN E 287 -7.36 40.41 -26.41
N GLU E 288 -7.27 40.55 -27.73
CA GLU E 288 -6.22 39.90 -28.50
C GLU E 288 -4.84 40.51 -28.25
N GLU E 289 -4.80 41.68 -27.63
CA GLU E 289 -3.54 42.38 -27.43
C GLU E 289 -2.96 41.93 -26.10
N THR E 290 -3.85 41.70 -25.12
CA THR E 290 -3.49 41.00 -23.90
C THR E 290 -2.89 39.62 -24.22
N ALA E 291 -3.62 38.80 -25.00
CA ALA E 291 -3.16 37.46 -25.43
C ALA E 291 -1.81 37.43 -26.14
N ARG E 292 -1.52 38.46 -26.91
CA ARG E 292 -0.25 38.47 -27.61
C ARG E 292 0.94 38.70 -26.65
N ASN E 293 0.64 39.23 -25.46
CA ASN E 293 1.63 39.39 -24.40
C ASN E 293 2.06 38.05 -23.78
N LEU E 294 1.08 37.20 -23.45
CA LEU E 294 1.30 35.78 -23.10
C LEU E 294 2.29 35.12 -24.03
N GLN E 295 2.21 35.42 -25.32
CA GLN E 295 3.01 34.74 -26.34
C GLN E 295 4.43 35.24 -26.35
N GLY E 296 4.64 36.39 -25.74
CA GLY E 296 5.99 36.91 -25.54
C GLY E 296 6.91 37.02 -26.75
N GLN E 297 6.38 37.56 -27.86
CA GLN E 297 7.17 37.74 -29.11
C GLN E 297 8.15 38.93 -29.00
N ASN E 298 7.68 40.00 -28.36
CA ASN E 298 8.56 41.15 -28.11
C ASN E 298 9.27 41.13 -26.74
N ASP E 299 9.20 40.00 -26.02
CA ASP E 299 9.91 39.85 -24.75
C ASP E 299 11.40 39.66 -24.99
N ASN E 300 12.21 40.61 -24.52
CA ASN E 300 13.65 40.61 -24.78
C ASN E 300 14.50 40.01 -23.65
N ARG E 301 13.85 39.65 -22.56
CA ARG E 301 14.51 39.49 -21.25
C ARG E 301 15.09 38.10 -20.93
N ASN E 302 14.70 37.08 -21.69
CA ASN E 302 14.99 35.67 -21.38
C ASN E 302 14.25 35.15 -20.15
N GLN E 303 14.74 34.11 -19.50
CA GLN E 303 13.86 33.43 -18.56
C GLN E 303 13.91 33.91 -17.10
N ILE E 304 15.01 34.60 -16.77
CA ILE E 304 15.09 35.34 -15.51
C ILE E 304 15.00 36.86 -15.78
N ILE E 305 13.86 37.44 -15.46
CA ILE E 305 13.56 38.87 -15.65
C ILE E 305 13.74 39.74 -14.40
N GLN E 306 13.94 41.05 -14.60
CA GLN E 306 14.05 42.05 -13.51
C GLN E 306 12.76 42.79 -13.10
N VAL E 307 12.47 42.77 -11.81
CA VAL E 307 11.46 43.61 -11.14
C VAL E 307 12.21 44.89 -10.63
N ARG E 308 11.72 46.15 -10.69
CA ARG E 308 10.37 46.67 -11.00
C ARG E 308 9.59 46.92 -9.71
N GLY E 309 10.17 47.69 -8.80
CA GLY E 309 9.76 47.65 -7.39
C GLY E 309 10.79 46.71 -6.80
N ASN E 310 10.50 45.84 -5.82
CA ASN E 310 9.28 45.67 -5.03
C ASN E 310 8.17 44.75 -5.52
N LEU E 311 8.48 43.47 -5.67
CA LEU E 311 7.45 42.47 -5.99
C LEU E 311 6.57 42.20 -4.80
N ASP E 312 5.27 42.39 -4.96
CA ASP E 312 4.28 42.26 -3.90
C ASP E 312 3.27 41.14 -4.10
N PHE E 313 3.04 40.36 -3.04
CA PHE E 313 2.09 39.26 -3.03
C PHE E 313 1.57 39.06 -1.63
N VAL E 314 0.44 38.40 -1.42
CA VAL E 314 -0.04 38.09 -0.09
C VAL E 314 0.97 37.17 0.58
N GLN E 315 1.77 37.74 1.48
CA GLN E 315 2.85 36.98 2.09
C GLN E 315 2.85 37.07 3.62
N PRO E 316 2.95 35.91 4.31
CA PRO E 316 2.97 35.90 5.78
C PRO E 316 4.23 36.59 6.30
N PRO E 317 4.08 37.37 7.38
CA PRO E 317 5.19 38.24 7.77
C PRO E 317 6.01 37.56 8.86
N GLY E 348 -11.05 20.92 3.62
CA GLY E 348 -10.87 19.65 2.93
C GLY E 348 -9.55 19.52 2.21
N LEU E 349 -9.58 19.68 0.89
CA LEU E 349 -8.40 19.50 0.04
C LEU E 349 -7.30 20.52 0.22
N GLU E 350 -7.64 21.75 0.58
CA GLU E 350 -6.63 22.81 0.77
C GLU E 350 -5.64 22.46 1.88
N GLU E 351 -6.15 21.72 2.86
CA GLU E 351 -5.36 21.31 4.03
C GLU E 351 -4.72 19.90 3.93
N THR E 352 -4.98 19.17 2.85
CA THR E 352 -4.36 17.86 2.67
C THR E 352 -3.42 17.83 1.44
N PHE E 353 -3.84 17.30 0.29
CA PHE E 353 -2.97 17.25 -0.89
C PHE E 353 -2.44 18.61 -1.26
N CYS E 354 -3.23 19.64 -1.06
CA CYS E 354 -2.88 20.92 -1.64
C CYS E 354 -1.84 21.63 -0.83
N SER E 355 -1.71 21.26 0.45
CA SER E 355 -0.64 21.85 1.28
C SER E 355 0.50 20.86 1.60
N LEU E 356 0.84 20.01 0.64
CA LEU E 356 1.86 19.00 0.86
C LEU E 356 3.21 19.68 0.98
N ARG E 357 4.20 18.96 1.49
CA ARG E 357 5.48 19.57 1.66
C ARG E 357 6.47 19.30 0.55
N LEU E 358 7.13 20.37 0.12
CA LEU E 358 8.05 20.34 -1.00
C LEU E 358 9.50 20.48 -0.63
N LYS E 359 9.81 21.03 0.52
CA LYS E 359 11.24 21.22 0.80
C LYS E 359 11.65 20.82 2.20
N GLU E 360 12.93 20.52 2.39
CA GLU E 360 13.48 20.30 3.71
C GLU E 360 14.82 21.01 3.75
N ASN E 361 15.24 21.54 4.90
CA ASN E 361 16.58 22.12 4.97
C ASN E 361 17.62 21.10 5.40
N ILE E 362 18.49 20.73 4.48
CA ILE E 362 19.35 19.59 4.64
C ILE E 362 20.77 20.08 4.94
N GLY E 363 20.99 21.40 4.86
CA GLY E 363 22.33 22.01 4.94
C GLY E 363 22.67 22.48 6.36
N ASN E 364 21.62 22.83 7.10
CA ASN E 364 21.59 23.06 8.52
C ASN E 364 22.37 22.03 9.36
N PRO E 365 23.48 22.44 10.00
CA PRO E 365 24.35 21.52 10.76
C PRO E 365 23.67 20.65 11.84
N GLU E 366 22.63 21.20 12.48
CA GLU E 366 21.87 20.54 13.54
C GLU E 366 20.92 19.48 13.01
N ARG E 367 20.86 19.34 11.69
CA ARG E 367 20.04 18.35 10.99
C ARG E 367 20.79 17.03 10.71
N ALA E 368 22.08 16.99 11.01
CA ALA E 368 22.92 15.85 10.74
C ALA E 368 22.34 14.52 11.19
N ASP E 369 22.58 13.46 10.43
CA ASP E 369 22.18 12.10 10.83
C ASP E 369 23.36 11.25 11.28
N ILE E 370 24.51 11.48 10.66
CA ILE E 370 25.78 10.93 11.11
C ILE E 370 26.60 12.16 11.53
N PHE E 371 27.32 12.10 12.66
CA PHE E 371 28.20 13.22 13.03
C PHE E 371 29.34 12.74 13.89
N SER E 372 30.56 13.00 13.44
CA SER E 372 31.72 12.79 14.28
C SER E 372 32.56 14.04 14.20
N PRO E 373 32.82 14.72 15.35
CA PRO E 373 33.39 16.08 15.38
C PRO E 373 34.72 16.26 14.66
N ARG E 374 35.54 15.23 14.56
CA ARG E 374 36.79 15.44 13.80
C ARG E 374 36.71 15.05 12.33
N ALA E 375 35.64 14.37 11.95
CA ALA E 375 35.46 13.82 10.60
C ALA E 375 34.50 14.59 9.68
N GLY E 376 33.26 14.73 10.10
CA GLY E 376 32.28 15.47 9.32
C GLY E 376 30.88 15.06 9.73
N ARG E 377 29.91 15.69 9.10
CA ARG E 377 28.50 15.35 9.31
C ARG E 377 27.89 15.00 7.94
N ILE E 378 26.81 14.21 7.94
CA ILE E 378 26.10 13.85 6.72
C ILE E 378 24.63 13.89 7.08
N SER E 379 23.87 14.54 6.21
CA SER E 379 22.41 14.53 6.29
C SER E 379 21.88 13.86 5.02
N THR E 380 20.87 13.05 5.22
CA THR E 380 20.38 12.16 4.20
C THR E 380 18.90 12.56 4.07
N LEU E 381 18.36 12.65 2.86
CA LEU E 381 16.94 12.97 2.66
C LEU E 381 16.20 11.89 1.82
N ASN E 382 15.08 11.41 2.33
CA ASN E 382 14.32 10.38 1.63
C ASN E 382 12.89 10.32 2.13
N SER E 383 12.16 9.24 1.87
CA SER E 383 10.75 9.21 2.24
C SER E 383 10.44 9.15 3.73
N HIS E 384 11.41 8.73 4.54
CA HIS E 384 11.26 8.80 5.98
C HIS E 384 11.38 10.23 6.54
N ASN E 385 11.69 11.20 5.67
CA ASN E 385 11.72 12.63 6.04
C ASN E 385 10.74 13.50 5.24
N LEU E 386 10.74 13.38 3.91
CA LEU E 386 9.91 14.17 3.00
C LEU E 386 8.93 13.25 2.26
N PRO E 387 7.64 13.32 2.58
CA PRO E 387 6.65 12.42 2.00
C PRO E 387 6.69 12.27 0.46
N ILE E 388 6.84 13.39 -0.26
CA ILE E 388 6.70 13.45 -1.70
C ILE E 388 7.74 12.62 -2.43
N LEU E 389 8.85 12.34 -1.77
CA LEU E 389 9.89 11.50 -2.31
C LEU E 389 9.45 10.04 -2.52
N ARG E 390 8.34 9.63 -1.91
CA ARG E 390 7.84 8.31 -2.17
C ARG E 390 7.26 8.28 -3.60
N PHE E 391 6.32 9.17 -3.87
CA PHE E 391 5.84 9.43 -5.22
C PHE E 391 7.01 9.64 -6.19
N LEU E 392 7.94 10.56 -5.92
CA LEU E 392 9.07 10.85 -6.85
C LEU E 392 10.17 9.81 -6.99
N ARG E 393 10.29 8.94 -5.99
CA ARG E 393 11.32 7.89 -5.96
C ARG E 393 12.73 8.44 -6.16
N LEU E 394 13.04 9.51 -5.42
CA LEU E 394 14.34 10.17 -5.37
C LEU E 394 14.84 10.31 -3.95
N SER E 395 16.14 10.45 -3.75
CA SER E 395 16.74 10.76 -2.45
C SER E 395 17.87 11.76 -2.66
N ALA E 396 18.33 12.37 -1.55
CA ALA E 396 19.49 13.29 -1.53
C ALA E 396 20.34 13.14 -0.25
N GLU E 397 21.39 13.94 -0.21
CA GLU E 397 22.36 13.89 0.83
C GLU E 397 23.17 15.18 0.82
N ARG E 398 23.48 15.68 2.01
CA ARG E 398 24.31 16.86 2.12
C ARG E 398 25.37 16.56 3.17
N GLY E 399 26.63 16.63 2.80
CA GLY E 399 27.69 16.35 3.74
C GLY E 399 28.61 17.53 3.85
N PHE E 400 29.27 17.62 5.00
CA PHE E 400 30.34 18.58 5.29
C PHE E 400 31.44 17.79 5.97
N PHE E 401 32.52 17.52 5.23
CA PHE E 401 33.66 16.81 5.77
C PHE E 401 34.69 17.82 6.24
N TYR E 402 35.17 17.68 7.47
CA TYR E 402 36.19 18.59 8.00
C TYR E 402 37.50 18.15 7.38
N ARG E 403 38.56 18.94 7.59
CA ARG E 403 39.84 18.67 6.95
C ARG E 403 40.31 17.22 7.13
N ASN E 404 40.75 16.65 6.02
CA ASN E 404 41.28 15.29 5.95
C ASN E 404 40.33 14.16 6.29
N GLY E 405 39.07 14.50 6.53
CA GLY E 405 38.02 13.52 6.78
C GLY E 405 37.78 12.62 5.57
N ILE E 406 37.50 11.36 5.85
CA ILE E 406 37.28 10.31 4.86
C ILE E 406 35.82 9.91 4.89
N TYR E 407 35.18 9.96 3.73
CA TYR E 407 33.87 9.36 3.57
C TYR E 407 34.17 7.89 3.38
N SER E 408 33.76 7.05 4.32
CA SER E 408 34.12 5.63 4.29
C SER E 408 33.95 5.04 2.89
N PRO E 409 34.91 4.21 2.42
CA PRO E 409 34.70 3.51 1.16
C PRO E 409 33.40 2.70 1.18
N HIS E 410 32.63 2.81 0.12
CA HIS E 410 31.29 2.22 0.09
C HIS E 410 30.81 2.03 -1.34
N TRP E 411 29.68 1.34 -1.44
CA TRP E 411 28.95 1.33 -2.69
C TRP E 411 27.51 1.76 -2.50
N ASN E 412 26.93 2.46 -3.49
CA ASN E 412 25.50 2.71 -3.49
C ASN E 412 24.76 1.43 -3.88
N VAL E 413 23.89 0.96 -3.02
CA VAL E 413 23.22 -0.29 -3.27
C VAL E 413 22.10 -0.11 -4.30
N ASN E 414 21.35 0.98 -4.24
CA ASN E 414 20.13 1.01 -5.03
C ASN E 414 19.96 2.23 -5.94
N ALA E 415 21.03 2.97 -6.19
CA ALA E 415 20.89 4.22 -6.90
C ALA E 415 22.25 4.67 -7.40
N HIS E 416 22.23 5.71 -8.24
CA HIS E 416 23.41 6.47 -8.65
C HIS E 416 23.46 7.68 -7.74
N SER E 417 24.65 8.20 -7.41
CA SER E 417 24.68 9.60 -6.96
C SER E 417 25.42 10.49 -7.92
N VAL E 418 24.79 11.64 -8.12
CA VAL E 418 25.31 12.77 -8.81
C VAL E 418 25.65 13.78 -7.72
N VAL E 419 26.95 14.05 -7.62
CA VAL E 419 27.54 14.84 -6.57
C VAL E 419 27.98 16.22 -7.09
N TYR E 420 27.44 17.26 -6.45
CA TYR E 420 27.80 18.63 -6.68
C TYR E 420 28.65 19.13 -5.51
N VAL E 421 29.90 19.48 -5.82
CA VAL E 421 30.83 20.10 -4.88
C VAL E 421 30.49 21.57 -4.57
N ILE E 422 30.03 21.77 -3.35
CA ILE E 422 29.65 23.07 -2.84
C ILE E 422 30.85 23.97 -2.48
N ARG E 423 31.85 23.40 -1.84
CA ARG E 423 33.00 24.15 -1.34
CA ARG E 423 32.99 24.15 -1.32
C ARG E 423 34.09 23.14 -1.04
N GLY E 424 35.34 23.59 -1.02
CA GLY E 424 36.45 22.70 -0.66
C GLY E 424 36.81 21.74 -1.76
N ASN E 425 37.48 20.64 -1.39
CA ASN E 425 37.98 19.71 -2.36
C ASN E 425 38.20 18.32 -1.75
N ALA E 426 38.35 17.30 -2.59
CA ALA E 426 38.50 15.92 -2.11
C ALA E 426 39.13 15.04 -3.18
N ARG E 427 39.82 14.02 -2.72
CA ARG E 427 40.40 13.04 -3.58
C ARG E 427 39.28 12.00 -3.68
N VAL E 428 38.76 11.84 -4.89
CA VAL E 428 37.67 10.92 -5.15
C VAL E 428 38.18 9.80 -6.06
N GLN E 429 37.74 8.58 -5.79
CA GLN E 429 37.99 7.46 -6.65
C GLN E 429 36.74 6.62 -6.77
N VAL E 430 36.36 6.30 -8.00
CA VAL E 430 35.17 5.53 -8.26
C VAL E 430 35.62 4.28 -9.01
N VAL E 431 35.20 3.12 -8.53
CA VAL E 431 35.75 1.87 -8.97
C VAL E 431 34.68 0.94 -9.56
N ASN E 432 34.88 0.46 -10.78
CA ASN E 432 33.93 -0.48 -11.40
C ASN E 432 34.17 -1.97 -11.08
N GLU E 433 33.41 -2.84 -11.75
CA GLU E 433 33.37 -4.22 -11.32
C GLU E 433 34.58 -5.00 -11.78
N ASN E 434 35.45 -4.35 -12.55
CA ASN E 434 36.70 -4.97 -13.00
C ASN E 434 37.83 -4.62 -12.04
N GLY E 435 37.57 -3.62 -11.20
CA GLY E 435 38.52 -3.20 -10.19
C GLY E 435 39.28 -1.99 -10.66
N ASP E 436 38.73 -1.25 -11.62
CA ASP E 436 39.45 -0.11 -12.20
C ASP E 436 38.81 1.17 -11.78
N ALA E 437 39.63 2.11 -11.34
CA ALA E 437 39.14 3.37 -10.81
C ALA E 437 38.85 4.15 -12.05
N ILE E 438 37.57 4.40 -12.36
CA ILE E 438 37.16 5.10 -13.55
C ILE E 438 37.01 6.60 -13.31
N LEU E 439 37.01 7.02 -12.04
CA LEU E 439 37.27 8.41 -11.70
C LEU E 439 38.44 8.35 -10.73
N ASP E 440 39.34 9.32 -10.85
CA ASP E 440 40.45 9.54 -9.91
C ASP E 440 40.86 11.01 -10.04
N GLN E 441 40.47 11.83 -9.10
CA GLN E 441 40.58 13.26 -9.33
C GLN E 441 40.42 14.00 -8.02
N GLU E 442 40.93 15.21 -7.96
CA GLU E 442 40.70 16.10 -6.84
C GLU E 442 39.61 17.02 -7.34
N VAL E 443 38.41 16.74 -6.87
CA VAL E 443 37.26 17.48 -7.32
C VAL E 443 37.25 18.84 -6.61
N GLN E 444 36.57 19.81 -7.20
CA GLN E 444 36.74 21.20 -6.86
C GLN E 444 35.39 21.90 -6.69
N GLN E 445 35.33 22.85 -5.76
CA GLN E 445 34.24 23.82 -5.74
C GLN E 445 33.60 23.91 -7.12
N GLY E 446 32.28 23.76 -7.17
CA GLY E 446 31.51 23.99 -8.39
C GLY E 446 31.51 22.89 -9.45
N GLN E 447 32.20 21.80 -9.18
CA GLN E 447 32.24 20.69 -10.10
C GLN E 447 31.16 19.66 -9.80
N LEU E 448 30.82 18.85 -10.81
CA LEU E 448 29.86 17.81 -10.60
C LEU E 448 30.46 16.49 -11.03
N PHE E 449 30.16 15.42 -10.32
CA PHE E 449 30.57 14.10 -10.79
C PHE E 449 29.51 13.08 -10.40
N ILE E 450 29.66 11.87 -10.97
CA ILE E 450 28.67 10.81 -10.89
C ILE E 450 29.31 9.54 -10.32
N VAL E 451 28.63 8.91 -9.36
CA VAL E 451 29.06 7.63 -8.82
C VAL E 451 27.95 6.69 -9.21
N PRO E 452 28.20 5.83 -10.22
CA PRO E 452 27.18 4.94 -10.72
C PRO E 452 26.76 3.92 -9.67
N GLN E 453 25.54 3.41 -9.79
CA GLN E 453 25.05 2.38 -8.92
C GLN E 453 26.11 1.29 -8.74
N ASN E 454 26.23 0.78 -7.51
CA ASN E 454 27.07 -0.35 -7.24
C ASN E 454 28.59 -0.16 -7.35
N HIS E 455 29.02 1.01 -7.78
CA HIS E 455 30.43 1.29 -7.96
C HIS E 455 31.02 1.70 -6.61
N GLY E 456 32.18 1.16 -6.28
CA GLY E 456 32.85 1.44 -5.02
C GLY E 456 33.38 2.85 -5.04
N VAL E 457 33.33 3.53 -3.89
CA VAL E 457 33.76 4.94 -3.83
C VAL E 457 34.42 5.32 -2.49
N ILE E 458 35.52 6.05 -2.62
CA ILE E 458 36.25 6.54 -1.45
C ILE E 458 36.48 8.04 -1.65
N GLN E 459 36.38 8.80 -0.58
CA GLN E 459 36.57 10.24 -0.73
C GLN E 459 37.33 10.76 0.49
N GLN E 460 38.40 11.51 0.26
CA GLN E 460 39.04 12.18 1.38
C GLN E 460 39.03 13.69 1.23
N ALA E 461 38.47 14.38 2.21
CA ALA E 461 38.40 15.83 2.19
C ALA E 461 39.81 16.42 2.16
N GLY E 462 39.94 17.56 1.50
CA GLY E 462 41.22 18.24 1.41
C GLY E 462 41.58 18.98 2.69
N ASN E 463 42.36 20.04 2.56
CA ASN E 463 42.83 20.71 3.74
C ASN E 463 41.84 21.73 4.29
N GLN E 464 41.05 22.31 3.39
CA GLN E 464 39.92 23.20 3.71
C GLN E 464 38.60 22.45 3.93
N GLY E 465 38.65 21.11 3.86
CA GLY E 465 37.46 20.27 4.01
C GLY E 465 36.63 20.17 2.74
N PHE E 466 35.37 19.73 2.87
CA PHE E 466 34.59 19.31 1.69
C PHE E 466 33.09 19.33 1.99
N GLU E 467 32.33 20.16 1.28
CA GLU E 467 30.87 20.15 1.35
C GLU E 467 30.30 19.77 0.00
N TYR E 468 29.36 18.83 -0.01
CA TYR E 468 28.70 18.44 -1.27
C TYR E 468 27.20 18.24 -1.04
N PHE E 469 26.44 18.28 -2.14
CA PHE E 469 25.05 17.82 -2.20
C PHE E 469 25.04 16.63 -3.15
N ALA E 470 24.39 15.54 -2.77
CA ALA E 470 24.32 14.37 -3.65
C ALA E 470 22.86 14.13 -3.99
N PHE E 471 22.60 13.85 -5.26
CA PHE E 471 21.27 13.53 -5.78
C PHE E 471 21.27 12.00 -6.03
N LYS E 472 20.27 11.33 -5.49
CA LYS E 472 20.29 9.91 -5.61
C LYS E 472 19.00 9.44 -6.30
N THR E 473 19.17 8.50 -7.23
CA THR E 473 18.17 8.19 -8.25
C THR E 473 17.25 7.02 -7.86
N GLU E 474 17.07 6.79 -6.55
CA GLU E 474 16.07 5.87 -6.09
C GLU E 474 15.42 6.35 -4.80
N GLU E 475 14.18 5.94 -4.52
CA GLU E 475 13.56 6.09 -3.20
C GLU E 475 14.46 5.42 -2.14
N ASN E 476 14.54 6.04 -0.97
CA ASN E 476 15.36 5.53 0.15
C ASN E 476 16.70 4.91 -0.26
N ALA E 477 17.50 5.67 -0.98
CA ALA E 477 18.83 5.23 -1.40
C ALA E 477 19.74 4.90 -0.21
N PHE E 478 20.51 3.84 -0.32
CA PHE E 478 21.45 3.55 0.77
C PHE E 478 22.78 2.98 0.28
N ILE E 479 23.74 2.90 1.19
CA ILE E 479 25.08 2.47 0.88
C ILE E 479 25.44 1.27 1.73
N ASN E 480 26.53 0.61 1.35
CA ASN E 480 27.11 -0.40 2.20
C ASN E 480 28.54 0.05 2.30
N THR E 481 29.04 0.21 3.52
CA THR E 481 30.40 0.66 3.66
C THR E 481 31.31 -0.52 3.64
N LEU E 482 32.57 -0.21 3.44
CA LEU E 482 33.62 -1.18 3.40
C LEU E 482 34.55 -0.95 4.60
N ALA E 483 34.27 0.05 5.45
CA ALA E 483 35.09 0.38 6.64
C ALA E 483 34.27 1.05 7.75
N GLY E 484 34.51 0.68 9.00
CA GLY E 484 33.85 1.37 10.11
C GLY E 484 32.87 0.39 10.72
N ARG E 485 32.13 0.81 11.74
CA ARG E 485 31.35 -0.12 12.56
C ARG E 485 30.18 -0.74 11.85
N THR E 486 29.77 -0.19 10.72
CA THR E 486 28.69 -0.86 10.01
C THR E 486 29.14 -1.40 8.67
N SER E 487 30.41 -1.74 8.53
CA SER E 487 30.94 -2.17 7.26
C SER E 487 30.56 -3.62 7.00
N PHE E 488 30.60 -3.93 5.72
CA PHE E 488 30.57 -5.26 5.16
C PHE E 488 31.49 -6.23 5.92
N LEU E 489 32.73 -5.82 6.18
CA LEU E 489 33.74 -6.65 6.80
C LEU E 489 33.35 -7.09 8.21
N ARG E 490 32.78 -6.17 9.01
CA ARG E 490 32.24 -6.58 10.32
C ARG E 490 31.20 -7.68 10.20
N ALA E 491 30.51 -7.80 9.06
CA ALA E 491 29.42 -8.79 8.94
C ALA E 491 29.89 -10.25 8.69
N LEU E 492 31.17 -10.45 8.36
CA LEU E 492 31.61 -11.80 7.99
C LEU E 492 32.32 -12.43 9.13
N PRO E 493 32.17 -13.75 9.26
CA PRO E 493 32.93 -14.45 10.28
C PRO E 493 34.43 -14.10 10.15
N ASP E 494 35.18 -14.09 11.25
CA ASP E 494 36.65 -13.84 11.24
C ASP E 494 37.37 -14.75 10.23
N GLU E 495 37.06 -16.04 10.35
CA GLU E 495 37.60 -17.02 9.45
C GLU E 495 37.24 -16.86 7.97
N VAL E 496 36.02 -16.42 7.61
CA VAL E 496 35.83 -16.09 6.18
C VAL E 496 36.65 -14.90 5.70
N LEU E 497 36.95 -13.94 6.55
CA LEU E 497 37.83 -12.87 6.19
C LEU E 497 39.27 -13.39 5.99
N ALA E 498 39.75 -14.17 6.96
CA ALA E 498 41.11 -14.73 6.97
C ALA E 498 41.41 -15.51 5.71
N ASN E 499 40.52 -16.46 5.40
CA ASN E 499 40.55 -17.22 4.17
C ASN E 499 40.39 -16.40 2.91
N ALA E 500 39.60 -15.32 2.94
CA ALA E 500 39.29 -14.65 1.70
C ALA E 500 40.49 -13.84 1.29
N TYR E 501 41.15 -13.28 2.29
CA TYR E 501 42.16 -12.26 2.06
C TYR E 501 43.56 -12.82 2.36
N GLN E 502 43.59 -14.09 2.80
CA GLN E 502 44.82 -14.78 3.16
C GLN E 502 45.58 -13.96 4.20
N ILE E 503 44.99 -13.81 5.38
CA ILE E 503 45.59 -13.05 6.46
C ILE E 503 45.35 -13.86 7.72
N SER E 504 45.97 -13.44 8.82
CA SER E 504 45.77 -14.15 10.09
C SER E 504 44.46 -13.74 10.73
N ARG E 505 43.91 -14.63 11.55
CA ARG E 505 42.72 -14.35 12.35
C ARG E 505 42.78 -13.03 13.10
N GLU E 506 43.99 -12.66 13.53
CA GLU E 506 44.16 -11.40 14.25
C GLU E 506 44.31 -10.16 13.32
N GLN E 507 44.83 -10.33 12.10
CA GLN E 507 44.77 -9.24 11.14
C GLN E 507 43.33 -9.06 10.65
N ALA E 508 42.50 -10.09 10.83
CA ALA E 508 41.11 -10.05 10.37
C ALA E 508 40.29 -9.14 11.29
N ARG E 509 40.38 -9.43 12.58
CA ARG E 509 39.85 -8.60 13.65
C ARG E 509 40.35 -7.16 13.55
N GLN E 510 41.55 -6.97 13.02
CA GLN E 510 42.08 -5.63 12.87
C GLN E 510 41.28 -4.87 11.82
N LEU E 511 41.04 -5.51 10.66
CA LEU E 511 40.13 -5.00 9.62
C LEU E 511 38.74 -4.73 10.16
N LYS E 512 38.18 -5.66 10.92
CA LYS E 512 36.88 -5.44 11.55
C LYS E 512 36.82 -4.21 12.47
N TYR E 513 37.76 -4.10 13.42
CA TYR E 513 37.56 -3.21 14.56
C TYR E 513 38.50 -2.03 14.74
N ASN E 514 39.55 -1.96 13.94
CA ASN E 514 40.45 -0.83 14.03
C ASN E 514 39.86 0.54 13.76
N ARG E 515 38.90 0.63 12.86
CA ARG E 515 38.14 1.87 12.64
C ARG E 515 36.81 1.78 13.38
N GLN E 516 36.69 2.64 14.39
CA GLN E 516 35.59 2.61 15.31
C GLN E 516 34.70 3.83 15.05
N GLU E 517 34.39 4.07 13.78
CA GLU E 517 33.42 5.09 13.39
C GLU E 517 32.51 4.47 12.37
N THR E 518 31.47 5.16 11.94
CA THR E 518 30.51 4.51 11.05
C THR E 518 30.77 4.95 9.62
N ILE E 519 30.54 6.22 9.31
CA ILE E 519 30.57 6.62 7.93
C ILE E 519 31.54 7.74 7.66
N ALA E 520 31.56 8.77 8.52
CA ALA E 520 32.54 9.85 8.46
C ALA E 520 33.71 9.44 9.36
N LEU E 521 34.87 9.34 8.72
CA LEU E 521 36.03 8.78 9.34
C LEU E 521 37.05 9.90 9.58
N SER E 522 37.56 9.98 10.80
CA SER E 522 38.57 10.96 11.16
C SER E 522 39.92 10.46 10.65
N SER E 523 40.70 11.38 10.09
CA SER E 523 42.07 11.05 9.74
C SER E 523 42.99 12.17 10.21
N SER F 7 15.10 7.28 -33.49
CA SER F 7 15.89 6.88 -32.27
C SER F 7 14.98 6.76 -31.04
N PRO F 8 14.97 5.58 -30.38
CA PRO F 8 14.19 5.45 -29.14
C PRO F 8 14.67 6.41 -28.04
N GLN F 9 15.93 6.83 -28.10
CA GLN F 9 16.44 7.84 -27.18
C GLN F 9 15.81 9.21 -27.44
N ASN F 10 15.34 9.43 -28.68
CA ASN F 10 14.74 10.71 -29.13
C ASN F 10 13.34 10.56 -29.70
N GLN F 11 12.73 9.41 -29.52
CA GLN F 11 11.46 9.09 -30.17
C GLN F 11 10.30 10.05 -29.93
N CYS F 12 10.50 11.04 -29.06
CA CYS F 12 9.43 12.00 -28.82
C CYS F 12 9.73 13.39 -29.34
N GLN F 13 10.84 13.53 -30.02
CA GLN F 13 11.13 14.74 -30.76
C GLN F 13 10.42 14.71 -32.12
N LEU F 14 9.11 14.89 -32.06
CA LEU F 14 8.27 14.81 -33.22
C LEU F 14 8.25 16.15 -33.97
N ASN F 15 8.44 16.09 -35.29
CA ASN F 15 8.35 17.29 -36.10
C ASN F 15 6.95 17.75 -36.42
N GLN F 16 6.07 16.82 -36.81
CA GLN F 16 4.84 17.26 -37.46
C GLN F 16 3.59 16.35 -37.38
N LEU F 17 3.21 15.92 -36.19
CA LEU F 17 1.92 15.25 -35.96
C LEU F 17 0.74 15.50 -36.96
N GLN F 18 0.05 14.42 -37.35
CA GLN F 18 -1.20 14.49 -38.07
C GLN F 18 -2.19 13.50 -37.46
N ALA F 19 -3.46 13.87 -37.47
CA ALA F 19 -4.54 12.94 -37.20
C ALA F 19 -4.65 11.92 -38.36
N ARG F 20 -4.82 10.65 -38.06
CA ARG F 20 -4.98 9.74 -39.18
C ARG F 20 -6.07 8.68 -39.04
N GLU F 21 -6.58 8.34 -40.20
CA GLU F 21 -7.63 7.36 -40.40
C GLU F 21 -6.84 6.04 -40.40
N PRO F 22 -7.51 4.91 -40.10
CA PRO F 22 -6.87 3.61 -40.20
C PRO F 22 -6.26 3.35 -41.58
N ASP F 23 -5.21 2.56 -41.65
CA ASP F 23 -4.56 2.35 -42.93
C ASP F 23 -4.44 0.88 -43.35
N ASN F 24 -5.19 -0.04 -42.74
CA ASN F 24 -5.36 -1.38 -43.29
C ASN F 24 -6.67 -1.91 -42.77
N ARG F 25 -7.40 -2.67 -43.59
CA ARG F 25 -8.63 -3.38 -43.22
C ARG F 25 -8.37 -4.90 -43.36
N ILE F 26 -9.03 -5.73 -42.57
CA ILE F 26 -8.92 -7.15 -42.75
C ILE F 26 -10.37 -7.50 -42.77
N GLN F 27 -10.76 -8.43 -43.64
CA GLN F 27 -12.16 -8.78 -43.79
C GLN F 27 -12.39 -10.19 -43.23
N ALA F 28 -13.54 -10.41 -42.62
CA ALA F 28 -13.85 -11.71 -42.05
C ALA F 28 -15.28 -12.12 -42.37
N GLU F 29 -15.57 -13.40 -42.17
CA GLU F 29 -16.91 -13.88 -42.48
C GLU F 29 -17.90 -12.88 -41.95
N ALA F 30 -17.73 -12.38 -40.71
CA ALA F 30 -18.76 -11.51 -40.14
C ALA F 30 -18.36 -10.15 -39.56
N GLY F 31 -17.25 -9.60 -40.04
CA GLY F 31 -17.01 -8.22 -39.76
C GLY F 31 -15.64 -7.94 -40.28
N GLN F 32 -15.11 -6.81 -39.82
CA GLN F 32 -13.87 -6.27 -40.33
C GLN F 32 -13.06 -5.77 -39.15
N ILE F 33 -11.76 -5.65 -39.35
CA ILE F 33 -10.85 -5.09 -38.42
C ILE F 33 -9.97 -4.07 -39.17
N GLU F 34 -9.89 -2.81 -38.70
CA GLU F 34 -9.01 -1.82 -39.30
C GLU F 34 -7.98 -1.39 -38.29
N THR F 35 -6.77 -1.13 -38.77
CA THR F 35 -5.71 -0.87 -37.85
C THR F 35 -4.97 0.33 -38.37
N TRP F 36 -4.54 1.16 -37.43
CA TRP F 36 -3.66 2.28 -37.62
C TRP F 36 -2.31 1.66 -37.47
N ASN F 37 -1.36 2.02 -38.31
CA ASN F 37 -0.03 1.43 -38.23
C ASN F 37 0.74 1.89 -36.97
N PHE F 38 1.16 0.93 -36.15
CA PHE F 38 1.86 1.26 -34.90
C PHE F 38 3.28 1.72 -35.07
N ASN F 39 3.87 1.58 -36.25
CA ASN F 39 5.29 1.87 -36.43
C ASN F 39 5.57 3.33 -36.79
N GLN F 40 4.56 4.19 -36.80
CA GLN F 40 4.82 5.61 -37.01
C GLN F 40 5.24 6.34 -35.76
N GLY F 41 6.02 7.41 -35.95
CA GLY F 41 6.60 8.34 -34.96
C GLY F 41 5.72 8.60 -33.75
N ASP F 42 4.52 9.11 -33.97
CA ASP F 42 3.68 9.48 -32.85
C ASP F 42 3.20 8.29 -31.98
N PHE F 43 2.65 7.25 -32.60
CA PHE F 43 2.28 6.02 -31.90
C PHE F 43 3.45 5.44 -31.13
N GLN F 44 4.66 5.51 -31.68
CA GLN F 44 5.78 5.05 -30.91
C GLN F 44 6.08 5.88 -29.65
N CYS F 45 6.16 7.20 -29.79
CA CYS F 45 6.22 8.15 -28.66
C CYS F 45 5.21 7.81 -27.56
N ALA F 46 3.93 7.80 -27.90
CA ALA F 46 2.88 7.44 -26.98
C ALA F 46 2.93 5.99 -26.45
N GLY F 47 3.60 5.08 -27.16
CA GLY F 47 3.62 3.63 -26.85
C GLY F 47 2.22 3.00 -26.85
N VAL F 48 1.43 3.33 -27.88
CA VAL F 48 0.05 2.87 -28.06
C VAL F 48 -0.15 2.31 -29.48
N ALA F 49 -1.02 1.33 -29.62
CA ALA F 49 -1.37 0.78 -30.90
C ALA F 49 -2.88 0.82 -30.89
N ALA F 50 -3.48 0.87 -32.08
CA ALA F 50 -4.92 1.05 -32.18
C ALA F 50 -5.49 0.24 -33.33
N SER F 51 -6.69 -0.27 -33.12
CA SER F 51 -7.40 -1.00 -34.11
C SER F 51 -8.88 -0.65 -33.87
N ARG F 52 -9.72 -0.84 -34.87
CA ARG F 52 -11.15 -0.58 -34.79
C ARG F 52 -11.79 -1.79 -35.44
N ILE F 53 -12.86 -2.28 -34.84
CA ILE F 53 -13.40 -3.58 -35.11
C ILE F 53 -14.89 -3.43 -35.27
N THR F 54 -15.42 -4.08 -36.31
CA THR F 54 -16.85 -4.03 -36.61
C THR F 54 -17.30 -5.45 -36.73
N ILE F 55 -18.42 -5.70 -36.05
CA ILE F 55 -18.95 -6.99 -35.86
C ILE F 55 -20.43 -6.89 -36.26
N GLN F 56 -20.72 -7.61 -37.36
CA GLN F 56 -22.07 -7.66 -37.89
C GLN F 56 -22.96 -8.48 -36.99
N ARG F 57 -24.25 -8.29 -37.16
CA ARG F 57 -25.27 -9.03 -36.46
C ARG F 57 -24.96 -10.52 -36.40
N ASN F 58 -25.08 -11.11 -35.22
CA ASN F 58 -24.69 -12.48 -34.96
C ASN F 58 -23.24 -12.80 -35.30
N GLY F 59 -22.36 -11.80 -35.34
CA GLY F 59 -20.91 -12.07 -35.43
C GLY F 59 -20.22 -12.36 -34.09
N LEU F 60 -19.26 -13.29 -34.09
CA LEU F 60 -18.49 -13.75 -32.94
C LEU F 60 -17.00 -13.42 -33.19
N HIS F 61 -16.43 -12.55 -32.35
CA HIS F 61 -15.03 -12.28 -32.43
C HIS F 61 -14.40 -13.40 -31.59
N LEU F 62 -13.47 -14.14 -32.20
CA LEU F 62 -12.99 -15.42 -31.69
C LEU F 62 -12.05 -15.12 -30.54
N PRO F 63 -11.87 -16.06 -29.60
CA PRO F 63 -11.14 -15.65 -28.42
C PRO F 63 -9.67 -15.43 -28.66
N SER F 64 -9.13 -14.36 -28.08
CA SER F 64 -7.73 -14.00 -28.19
C SER F 64 -7.29 -13.25 -26.95
N TYR F 65 -5.98 -13.06 -26.86
CA TYR F 65 -5.43 -12.20 -25.82
C TYR F 65 -4.22 -11.59 -26.43
N SER F 66 -3.72 -10.55 -25.76
CA SER F 66 -2.62 -9.75 -26.25
C SER F 66 -1.58 -9.53 -25.15
N ASN F 67 -0.32 -9.32 -25.54
CA ASN F 67 0.76 -8.89 -24.65
C ASN F 67 0.53 -7.48 -24.04
N ALA F 68 -0.38 -6.69 -24.59
CA ALA F 68 -0.57 -5.36 -24.06
C ALA F 68 -1.94 -5.24 -23.40
N PRO F 69 -2.00 -4.52 -22.27
CA PRO F 69 -3.30 -4.17 -21.71
C PRO F 69 -4.04 -3.29 -22.70
N GLN F 70 -5.36 -3.34 -22.63
CA GLN F 70 -6.10 -2.52 -23.51
C GLN F 70 -7.34 -1.95 -22.87
N LEU F 71 -7.73 -0.80 -23.44
CA LEU F 71 -9.04 -0.25 -23.22
C LEU F 71 -9.79 -0.29 -24.55
N ILE F 72 -11.05 -0.68 -24.50
CA ILE F 72 -11.85 -0.83 -25.68
C ILE F 72 -13.07 0.06 -25.48
N TYR F 73 -13.26 1.03 -26.36
CA TYR F 73 -14.42 1.90 -26.25
C TYR F 73 -15.48 1.43 -27.25
N ILE F 74 -16.72 1.26 -26.82
CA ILE F 74 -17.76 0.78 -27.70
C ILE F 74 -18.34 2.00 -28.36
N VAL F 75 -17.88 2.27 -29.58
CA VAL F 75 -18.40 3.42 -30.37
C VAL F 75 -19.84 3.30 -30.90
N GLN F 76 -20.35 2.07 -30.99
CA GLN F 76 -21.72 1.81 -31.44
C GLN F 76 -22.19 0.38 -31.21
N GLY F 77 -23.46 0.21 -30.90
CA GLY F 77 -24.01 -1.14 -30.88
C GLY F 77 -24.19 -1.73 -29.52
N ARG F 78 -24.51 -3.02 -29.49
CA ARG F 78 -24.83 -3.74 -28.27
C ARG F 78 -24.32 -5.14 -28.48
N GLY F 79 -23.66 -5.69 -27.48
CA GLY F 79 -23.16 -7.05 -27.55
C GLY F 79 -22.93 -7.69 -26.20
N VAL F 80 -22.11 -8.73 -26.22
CA VAL F 80 -21.83 -9.55 -25.07
C VAL F 80 -20.32 -9.78 -25.12
N LEU F 81 -19.66 -9.64 -23.97
CA LEU F 81 -18.25 -9.96 -23.90
C LEU F 81 -17.97 -10.97 -22.80
N GLY F 82 -17.22 -12.01 -23.14
CA GLY F 82 -16.72 -13.00 -22.19
C GLY F 82 -15.21 -12.91 -22.04
N ALA F 83 -14.76 -12.50 -20.85
CA ALA F 83 -13.33 -12.45 -20.55
C ALA F 83 -13.08 -13.67 -19.68
N VAL F 84 -11.93 -14.32 -19.80
CA VAL F 84 -11.67 -15.44 -18.91
C VAL F 84 -10.58 -15.18 -17.89
N PHE F 85 -10.96 -15.42 -16.65
CA PHE F 85 -10.05 -15.25 -15.52
C PHE F 85 -9.52 -16.62 -15.12
N SER F 86 -8.24 -16.84 -15.42
CA SER F 86 -7.58 -18.12 -15.18
C SER F 86 -7.78 -18.67 -13.76
N GLY F 87 -8.34 -19.87 -13.68
CA GLY F 87 -8.56 -20.51 -12.40
C GLY F 87 -9.85 -20.15 -11.68
N CYS F 88 -10.63 -19.20 -12.19
CA CYS F 88 -11.93 -18.89 -11.58
C CYS F 88 -13.03 -19.90 -11.91
N PRO F 89 -13.90 -20.23 -10.97
CA PRO F 89 -14.93 -21.18 -11.39
C PRO F 89 -16.03 -20.60 -12.30
N GLU F 90 -16.71 -21.47 -13.05
CA GLU F 90 -17.83 -21.10 -13.92
C GLU F 90 -19.03 -20.88 -13.03
N THR F 91 -19.59 -19.69 -13.05
CA THR F 91 -20.66 -19.35 -12.12
C THR F 91 -21.93 -19.06 -12.89
N PHE F 92 -21.88 -19.04 -14.21
CA PHE F 92 -23.09 -18.99 -15.00
C PHE F 92 -23.38 -20.43 -15.44
N GLU F 93 -24.41 -21.03 -14.88
CA GLU F 93 -24.60 -22.45 -15.12
C GLU F 93 -26.04 -22.84 -15.33
N GLU F 94 -26.26 -23.78 -16.27
CA GLU F 94 -27.60 -24.35 -16.48
C GLU F 94 -28.04 -25.08 -15.21
N SER F 95 -29.30 -24.90 -14.82
CA SER F 95 -29.81 -25.52 -13.61
C SER F 95 -29.89 -27.05 -13.79
N GLN F 96 -29.53 -27.72 -12.72
CA GLN F 96 -29.50 -29.15 -12.68
C GLN F 96 -30.96 -29.64 -12.52
N GLN F 97 -31.86 -28.69 -12.25
CA GLN F 97 -33.26 -28.91 -11.85
C GLN F 97 -34.25 -27.94 -12.55
N ARG F 165 -25.17 -34.38 -16.20
CA ARG F 165 -24.04 -33.51 -15.81
C ARG F 165 -23.40 -32.75 -16.98
N GLN F 166 -23.79 -33.09 -18.21
CA GLN F 166 -23.45 -32.23 -19.35
C GLN F 166 -24.61 -31.33 -19.80
N LEU F 167 -24.66 -30.21 -19.08
CA LEU F 167 -25.41 -28.98 -19.25
C LEU F 167 -24.38 -27.85 -19.50
N ASP F 168 -24.87 -26.67 -19.86
CA ASP F 168 -23.99 -25.54 -20.25
C ASP F 168 -23.50 -24.85 -18.97
N ARG F 169 -22.21 -24.61 -18.89
CA ARG F 169 -21.73 -23.80 -17.80
C ARG F 169 -20.53 -23.02 -18.31
N HIS F 170 -20.37 -21.79 -17.84
CA HIS F 170 -19.26 -20.96 -18.27
C HIS F 170 -19.02 -19.81 -17.29
N GLN F 171 -17.91 -19.12 -17.43
CA GLN F 171 -17.68 -17.94 -16.60
C GLN F 171 -18.62 -16.81 -16.96
N LYS F 172 -18.79 -15.83 -16.06
CA LYS F 172 -19.72 -14.73 -16.28
C LYS F 172 -19.49 -13.96 -17.56
N THR F 173 -20.62 -13.46 -18.03
CA THR F 173 -20.76 -12.87 -19.31
C THR F 173 -21.21 -11.40 -19.13
N ARG F 174 -20.64 -10.47 -19.90
CA ARG F 174 -20.87 -9.03 -19.68
C ARG F 174 -21.59 -8.31 -20.83
N ARG F 175 -22.65 -7.57 -20.54
CA ARG F 175 -23.31 -6.77 -21.56
C ARG F 175 -22.42 -5.60 -21.93
N ILE F 176 -22.20 -5.33 -23.21
CA ILE F 176 -21.50 -4.12 -23.64
C ILE F 176 -22.42 -3.30 -24.53
N ARG F 177 -22.24 -1.98 -24.47
CA ARG F 177 -23.10 -1.09 -25.23
C ARG F 177 -22.37 0.19 -25.49
N GLU F 178 -22.89 0.94 -26.46
CA GLU F 178 -22.37 2.26 -26.80
C GLU F 178 -22.06 3.08 -25.54
N GLY F 179 -20.84 3.59 -25.47
CA GLY F 179 -20.43 4.30 -24.26
C GLY F 179 -19.53 3.58 -23.28
N ASP F 180 -19.62 2.24 -23.18
CA ASP F 180 -18.78 1.47 -22.25
C ASP F 180 -17.31 1.56 -22.61
N VAL F 181 -16.44 1.52 -21.59
CA VAL F 181 -15.02 1.26 -21.79
C VAL F 181 -14.82 -0.10 -21.12
N VAL F 182 -13.92 -0.93 -21.68
CA VAL F 182 -13.72 -2.28 -21.19
C VAL F 182 -12.23 -2.37 -21.05
N ALA F 183 -11.79 -2.73 -19.84
CA ALA F 183 -10.40 -2.90 -19.53
C ALA F 183 -10.08 -4.36 -19.74
N ILE F 184 -9.07 -4.67 -20.54
CA ILE F 184 -8.68 -6.05 -20.67
C ILE F 184 -7.20 -6.11 -20.28
N PRO F 185 -6.87 -6.78 -19.17
CA PRO F 185 -5.44 -6.89 -18.83
C PRO F 185 -4.67 -7.68 -19.89
N ALA F 186 -3.39 -7.41 -20.06
CA ALA F 186 -2.51 -8.23 -20.88
C ALA F 186 -2.50 -9.73 -20.48
N GLY F 187 -2.47 -10.61 -21.48
CA GLY F 187 -2.49 -12.06 -21.28
C GLY F 187 -3.86 -12.61 -20.95
N VAL F 188 -4.92 -11.78 -20.91
CA VAL F 188 -6.28 -12.26 -20.51
C VAL F 188 -7.07 -12.41 -21.81
N ALA F 189 -7.77 -13.54 -21.96
CA ALA F 189 -8.45 -13.89 -23.21
C ALA F 189 -9.90 -13.47 -23.12
N TYR F 190 -10.43 -12.99 -24.25
CA TYR F 190 -11.88 -12.65 -24.28
C TYR F 190 -12.44 -12.88 -25.67
N TRP F 191 -13.76 -12.92 -25.76
CA TRP F 191 -14.44 -13.08 -27.02
C TRP F 191 -15.58 -12.09 -26.95
N SER F 192 -16.05 -11.64 -28.10
CA SER F 192 -17.32 -10.92 -28.13
C SER F 192 -18.28 -11.42 -29.20
N TYR F 193 -19.54 -11.09 -28.97
CA TYR F 193 -20.61 -11.52 -29.79
C TYR F 193 -21.55 -10.34 -29.96
N ASN F 194 -21.90 -9.97 -31.21
CA ASN F 194 -23.00 -9.03 -31.45
C ASN F 194 -24.40 -9.66 -31.41
N ASP F 195 -25.23 -9.39 -30.42
CA ASP F 195 -26.58 -9.98 -30.45
C ASP F 195 -27.66 -8.92 -30.66
N GLY F 196 -27.23 -7.73 -31.08
CA GLY F 196 -28.17 -6.67 -31.38
C GLY F 196 -28.36 -6.57 -32.88
N ASP F 197 -29.06 -5.53 -33.31
CA ASP F 197 -29.36 -5.36 -34.74
C ASP F 197 -28.33 -4.55 -35.51
N GLN F 198 -27.85 -3.44 -34.94
CA GLN F 198 -26.88 -2.59 -35.65
C GLN F 198 -25.50 -3.21 -35.59
N GLU F 199 -24.55 -2.74 -36.40
CA GLU F 199 -23.18 -3.25 -36.24
C GLU F 199 -22.64 -2.76 -34.90
N LEU F 200 -21.85 -3.61 -34.23
CA LEU F 200 -21.16 -3.28 -32.99
C LEU F 200 -19.79 -2.75 -33.36
N VAL F 201 -19.46 -1.50 -33.03
CA VAL F 201 -18.14 -0.98 -33.36
C VAL F 201 -17.42 -0.62 -32.08
N ALA F 202 -16.19 -1.14 -31.94
CA ALA F 202 -15.31 -0.89 -30.82
C ALA F 202 -14.02 -0.28 -31.31
N VAL F 203 -13.40 0.58 -30.51
CA VAL F 203 -12.00 1.00 -30.76
C VAL F 203 -11.18 0.45 -29.61
N ASN F 204 -10.03 -0.14 -29.95
CA ASN F 204 -9.22 -0.99 -29.08
C ASN F 204 -7.91 -0.30 -28.98
N LEU F 205 -7.53 0.14 -27.79
CA LEU F 205 -6.31 0.90 -27.61
C LEU F 205 -5.38 0.05 -26.75
N PHE F 206 -4.18 -0.24 -27.24
CA PHE F 206 -3.28 -1.18 -26.62
C PHE F 206 -2.14 -0.42 -26.04
N HIS F 207 -1.83 -0.60 -24.76
CA HIS F 207 -0.68 0.11 -24.19
C HIS F 207 0.56 -0.75 -24.35
N VAL F 208 1.22 -0.60 -25.48
CA VAL F 208 2.32 -1.46 -25.86
C VAL F 208 3.53 -1.27 -24.92
N SER F 209 3.63 -0.05 -24.43
CA SER F 209 4.78 0.26 -23.67
C SER F 209 4.44 0.16 -22.17
N SER F 210 3.34 -0.52 -21.86
CA SER F 210 3.03 -0.96 -20.50
C SER F 210 4.12 -1.79 -19.83
N ASP F 211 4.33 -1.57 -18.55
CA ASP F 211 5.15 -2.50 -17.77
C ASP F 211 4.63 -3.93 -17.78
N HIS F 212 3.33 -4.09 -18.00
CA HIS F 212 2.72 -5.39 -18.19
C HIS F 212 3.11 -6.13 -19.47
N ASN F 213 3.71 -5.42 -20.42
CA ASN F 213 4.22 -6.03 -21.61
C ASN F 213 5.73 -6.25 -21.48
N GLN F 214 6.18 -7.50 -21.32
CA GLN F 214 7.62 -7.81 -21.24
C GLN F 214 8.20 -8.39 -22.52
N LEU F 215 7.41 -8.36 -23.59
CA LEU F 215 7.89 -8.79 -24.89
C LEU F 215 8.58 -7.60 -25.51
N ASP F 216 8.00 -6.98 -26.53
CA ASP F 216 8.68 -5.82 -27.10
C ASP F 216 7.62 -4.85 -27.52
N GLN F 217 8.06 -3.84 -28.27
CA GLN F 217 7.21 -2.70 -28.58
C GLN F 217 6.23 -2.95 -29.71
N ASN F 218 5.95 -4.21 -30.06
CA ASN F 218 5.01 -4.56 -31.09
C ASN F 218 3.74 -5.07 -30.47
N PRO F 219 2.56 -4.59 -30.86
CA PRO F 219 1.42 -5.27 -30.24
C PRO F 219 1.24 -6.68 -30.83
N ARG F 220 0.80 -7.66 -30.06
CA ARG F 220 0.52 -8.96 -30.64
C ARG F 220 -0.85 -9.39 -30.17
N LYS F 221 -1.51 -10.18 -31.00
CA LYS F 221 -2.76 -10.79 -30.68
C LYS F 221 -2.49 -12.30 -30.87
N PHE F 222 -2.86 -13.12 -29.88
CA PHE F 222 -2.66 -14.55 -29.88
C PHE F 222 -4.06 -15.08 -29.94
N TYR F 223 -4.44 -15.79 -31.00
CA TYR F 223 -5.81 -16.26 -31.17
C TYR F 223 -5.90 -17.66 -30.65
N LEU F 224 -7.01 -18.00 -30.00
CA LEU F 224 -7.22 -19.34 -29.45
C LEU F 224 -8.15 -20.30 -30.27
N ALA F 225 -8.65 -19.76 -31.38
CA ALA F 225 -9.59 -20.43 -32.24
C ALA F 225 -9.43 -19.79 -33.62
N GLY F 226 -9.85 -20.49 -34.68
CA GLY F 226 -9.87 -19.96 -36.03
C GLY F 226 -8.50 -19.91 -36.68
N ASN F 227 -8.45 -19.33 -37.87
CA ASN F 227 -7.22 -19.19 -38.65
C ASN F 227 -7.28 -17.73 -39.05
N PRO F 228 -6.90 -16.85 -38.11
CA PRO F 228 -7.01 -15.42 -38.31
C PRO F 228 -5.95 -14.88 -39.24
N GLU F 229 -6.26 -13.77 -39.89
CA GLU F 229 -5.22 -12.99 -40.51
C GLU F 229 -4.66 -12.05 -39.45
N ASN F 230 -3.36 -12.12 -39.30
CA ASN F 230 -2.65 -11.35 -38.29
C ASN F 230 -2.88 -9.84 -38.50
N GLU F 231 -3.66 -9.20 -37.63
CA GLU F 231 -3.86 -7.76 -37.76
C GLU F 231 -2.62 -6.93 -37.46
N PHE F 232 -1.55 -7.53 -36.95
CA PHE F 232 -0.39 -6.74 -36.49
C PHE F 232 0.99 -6.90 -37.17
N ASN F 233 1.17 -7.77 -38.15
CA ASN F 233 2.45 -7.71 -38.86
C ASN F 233 2.33 -6.95 -40.20
N GLN F 234 2.79 -5.69 -40.22
CA GLN F 234 2.57 -4.78 -41.36
C GLN F 234 3.11 -5.31 -42.70
N ASN F 267 0.15 -26.56 -39.94
CA ASN F 267 0.39 -25.12 -40.13
C ASN F 267 -0.88 -24.24 -40.16
N GLY F 268 -1.81 -24.42 -39.21
CA GLY F 268 -2.86 -23.40 -38.99
C GLY F 268 -2.22 -22.14 -38.41
N ASN F 269 -2.97 -21.26 -37.77
CA ASN F 269 -2.21 -20.28 -37.02
C ASN F 269 -2.79 -19.62 -35.75
N ASN F 270 -3.60 -20.40 -35.05
CA ASN F 270 -3.90 -20.07 -33.72
C ASN F 270 -2.83 -20.66 -32.77
N VAL F 271 -2.94 -20.45 -31.46
CA VAL F 271 -1.97 -21.07 -30.53
C VAL F 271 -1.97 -22.64 -30.53
N PHE F 272 -3.16 -23.24 -30.64
CA PHE F 272 -3.28 -24.70 -30.71
C PHE F 272 -2.58 -25.29 -31.91
N SER F 273 -2.48 -24.54 -32.99
CA SER F 273 -2.06 -25.10 -34.26
C SER F 273 -0.56 -25.36 -34.28
N GLY F 274 0.17 -24.82 -33.31
CA GLY F 274 1.61 -25.08 -33.22
C GLY F 274 2.02 -26.26 -32.35
N PHE F 275 1.05 -26.85 -31.66
CA PHE F 275 1.30 -28.07 -30.87
C PHE F 275 1.21 -29.32 -31.74
N ASN F 276 2.08 -30.31 -31.49
CA ASN F 276 1.87 -31.65 -32.04
C ASN F 276 0.41 -32.04 -31.81
N THR F 277 -0.32 -32.40 -32.86
CA THR F 277 -1.73 -32.80 -32.76
C THR F 277 -1.99 -34.03 -31.90
N GLN F 278 -1.09 -35.02 -31.95
CA GLN F 278 -1.27 -36.26 -31.15
CA GLN F 278 -1.21 -36.25 -31.17
C GLN F 278 -1.11 -35.89 -29.67
N LEU F 279 -0.05 -35.16 -29.32
CA LEU F 279 0.20 -34.60 -27.97
C LEU F 279 -0.96 -33.72 -27.45
N LEU F 280 -1.35 -32.75 -28.24
CA LEU F 280 -2.59 -32.01 -28.00
C LEU F 280 -3.83 -32.87 -27.75
N ALA F 281 -4.17 -33.82 -28.63
CA ALA F 281 -5.31 -34.72 -28.32
C ALA F 281 -5.11 -35.51 -27.02
N GLN F 282 -3.85 -35.90 -26.77
CA GLN F 282 -3.55 -36.57 -25.51
C GLN F 282 -3.79 -35.66 -24.30
N ALA F 283 -3.23 -34.46 -24.28
CA ALA F 283 -3.54 -33.53 -23.16
C ALA F 283 -5.04 -33.36 -22.92
N LEU F 284 -5.85 -33.27 -23.97
CA LEU F 284 -7.27 -33.05 -23.80
C LEU F 284 -8.09 -34.31 -23.60
N ASN F 285 -7.51 -35.46 -23.92
CA ASN F 285 -8.25 -36.71 -23.84
C ASN F 285 -9.39 -36.74 -24.87
N VAL F 286 -8.99 -36.41 -26.08
CA VAL F 286 -9.97 -36.14 -27.12
C VAL F 286 -9.44 -36.82 -28.38
N ASN F 287 -10.33 -37.26 -29.26
CA ASN F 287 -9.74 -37.89 -30.46
C ASN F 287 -8.94 -36.89 -31.29
N GLU F 288 -8.06 -37.46 -32.10
CA GLU F 288 -7.18 -36.65 -32.93
C GLU F 288 -7.85 -35.73 -33.93
N GLU F 289 -9.07 -36.04 -34.34
CA GLU F 289 -9.75 -35.20 -35.32
C GLU F 289 -10.49 -34.03 -34.64
N THR F 290 -10.78 -34.18 -33.36
CA THR F 290 -11.30 -33.06 -32.57
C THR F 290 -10.16 -32.06 -32.33
N ALA F 291 -8.95 -32.55 -32.05
CA ALA F 291 -7.79 -31.70 -31.89
C ALA F 291 -7.38 -30.97 -33.17
N ARG F 292 -7.61 -31.57 -34.33
CA ARG F 292 -7.40 -30.85 -35.58
C ARG F 292 -8.36 -29.65 -35.82
N ASN F 293 -9.60 -29.80 -35.37
CA ASN F 293 -10.55 -28.73 -35.37
C ASN F 293 -10.09 -27.54 -34.51
N LEU F 294 -9.55 -27.82 -33.32
CA LEU F 294 -8.88 -26.78 -32.52
C LEU F 294 -7.83 -26.09 -33.35
N GLN F 295 -7.04 -26.83 -34.09
CA GLN F 295 -5.92 -26.21 -34.78
C GLN F 295 -6.26 -25.30 -35.96
N GLY F 296 -7.52 -25.35 -36.38
CA GLY F 296 -8.15 -24.56 -37.43
C GLY F 296 -7.60 -24.39 -38.84
N GLN F 297 -6.83 -25.36 -39.36
CA GLN F 297 -6.25 -25.18 -40.69
C GLN F 297 -7.34 -25.23 -41.78
N ASN F 298 -8.47 -25.85 -41.45
CA ASN F 298 -9.66 -25.80 -42.31
C ASN F 298 -10.38 -24.46 -42.38
N ASP F 299 -10.10 -23.55 -41.44
CA ASP F 299 -11.06 -22.47 -41.09
C ASP F 299 -10.83 -21.34 -42.05
N ASN F 300 -11.88 -20.98 -42.79
CA ASN F 300 -11.75 -19.96 -43.82
C ASN F 300 -12.25 -18.61 -43.42
N ARG F 301 -12.74 -18.49 -42.19
CA ARG F 301 -13.66 -17.41 -41.83
C ARG F 301 -13.01 -16.13 -41.31
N ASN F 302 -11.69 -16.12 -41.16
CA ASN F 302 -10.93 -15.14 -40.33
C ASN F 302 -11.41 -14.96 -38.87
N GLN F 303 -11.02 -13.87 -38.19
CA GLN F 303 -11.32 -13.74 -36.75
C GLN F 303 -12.74 -13.42 -36.29
N ILE F 304 -13.63 -13.04 -37.21
CA ILE F 304 -15.00 -12.80 -36.80
C ILE F 304 -16.00 -13.64 -37.62
N ILE F 305 -16.84 -14.42 -36.99
CA ILE F 305 -17.42 -15.50 -37.69
C ILE F 305 -18.89 -15.37 -37.48
N GLN F 306 -19.63 -15.97 -38.40
CA GLN F 306 -21.04 -15.79 -38.39
C GLN F 306 -21.58 -16.99 -37.64
N VAL F 307 -22.37 -16.71 -36.61
CA VAL F 307 -23.09 -17.72 -35.90
C VAL F 307 -24.36 -17.87 -36.74
N ARG F 308 -24.79 -19.11 -36.86
CA ARG F 308 -26.05 -19.42 -37.52
C ARG F 308 -27.06 -19.71 -36.41
N GLY F 309 -28.20 -19.03 -36.52
CA GLY F 309 -29.20 -19.03 -35.48
C GLY F 309 -28.71 -18.17 -34.31
N ASN F 310 -29.55 -18.05 -33.29
CA ASN F 310 -29.13 -17.28 -32.11
C ASN F 310 -28.16 -18.07 -31.26
N LEU F 311 -27.07 -17.42 -30.83
CA LEU F 311 -26.08 -18.01 -29.92
C LEU F 311 -26.68 -18.13 -28.54
N ASP F 312 -26.78 -19.36 -28.06
CA ASP F 312 -27.35 -19.60 -26.74
C ASP F 312 -26.27 -19.86 -25.72
N PHE F 313 -26.44 -19.25 -24.57
CA PHE F 313 -25.46 -19.41 -23.50
C PHE F 313 -26.20 -19.05 -22.25
N VAL F 314 -25.59 -19.19 -21.08
CA VAL F 314 -26.36 -18.91 -19.89
C VAL F 314 -26.27 -17.42 -19.68
N GLN F 315 -27.39 -16.73 -19.84
CA GLN F 315 -27.42 -15.30 -19.95
C GLN F 315 -28.62 -14.85 -19.14
N PRO F 316 -28.42 -13.99 -18.13
CA PRO F 316 -29.54 -13.50 -17.37
C PRO F 316 -30.34 -12.53 -18.23
N PRO F 317 -31.67 -12.46 -18.01
CA PRO F 317 -32.56 -11.56 -18.76
C PRO F 317 -32.13 -10.08 -18.70
N ARG F 318 -32.73 -9.24 -19.52
CA ARG F 318 -32.50 -7.80 -19.48
C ARG F 318 -33.46 -7.14 -18.49
N GLY F 319 -34.73 -7.55 -18.53
CA GLY F 319 -35.89 -6.80 -17.99
C GLY F 319 -36.30 -6.81 -16.52
N ARG F 320 -37.21 -5.92 -16.12
CA ARG F 320 -38.06 -5.12 -17.03
C ARG F 320 -37.66 -3.65 -17.30
N GLN F 321 -36.68 -3.12 -16.58
CA GLN F 321 -36.42 -1.67 -16.52
C GLN F 321 -34.99 -1.20 -16.78
N GLU F 322 -34.08 -2.16 -16.94
CA GLU F 322 -32.75 -1.84 -17.41
C GLU F 322 -32.88 -1.40 -18.87
N ARG F 323 -33.90 -1.94 -19.53
CA ARG F 323 -34.24 -1.61 -20.91
C ARG F 323 -34.60 -0.13 -21.06
N GLU F 324 -35.55 0.34 -20.25
CA GLU F 324 -35.94 1.74 -20.33
C GLU F 324 -34.92 2.69 -19.72
N HIS F 325 -33.99 2.18 -18.93
CA HIS F 325 -32.84 3.02 -18.58
C HIS F 325 -31.95 3.23 -19.82
N GLU F 326 -31.61 2.17 -20.54
CA GLU F 326 -30.74 2.32 -21.72
C GLU F 326 -31.44 3.09 -22.84
N GLU F 327 -32.75 2.91 -22.94
CA GLU F 327 -33.63 3.72 -23.77
C GLU F 327 -33.38 5.20 -23.52
N ARG F 328 -33.76 5.65 -22.33
CA ARG F 328 -33.58 7.03 -21.91
C ARG F 328 -32.16 7.53 -22.14
N GLN F 329 -31.14 6.71 -21.83
CA GLN F 329 -29.76 7.11 -22.09
C GLN F 329 -29.62 7.60 -23.52
N GLN F 330 -30.07 6.76 -24.45
CA GLN F 330 -29.84 6.99 -25.87
C GLN F 330 -30.63 8.18 -26.45
N GLU F 331 -31.89 8.33 -26.06
CA GLU F 331 -32.65 9.52 -26.48
C GLU F 331 -32.05 10.84 -25.97
N GLN F 332 -31.31 10.77 -24.86
CA GLN F 332 -30.69 11.93 -24.24
C GLN F 332 -29.42 12.37 -24.94
N LEU F 333 -28.71 11.41 -25.54
CA LEU F 333 -27.55 11.72 -26.38
C LEU F 333 -28.02 12.19 -27.77
N GLN F 334 -29.17 11.69 -28.22
CA GLN F 334 -29.80 12.09 -29.47
C GLN F 334 -30.24 13.55 -29.39
N GLN F 335 -30.91 13.91 -28.30
CA GLN F 335 -31.25 15.32 -28.02
C GLN F 335 -30.02 16.23 -28.06
N GLU F 336 -28.97 15.82 -27.35
CA GLU F 336 -27.74 16.58 -27.16
C GLU F 336 -27.10 16.93 -28.51
N ARG F 337 -27.03 15.95 -29.40
CA ARG F 337 -26.57 16.15 -30.78
C ARG F 337 -27.45 17.05 -31.69
N GLN F 338 -28.61 17.49 -31.20
CA GLN F 338 -29.37 18.55 -31.87
C GLN F 338 -29.10 19.98 -31.32
N GLN F 339 -29.16 20.17 -30.00
CA GLN F 339 -28.91 21.48 -29.34
C GLN F 339 -27.47 21.64 -28.89
N GLY F 348 -16.61 -17.57 -1.93
CA GLY F 348 -15.20 -17.24 -1.75
C GLY F 348 -14.68 -16.32 -2.83
N LEU F 349 -13.66 -16.78 -3.55
CA LEU F 349 -13.07 -16.14 -4.74
C LEU F 349 -14.07 -15.65 -5.77
N GLU F 350 -15.10 -16.45 -6.04
CA GLU F 350 -16.09 -16.09 -7.03
C GLU F 350 -16.69 -14.70 -6.76
N GLU F 351 -16.87 -14.37 -5.48
CA GLU F 351 -17.39 -13.09 -5.02
C GLU F 351 -16.40 -11.95 -5.06
N THR F 352 -15.11 -12.24 -4.97
CA THR F 352 -14.09 -11.19 -4.91
C THR F 352 -13.29 -11.05 -6.19
N PHE F 353 -12.17 -11.74 -6.28
CA PHE F 353 -11.26 -11.60 -7.42
C PHE F 353 -11.93 -11.94 -8.73
N CYS F 354 -12.78 -12.95 -8.72
CA CYS F 354 -13.31 -13.50 -9.98
C CYS F 354 -14.39 -12.62 -10.60
N SER F 355 -15.03 -11.79 -9.77
CA SER F 355 -16.04 -10.95 -10.35
C SER F 355 -15.66 -9.46 -10.32
N LEU F 356 -14.40 -9.17 -10.58
CA LEU F 356 -13.98 -7.78 -10.65
C LEU F 356 -14.71 -7.04 -11.77
N ARG F 357 -14.84 -5.74 -11.63
CA ARG F 357 -15.47 -4.92 -12.66
C ARG F 357 -14.50 -4.59 -13.79
N LEU F 358 -15.00 -4.72 -15.01
CA LEU F 358 -14.18 -4.50 -16.20
C LEU F 358 -14.60 -3.30 -17.05
N LYS F 359 -15.86 -2.91 -16.96
CA LYS F 359 -16.34 -1.83 -17.78
C LYS F 359 -17.05 -0.72 -17.01
N GLU F 360 -17.04 0.48 -17.58
CA GLU F 360 -17.82 1.59 -17.05
C GLU F 360 -18.48 2.30 -18.22
N ASN F 361 -19.74 2.68 -18.12
CA ASN F 361 -20.27 3.57 -19.15
C ASN F 361 -19.90 5.05 -18.99
N ILE F 362 -18.95 5.47 -19.78
CA ILE F 362 -18.32 6.78 -19.65
C ILE F 362 -18.93 7.72 -20.71
N GLY F 363 -19.84 7.18 -21.51
CA GLY F 363 -20.35 7.88 -22.67
C GLY F 363 -21.71 8.51 -22.48
N ASN F 364 -22.46 8.14 -21.44
CA ASN F 364 -23.74 8.81 -21.27
C ASN F 364 -23.61 10.20 -20.63
N PRO F 365 -24.53 11.13 -20.99
CA PRO F 365 -24.56 12.54 -20.61
C PRO F 365 -24.65 12.78 -19.11
N GLU F 366 -25.55 12.07 -18.43
CA GLU F 366 -25.69 12.15 -16.98
C GLU F 366 -24.42 11.82 -16.19
N ARG F 367 -23.45 11.17 -16.81
CA ARG F 367 -22.27 10.70 -16.10
C ARG F 367 -21.15 11.74 -16.14
N ALA F 368 -21.45 12.95 -16.62
CA ALA F 368 -20.42 14.01 -16.66
C ALA F 368 -19.74 14.35 -15.31
N ASP F 369 -18.46 14.70 -15.40
CA ASP F 369 -17.75 15.22 -14.25
C ASP F 369 -17.58 16.76 -14.33
N ILE F 370 -17.50 17.30 -15.55
CA ILE F 370 -17.55 18.70 -15.82
C ILE F 370 -18.67 18.88 -16.82
N PHE F 371 -19.37 20.01 -16.76
CA PHE F 371 -20.55 20.25 -17.56
C PHE F 371 -20.89 21.72 -17.57
N SER F 372 -20.70 22.38 -18.70
CA SER F 372 -21.26 23.71 -18.91
C SER F 372 -22.28 23.67 -20.07
N PRO F 373 -23.59 23.93 -19.83
CA PRO F 373 -24.64 23.59 -20.82
C PRO F 373 -24.51 24.19 -22.22
N ARG F 374 -23.73 25.26 -22.39
CA ARG F 374 -23.44 25.83 -23.72
CA ARG F 374 -23.46 25.78 -23.74
C ARG F 374 -22.04 25.49 -24.19
N ALA F 375 -21.27 24.77 -23.37
CA ALA F 375 -19.91 24.45 -23.78
C ALA F 375 -19.63 22.96 -24.02
N GLY F 376 -20.01 22.09 -23.09
CA GLY F 376 -19.61 20.70 -23.18
C GLY F 376 -19.72 19.96 -21.85
N ARG F 377 -19.46 18.65 -21.91
CA ARG F 377 -19.34 17.77 -20.74
C ARG F 377 -18.00 17.05 -20.86
N ILE F 378 -17.34 16.73 -19.74
CA ILE F 378 -16.20 15.81 -19.72
C ILE F 378 -16.48 14.78 -18.64
N SER F 379 -16.26 13.51 -18.98
CA SER F 379 -16.34 12.39 -18.07
C SER F 379 -14.96 11.79 -18.05
N THR F 380 -14.49 11.48 -16.86
CA THR F 380 -13.09 11.13 -16.68
C THR F 380 -13.13 9.69 -16.12
N LEU F 381 -12.11 8.88 -16.35
CA LEU F 381 -12.16 7.50 -15.80
C LEU F 381 -10.78 7.10 -15.34
N ASN F 382 -10.66 6.69 -14.08
CA ASN F 382 -9.35 6.47 -13.47
C ASN F 382 -9.56 5.54 -12.29
N SER F 383 -8.52 5.32 -11.48
CA SER F 383 -8.63 4.39 -10.32
C SER F 383 -9.71 4.74 -9.32
N HIS F 384 -10.16 6.01 -9.29
CA HIS F 384 -11.24 6.40 -8.38
C HIS F 384 -12.61 5.96 -8.86
N ASN F 385 -12.66 5.45 -10.09
CA ASN F 385 -13.93 5.02 -10.69
C ASN F 385 -13.86 3.53 -10.96
N LEU F 386 -12.77 3.07 -11.54
CA LEU F 386 -12.74 1.67 -11.97
C LEU F 386 -11.54 1.02 -11.32
N PRO F 387 -11.77 0.09 -10.37
CA PRO F 387 -10.61 -0.37 -9.54
C PRO F 387 -9.43 -0.99 -10.34
N ILE F 388 -9.72 -1.75 -11.40
CA ILE F 388 -8.67 -2.34 -12.21
C ILE F 388 -7.69 -1.39 -12.88
N LEU F 389 -8.07 -0.12 -12.93
CA LEU F 389 -7.24 0.88 -13.58
C LEU F 389 -6.05 1.14 -12.68
N ARG F 390 -6.23 0.90 -11.37
CA ARG F 390 -5.05 0.90 -10.52
C ARG F 390 -3.97 -0.06 -10.98
N PHE F 391 -4.31 -1.34 -11.17
CA PHE F 391 -3.40 -2.36 -11.69
C PHE F 391 -2.85 -2.06 -13.09
N LEU F 392 -3.77 -1.71 -14.00
CA LEU F 392 -3.38 -1.36 -15.39
C LEU F 392 -2.65 -0.04 -15.48
N ARG F 393 -2.98 0.97 -14.69
CA ARG F 393 -2.20 2.20 -14.73
C ARG F 393 -2.51 2.95 -16.03
N LEU F 394 -3.80 3.07 -16.27
CA LEU F 394 -4.35 3.68 -17.46
C LEU F 394 -5.56 4.51 -17.03
N SER F 395 -5.82 5.60 -17.75
CA SER F 395 -7.06 6.36 -17.57
C SER F 395 -7.67 6.61 -18.92
N ALA F 396 -8.93 7.01 -18.89
CA ALA F 396 -9.67 7.39 -20.10
C ALA F 396 -10.46 8.68 -19.84
N GLU F 397 -10.83 9.35 -20.91
CA GLU F 397 -11.76 10.48 -20.84
C GLU F 397 -12.69 10.38 -22.05
N ARG F 398 -13.94 10.70 -21.80
CA ARG F 398 -14.88 10.88 -22.84
C ARG F 398 -15.49 12.28 -22.78
N GLY F 399 -15.24 13.09 -23.79
CA GLY F 399 -15.94 14.39 -23.90
C GLY F 399 -16.90 14.59 -25.06
N PHE F 400 -17.98 15.34 -24.81
CA PHE F 400 -18.81 15.89 -25.88
C PHE F 400 -18.82 17.40 -25.78
N PHE F 401 -18.08 18.09 -26.64
CA PHE F 401 -18.18 19.55 -26.80
C PHE F 401 -19.26 20.04 -27.79
N TYR F 402 -20.09 20.98 -27.33
CA TYR F 402 -21.12 21.57 -28.16
C TYR F 402 -20.54 22.54 -29.16
N ARG F 403 -21.42 23.01 -30.04
CA ARG F 403 -21.09 23.97 -31.10
C ARG F 403 -20.08 25.04 -30.60
N ASN F 404 -18.88 25.08 -31.19
CA ASN F 404 -17.91 26.10 -30.89
C ASN F 404 -17.29 26.14 -29.50
N GLY F 405 -17.79 25.26 -28.61
CA GLY F 405 -17.18 24.89 -27.32
C GLY F 405 -15.68 24.84 -27.39
N ILE F 406 -15.02 25.33 -26.34
CA ILE F 406 -13.57 25.20 -26.27
C ILE F 406 -13.15 24.33 -25.10
N TYR F 407 -12.07 23.58 -25.32
CA TYR F 407 -11.43 22.78 -24.30
C TYR F 407 -10.26 23.60 -23.83
N SER F 408 -10.34 24.21 -22.64
CA SER F 408 -9.30 25.19 -22.24
C SER F 408 -7.99 24.64 -22.63
N PRO F 409 -7.08 25.51 -23.07
CA PRO F 409 -5.70 25.05 -23.33
C PRO F 409 -5.18 24.52 -21.99
N HIS F 410 -4.21 23.62 -22.06
CA HIS F 410 -3.90 22.75 -20.93
C HIS F 410 -2.70 21.94 -21.31
N TRP F 411 -2.00 21.37 -20.34
CA TRP F 411 -1.00 20.38 -20.69
C TRP F 411 -1.37 19.14 -19.92
N ASN F 412 -1.00 17.97 -20.41
CA ASN F 412 -1.16 16.73 -19.68
C ASN F 412 0.03 16.63 -18.77
N VAL F 413 -0.23 16.46 -17.47
CA VAL F 413 0.89 16.51 -16.51
C VAL F 413 1.70 15.20 -16.49
N ASN F 414 1.00 14.06 -16.45
CA ASN F 414 1.63 12.76 -16.15
C ASN F 414 1.36 11.66 -17.21
N ALA F 415 0.61 12.00 -18.26
CA ALA F 415 0.21 11.05 -19.30
C ALA F 415 0.37 11.61 -20.74
N HIS F 416 0.43 10.73 -21.74
CA HIS F 416 0.09 11.04 -23.13
C HIS F 416 -1.42 10.86 -23.26
N SER F 417 -2.00 11.59 -24.20
CA SER F 417 -3.40 11.43 -24.49
C SER F 417 -3.59 11.06 -25.97
N VAL F 418 -4.26 9.93 -26.19
CA VAL F 418 -4.46 9.39 -27.53
C VAL F 418 -5.96 9.58 -27.77
N VAL F 419 -6.30 10.44 -28.74
CA VAL F 419 -7.69 10.86 -28.96
C VAL F 419 -8.33 10.26 -30.22
N TYR F 420 -9.51 9.68 -30.03
CA TYR F 420 -10.29 9.11 -31.11
C TYR F 420 -11.53 9.99 -31.23
N VAL F 421 -11.71 10.51 -32.44
CA VAL F 421 -12.86 11.35 -32.78
C VAL F 421 -14.09 10.53 -33.12
N ILE F 422 -15.04 10.55 -32.20
CA ILE F 422 -16.29 9.85 -32.34
C ILE F 422 -17.28 10.48 -33.33
N ARG F 423 -17.23 11.80 -33.50
CA ARG F 423 -18.29 12.56 -34.17
C ARG F 423 -18.00 14.04 -34.13
N GLY F 424 -18.35 14.75 -35.20
CA GLY F 424 -18.10 16.18 -35.28
C GLY F 424 -16.66 16.46 -35.64
N ASN F 425 -16.16 17.63 -35.27
CA ASN F 425 -14.78 17.94 -35.66
C ASN F 425 -14.24 19.03 -34.72
N ALA F 426 -12.95 19.30 -34.78
CA ALA F 426 -12.46 20.37 -33.94
C ALA F 426 -11.23 20.91 -34.58
N ARG F 427 -10.97 22.21 -34.34
CA ARG F 427 -9.65 22.71 -34.65
C ARG F 427 -8.75 22.49 -33.43
N VAL F 428 -7.53 22.04 -33.70
CA VAL F 428 -6.67 21.51 -32.70
C VAL F 428 -5.23 21.96 -32.90
N GLN F 429 -4.63 22.46 -31.82
CA GLN F 429 -3.19 22.71 -31.77
C GLN F 429 -2.54 22.09 -30.56
N VAL F 430 -1.36 21.54 -30.82
CA VAL F 430 -0.54 20.84 -29.86
C VAL F 430 0.85 21.44 -29.99
N VAL F 431 1.35 21.99 -28.88
CA VAL F 431 2.54 22.82 -28.91
C VAL F 431 3.65 22.19 -28.10
N ASN F 432 4.84 22.11 -28.64
CA ASN F 432 5.88 21.42 -27.94
C ASN F 432 6.69 22.37 -27.03
N GLU F 433 7.88 21.96 -26.58
CA GLU F 433 8.65 22.77 -25.62
C GLU F 433 9.30 24.01 -26.24
N ASN F 434 9.26 24.08 -27.57
CA ASN F 434 9.79 25.21 -28.32
C ASN F 434 8.73 26.18 -28.82
N GLY F 435 7.47 26.01 -28.46
CA GLY F 435 6.46 26.96 -28.95
C GLY F 435 5.79 26.63 -30.28
N ASP F 436 6.43 25.78 -31.07
CA ASP F 436 5.93 25.27 -32.37
C ASP F 436 4.73 24.35 -32.22
N ALA F 437 3.59 24.71 -32.83
CA ALA F 437 2.39 23.85 -32.91
C ALA F 437 2.77 22.74 -33.85
N ILE F 438 2.79 21.49 -33.37
CA ILE F 438 3.27 20.40 -34.18
C ILE F 438 2.10 19.59 -34.70
N LEU F 439 0.94 19.81 -34.09
CA LEU F 439 -0.28 19.48 -34.74
C LEU F 439 -1.10 20.76 -34.79
N ASP F 440 -1.54 21.04 -36.02
CA ASP F 440 -2.50 22.11 -36.29
C ASP F 440 -3.44 21.73 -37.43
N GLN F 441 -4.66 21.31 -37.10
CA GLN F 441 -5.58 20.92 -38.15
C GLN F 441 -6.99 20.75 -37.65
N GLU F 442 -7.95 20.64 -38.56
CA GLU F 442 -9.27 20.16 -38.12
C GLU F 442 -9.05 18.66 -38.01
N VAL F 443 -9.62 18.05 -36.98
CA VAL F 443 -9.47 16.65 -36.81
C VAL F 443 -10.90 16.22 -36.95
N GLN F 444 -11.09 15.06 -37.59
CA GLN F 444 -12.41 14.60 -38.03
C GLN F 444 -12.80 13.21 -37.58
N GLN F 445 -14.11 13.00 -37.52
CA GLN F 445 -14.66 11.71 -37.19
C GLN F 445 -13.88 10.55 -37.79
N GLY F 446 -13.69 9.50 -36.98
CA GLY F 446 -12.88 8.34 -37.33
C GLY F 446 -11.36 8.50 -37.27
N GLN F 447 -10.85 9.70 -36.98
CA GLN F 447 -9.39 9.84 -36.87
C GLN F 447 -8.88 9.72 -35.43
N LEU F 448 -7.56 9.61 -35.35
CA LEU F 448 -6.85 9.43 -34.11
C LEU F 448 -5.70 10.41 -34.12
N PHE F 449 -5.53 11.12 -32.99
CA PHE F 449 -4.36 11.95 -32.83
C PHE F 449 -3.74 11.82 -31.41
N ILE F 450 -2.43 12.01 -31.37
CA ILE F 450 -1.62 12.00 -30.16
C ILE F 450 -1.33 13.44 -29.63
N VAL F 451 -1.60 13.64 -28.34
CA VAL F 451 -1.11 14.82 -27.58
C VAL F 451 -0.06 14.31 -26.58
N PRO F 452 1.24 14.44 -26.90
CA PRO F 452 2.23 13.89 -25.97
C PRO F 452 2.21 14.55 -24.61
N GLN F 453 2.64 13.81 -23.58
CA GLN F 453 2.78 14.35 -22.21
C GLN F 453 3.43 15.74 -22.20
N ASN F 454 2.78 16.68 -21.51
CA ASN F 454 3.34 17.99 -21.25
C ASN F 454 3.27 19.00 -22.39
N HIS F 455 2.87 18.57 -23.59
CA HIS F 455 2.67 19.47 -24.70
C HIS F 455 1.37 20.20 -24.43
N GLY F 456 1.35 21.50 -24.74
CA GLY F 456 0.09 22.25 -24.57
C GLY F 456 -0.87 21.99 -25.73
N VAL F 457 -2.17 22.12 -25.47
CA VAL F 457 -3.15 21.68 -26.40
C VAL F 457 -4.39 22.51 -26.21
N ILE F 458 -4.91 23.01 -27.34
CA ILE F 458 -6.14 23.78 -27.36
C ILE F 458 -7.05 23.14 -28.42
N GLN F 459 -8.33 23.07 -28.13
CA GLN F 459 -9.24 22.44 -29.05
C GLN F 459 -10.50 23.29 -29.12
N GLN F 460 -10.98 23.61 -30.32
CA GLN F 460 -12.34 24.18 -30.47
C GLN F 460 -13.23 23.37 -31.41
N ALA F 461 -14.44 23.11 -30.91
CA ALA F 461 -15.44 22.38 -31.61
C ALA F 461 -15.92 23.23 -32.77
N GLY F 462 -16.27 22.58 -33.89
CA GLY F 462 -16.85 23.23 -35.02
C GLY F 462 -18.34 23.22 -34.81
N ASN F 463 -19.08 23.42 -35.89
CA ASN F 463 -20.49 23.79 -35.83
C ASN F 463 -21.43 22.69 -35.49
N GLN F 464 -20.89 21.48 -35.54
CA GLN F 464 -21.70 20.32 -35.18
C GLN F 464 -21.29 19.68 -33.84
N GLY F 465 -20.31 20.27 -33.16
CA GLY F 465 -19.88 19.65 -31.96
C GLY F 465 -18.61 18.86 -32.20
N PHE F 466 -18.22 18.11 -31.18
CA PHE F 466 -16.98 17.36 -31.14
C PHE F 466 -17.07 16.37 -30.00
N GLU F 467 -17.02 15.09 -30.37
CA GLU F 467 -17.04 13.99 -29.46
C GLU F 467 -15.76 13.18 -29.62
N TYR F 468 -15.15 12.81 -28.49
CA TYR F 468 -13.89 12.11 -28.56
C TYR F 468 -13.85 11.13 -27.39
N PHE F 469 -12.98 10.14 -27.54
CA PHE F 469 -12.65 9.27 -26.45
C PHE F 469 -11.15 9.47 -26.36
N ALA F 470 -10.67 9.76 -25.15
CA ALA F 470 -9.19 9.87 -24.96
C ALA F 470 -8.68 8.72 -24.08
N PHE F 471 -7.54 8.18 -24.47
CA PHE F 471 -6.92 7.07 -23.76
C PHE F 471 -5.66 7.69 -23.16
N LYS F 472 -5.52 7.60 -21.84
CA LYS F 472 -4.38 8.27 -21.18
C LYS F 472 -3.46 7.24 -20.54
N THR F 473 -2.17 7.37 -20.77
CA THR F 473 -1.20 6.31 -20.47
C THR F 473 -0.60 6.39 -19.04
N GLU F 474 -1.36 6.91 -18.08
CA GLU F 474 -0.88 6.83 -16.72
C GLU F 474 -2.12 6.66 -15.86
N GLU F 475 -1.96 6.03 -14.70
CA GLU F 475 -2.93 6.02 -13.60
C GLU F 475 -3.35 7.40 -13.11
N ASN F 476 -4.63 7.62 -12.84
CA ASN F 476 -5.13 8.93 -12.42
C ASN F 476 -4.50 10.04 -13.27
N ALA F 477 -4.77 10.04 -14.57
CA ALA F 477 -4.16 11.05 -15.48
C ALA F 477 -4.72 12.40 -15.17
N PHE F 478 -3.89 13.44 -15.23
CA PHE F 478 -4.50 14.79 -15.11
C PHE F 478 -3.85 15.88 -15.94
N ILE F 479 -4.61 16.96 -16.10
CA ILE F 479 -4.17 18.13 -16.84
C ILE F 479 -4.05 19.34 -15.91
N ASN F 480 -3.22 20.27 -16.34
CA ASN F 480 -3.22 21.63 -15.84
C ASN F 480 -3.77 22.57 -16.95
N THR F 481 -4.93 23.17 -16.74
CA THR F 481 -5.41 24.24 -17.63
C THR F 481 -4.67 25.61 -17.63
N LEU F 482 -4.91 26.37 -18.68
CA LEU F 482 -4.17 27.59 -18.89
C LEU F 482 -5.13 28.74 -18.94
N ALA F 483 -6.41 28.45 -18.72
CA ALA F 483 -7.52 29.40 -18.70
C ALA F 483 -8.70 28.86 -17.89
N GLY F 484 -9.48 29.75 -17.30
CA GLY F 484 -10.66 29.32 -16.54
C GLY F 484 -10.46 29.27 -15.01
N ARG F 485 -11.50 28.91 -14.28
CA ARG F 485 -11.47 29.00 -12.83
C ARG F 485 -10.39 28.21 -12.06
N THR F 486 -9.68 27.31 -12.72
CA THR F 486 -8.72 26.43 -12.04
C THR F 486 -7.46 26.45 -12.85
N SER F 487 -7.23 27.51 -13.59
CA SER F 487 -6.00 27.67 -14.33
C SER F 487 -4.74 28.02 -13.54
N PHE F 488 -3.63 27.70 -14.15
CA PHE F 488 -2.33 28.14 -13.77
C PHE F 488 -2.23 29.64 -13.47
N LEU F 489 -2.73 30.49 -14.39
CA LEU F 489 -2.59 31.96 -14.30
C LEU F 489 -3.19 32.44 -13.00
N ARG F 490 -4.32 31.88 -12.67
CA ARG F 490 -5.04 32.11 -11.43
C ARG F 490 -4.37 31.74 -10.07
N ALA F 491 -3.29 30.94 -10.11
CA ALA F 491 -2.49 30.54 -8.92
C ALA F 491 -1.28 31.44 -8.73
N LEU F 492 -1.00 32.24 -9.75
CA LEU F 492 0.12 33.18 -9.75
C LEU F 492 -0.31 34.51 -9.08
N PRO F 493 0.59 35.13 -8.29
CA PRO F 493 0.32 36.47 -7.78
C PRO F 493 0.21 37.47 -8.94
N ASP F 494 -0.88 38.28 -8.93
CA ASP F 494 -1.12 39.42 -9.86
C ASP F 494 0.22 40.00 -10.29
N GLU F 495 1.03 40.37 -9.33
CA GLU F 495 2.27 41.02 -9.71
C GLU F 495 3.23 40.09 -10.45
N VAL F 496 3.20 38.77 -10.20
CA VAL F 496 4.08 37.93 -11.03
C VAL F 496 3.54 37.82 -12.47
N LEU F 497 2.20 37.81 -12.60
CA LEU F 497 1.53 37.92 -13.90
C LEU F 497 1.98 39.17 -14.67
N ALA F 498 1.74 40.32 -14.04
CA ALA F 498 2.16 41.62 -14.59
C ALA F 498 3.65 41.71 -14.99
N ASN F 499 4.56 41.11 -14.24
CA ASN F 499 5.98 41.21 -14.59
C ASN F 499 6.41 40.21 -15.64
N ALA F 500 5.87 39.00 -15.49
CA ALA F 500 6.07 37.93 -16.43
C ALA F 500 5.53 38.35 -17.80
N TYR F 501 4.32 38.88 -17.88
CA TYR F 501 3.75 39.20 -19.20
C TYR F 501 3.85 40.68 -19.71
N GLN F 502 4.63 41.49 -18.97
CA GLN F 502 4.73 42.96 -19.10
C GLN F 502 3.37 43.63 -19.30
N ILE F 503 2.52 43.62 -18.27
CA ILE F 503 1.11 44.01 -18.40
C ILE F 503 0.63 44.76 -17.15
N SER F 504 -0.53 45.38 -17.22
CA SER F 504 -1.01 46.10 -16.06
C SER F 504 -1.59 45.14 -15.05
N ARG F 505 -1.60 45.56 -13.79
CA ARG F 505 -2.45 45.01 -12.76
C ARG F 505 -3.92 44.77 -13.19
N GLU F 506 -4.48 45.61 -14.05
CA GLU F 506 -5.87 45.35 -14.44
C GLU F 506 -5.92 44.18 -15.45
N GLN F 507 -4.97 44.17 -16.37
CA GLN F 507 -4.85 43.14 -17.39
C GLN F 507 -4.69 41.73 -16.81
N ALA F 508 -3.78 41.64 -15.84
CA ALA F 508 -3.51 40.44 -15.09
C ALA F 508 -4.80 40.00 -14.44
N ARG F 509 -5.61 40.92 -13.93
CA ARG F 509 -6.84 40.52 -13.25
C ARG F 509 -7.88 40.03 -14.27
N GLN F 510 -7.63 40.34 -15.53
CA GLN F 510 -8.54 39.90 -16.58
C GLN F 510 -8.18 38.48 -17.01
N LEU F 511 -6.94 38.30 -17.44
CA LEU F 511 -6.33 36.98 -17.48
C LEU F 511 -6.87 35.98 -16.46
N LYS F 512 -6.85 36.32 -15.17
CA LYS F 512 -7.31 35.40 -14.14
C LYS F 512 -8.81 35.18 -14.20
N TYR F 513 -9.56 36.26 -14.31
CA TYR F 513 -11.00 36.17 -13.94
C TYR F 513 -12.02 36.40 -15.07
N ASN F 514 -11.53 36.83 -16.22
CA ASN F 514 -12.39 37.03 -17.39
C ASN F 514 -13.13 35.76 -17.83
N ARG F 515 -12.39 34.65 -18.02
CA ARG F 515 -13.04 33.36 -18.21
C ARG F 515 -13.60 32.79 -16.90
N GLN F 516 -14.92 32.62 -16.80
CA GLN F 516 -15.52 32.11 -15.57
C GLN F 516 -16.06 30.66 -15.60
N GLU F 517 -15.45 29.80 -16.41
CA GLU F 517 -15.76 28.38 -16.41
C GLU F 517 -14.44 27.66 -16.13
N THR F 518 -14.49 26.35 -15.91
CA THR F 518 -13.27 25.62 -15.55
C THR F 518 -12.56 24.96 -16.74
N ILE F 519 -13.18 23.99 -17.40
CA ILE F 519 -12.47 23.22 -18.47
C ILE F 519 -13.15 23.33 -19.86
N ALA F 520 -14.47 23.16 -19.82
CA ALA F 520 -15.31 23.28 -20.97
C ALA F 520 -15.76 24.75 -21.09
N LEU F 521 -15.08 25.52 -21.94
CA LEU F 521 -15.38 26.95 -22.19
C LEU F 521 -16.36 27.21 -23.38
N SER F 522 -17.42 27.96 -23.14
CA SER F 522 -18.25 28.45 -24.27
C SER F 522 -17.58 29.56 -25.10
N SER F 523 -17.83 29.57 -26.40
CA SER F 523 -17.62 30.76 -27.23
C SER F 523 -18.58 31.86 -26.72
#